data_3MML
#
_entry.id   3MML
#
_cell.length_a   77.483
_cell.length_b   84.239
_cell.length_c   402.075
_cell.angle_alpha   90.000
_cell.angle_beta   90.000
_cell.angle_gamma   90.000
#
_symmetry.space_group_name_H-M   'P 21 21 21'
#
loop_
_entity.id
_entity.type
_entity.pdbx_description
1 polymer 'Allophanate hydrolase subunit 2'
2 polymer 'Allophanate hydrolase subunit 1'
3 non-polymer 'CHLORIDE ION'
4 water water
#
loop_
_entity_poly.entity_id
_entity_poly.type
_entity_poly.pdbx_seq_one_letter_code
_entity_poly.pdbx_strand_id
1 'polypeptide(L)'
;(MSE)GTTLEVLRTGPLALVEDLGRPGLAH(MSE)GVTRSGAADRRSHTLANRLVANPGESATIEVTFGGFSARVCGGDV
AIAVTGADTDPAVNGIPFGTNSIHHVHDGQVISLGAPHSGLRSYLAVRGGIDVTPVLGSRSYDV(MSE)SAIGPSPLRPG
DVLPVGEHTDEFPELDQAPVAAIAEDVVELQVVPGPRDDWFVDPDILVRTNWLVTNRSDRVG(MSE)RLVG(MSE)PLEY
RNPDRQLPSEGATRGAIQVPPNGFPVILGPDHPVTGGYPVIGVVTEEDIDKLGQVRPGQTVRLHWAYPRRPFETLESGKE
TAAAKFERQH(MSE)DSSTSAA
;
A,C,E,G
2 'polypeptide(L)'
;(MSE)GSSHHHHHHENLYFQGGSTLGTVHNYGDQALLLEFDSTAEVLAWTETLREAELLGVVDIVPAARTVLVKLAGPRY
QAPTRQRLGKLRVRPEAITHQPPGDRVDVTIDVVYDGADLHEVASLTG(MSE)TPAQVIAAHTGTPWRVGFCGFAPGFAY
LVDGDARLQVPRRAEPRTSVPAGAVALAGEFSGVYPRQSPGGWQLIGHTDAV(MSE)FDVNRDKPALLTPG(MSE)WVQF
RAVG
;
B,D,F,H
#
# COMPACT_ATOMS: atom_id res chain seq x y z
N GLY A 2 -37.42 37.75 57.29
CA GLY A 2 -36.49 38.79 56.87
C GLY A 2 -36.28 38.81 55.37
N THR A 3 -35.32 39.65 54.93
CA THR A 3 -34.95 39.82 53.55
C THR A 3 -33.86 38.83 53.16
N THR A 4 -34.00 38.23 51.97
CA THR A 4 -33.04 37.26 51.47
C THR A 4 -32.72 37.50 50.00
N LEU A 5 -31.62 36.88 49.51
CA LEU A 5 -31.28 36.88 48.11
C LEU A 5 -31.32 35.41 47.68
N GLU A 6 -32.15 35.07 46.71
CA GLU A 6 -32.20 33.71 46.20
C GLU A 6 -31.32 33.62 44.95
N VAL A 7 -30.28 32.78 44.98
CA VAL A 7 -29.34 32.59 43.87
C VAL A 7 -30.06 31.86 42.72
N LEU A 8 -30.10 32.51 41.54
CA LEU A 8 -30.75 31.92 40.36
C LEU A 8 -29.70 31.25 39.42
N ARG A 9 -28.53 31.82 39.36
CA ARG A 9 -27.43 31.43 38.45
C ARG A 9 -26.17 31.99 39.09
N THR A 10 -25.04 31.27 38.99
CA THR A 10 -23.79 31.70 39.65
C THR A 10 -22.66 32.23 38.79
N GLY A 11 -22.54 31.68 37.58
CA GLY A 11 -21.38 31.93 36.75
C GLY A 11 -20.31 30.90 37.16
N PRO A 12 -19.08 30.96 36.59
CA PRO A 12 -18.05 29.95 36.95
C PRO A 12 -17.80 29.68 38.45
N LEU A 13 -17.88 30.73 39.30
CA LEU A 13 -17.62 30.57 40.73
C LEU A 13 -18.06 31.78 41.53
N ALA A 14 -19.02 31.59 42.39
CA ALA A 14 -19.55 32.63 43.26
C ALA A 14 -19.36 32.19 44.70
N LEU A 15 -18.56 32.95 45.43
CA LEU A 15 -18.18 32.67 46.82
C LEU A 15 -18.55 33.79 47.78
N VAL A 16 -18.90 33.40 49.02
CA VAL A 16 -19.14 34.38 50.07
C VAL A 16 -17.72 34.75 50.58
N GLU A 17 -17.44 36.04 50.63
CA GLU A 17 -16.14 36.50 51.05
C GLU A 17 -16.20 37.72 51.96
N ASP A 18 -15.20 37.85 52.82
CA ASP A 18 -15.06 39.02 53.66
C ASP A 18 -13.56 39.35 53.85
N LEU A 19 -13.19 39.93 54.98
CA LEU A 19 -11.80 40.28 55.23
C LEU A 19 -10.96 39.12 55.73
N GLY A 20 -11.59 37.97 55.91
CA GLY A 20 -10.93 36.72 56.24
C GLY A 20 -10.88 36.41 57.71
N ARG A 21 -10.16 35.34 58.05
CA ARG A 21 -9.95 34.86 59.41
C ARG A 21 -8.46 35.00 59.79
N PRO A 22 -8.00 36.24 60.11
CA PRO A 22 -6.56 36.41 60.44
C PRO A 22 -6.20 35.83 61.81
N GLY A 23 -4.91 35.68 62.05
CA GLY A 23 -4.38 35.25 63.34
C GLY A 23 -4.53 33.80 63.72
N LEU A 24 -4.78 32.91 62.72
CA LEU A 24 -5.04 31.50 62.97
C LEU A 24 -3.96 30.52 62.58
N ALA A 25 -2.74 31.00 62.30
CA ALA A 25 -1.58 30.14 61.99
C ALA A 25 -1.35 29.08 63.08
N HIS A 26 -1.60 29.42 64.34
CA HIS A 26 -1.44 28.50 65.46
C HIS A 26 -2.36 27.25 65.34
N GLY A 28 -3.13 26.21 61.89
CA GLY A 28 -2.83 25.92 60.50
C GLY A 28 -3.85 26.45 59.53
N VAL A 29 -4.62 27.44 59.94
CA VAL A 29 -5.69 28.03 59.13
C VAL A 29 -5.23 29.37 58.50
N THR A 30 -5.37 29.48 57.18
CA THR A 30 -5.04 30.68 56.41
C THR A 30 -6.15 31.71 56.53
N ARG A 31 -5.81 32.99 56.32
CA ARG A 31 -6.68 34.14 56.46
C ARG A 31 -7.81 34.11 55.48
N SER A 32 -7.53 33.71 54.19
CA SER A 32 -8.56 33.63 53.12
C SER A 32 -9.12 35.05 52.84
N GLY A 33 -10.40 35.16 52.54
CA GLY A 33 -11.04 36.45 52.27
C GLY A 33 -11.04 36.90 50.82
N ALA A 34 -11.58 38.08 50.58
CA ALA A 34 -11.69 38.62 49.22
C ALA A 34 -10.32 38.64 48.52
N ALA A 35 -10.25 38.15 47.29
CA ALA A 35 -9.02 38.15 46.50
C ALA A 35 -8.61 39.62 46.14
N ASP A 36 -9.61 40.50 46.00
CA ASP A 36 -9.36 41.91 45.74
C ASP A 36 -10.02 42.68 46.89
N ARG A 37 -9.25 42.92 47.96
CA ARG A 37 -9.71 43.59 49.19
C ARG A 37 -10.21 45.02 48.98
N ARG A 38 -9.56 45.80 48.12
CA ARG A 38 -9.97 47.19 47.82
C ARG A 38 -11.36 47.23 47.24
N SER A 39 -11.65 46.39 46.21
CA SER A 39 -13.00 46.36 45.59
C SER A 39 -14.09 45.90 46.59
N HIS A 40 -13.77 44.86 47.40
CA HIS A 40 -14.65 44.32 48.42
C HIS A 40 -15.02 45.39 49.43
N THR A 41 -14.00 46.12 49.96
CA THR A 41 -14.23 47.19 50.93
C THR A 41 -14.97 48.34 50.31
N LEU A 42 -14.68 48.62 49.03
CA LEU A 42 -15.40 49.65 48.29
C LEU A 42 -16.90 49.32 48.20
N ALA A 43 -17.22 48.08 47.82
CA ALA A 43 -18.63 47.65 47.70
C ALA A 43 -19.37 47.84 49.04
N ASN A 44 -18.72 47.48 50.18
CA ASN A 44 -19.29 47.69 51.51
C ASN A 44 -19.46 49.15 51.87
N ARG A 45 -18.47 50.00 51.58
CA ARG A 45 -18.57 51.44 51.89
C ARG A 45 -19.70 52.11 51.14
N LEU A 46 -19.90 51.75 49.85
CA LEU A 46 -20.98 52.31 49.02
C LEU A 46 -22.38 52.08 49.62
N VAL A 47 -22.56 50.95 50.32
CA VAL A 47 -23.85 50.57 50.93
C VAL A 47 -23.83 50.93 52.39
N ALA A 48 -22.74 51.58 52.85
CA ALA A 48 -22.53 52.02 54.26
C ALA A 48 -22.50 50.83 55.24
N ASN A 49 -21.88 49.76 54.80
CA ASN A 49 -21.70 48.59 55.65
C ASN A 49 -20.40 48.75 56.38
N PRO A 50 -20.22 48.14 57.56
CA PRO A 50 -18.83 48.07 58.12
C PRO A 50 -17.94 47.22 57.16
N GLY A 51 -16.62 47.41 57.24
CA GLY A 51 -15.66 46.70 56.40
C GLY A 51 -15.70 45.18 56.51
N GLU A 52 -16.09 44.64 57.70
CA GLU A 52 -16.24 43.21 58.01
C GLU A 52 -17.42 42.50 57.30
N SER A 53 -18.44 43.23 56.76
CA SER A 53 -19.59 42.59 56.11
C SER A 53 -19.17 41.77 54.90
N ALA A 54 -19.79 40.59 54.75
CA ALA A 54 -19.52 39.71 53.65
C ALA A 54 -20.22 40.17 52.39
N THR A 55 -19.55 39.96 51.25
CA THR A 55 -20.05 40.27 49.92
C THR A 55 -20.02 38.93 49.19
N ILE A 56 -20.46 38.95 47.92
CA ILE A 56 -20.35 37.80 47.06
C ILE A 56 -19.28 38.15 46.03
N GLU A 57 -18.21 37.33 46.00
CA GLU A 57 -17.11 37.43 45.05
C GLU A 57 -17.54 36.57 43.87
N VAL A 58 -17.71 37.21 42.71
CA VAL A 58 -18.18 36.57 41.47
C VAL A 58 -17.00 36.51 40.49
N THR A 59 -16.75 35.34 39.89
CA THR A 59 -15.64 35.11 38.96
C THR A 59 -16.18 35.02 37.53
N PHE A 60 -15.64 35.85 36.60
CA PHE A 60 -16.11 35.91 35.20
C PHE A 60 -17.58 36.38 35.03
N GLY A 61 -18.16 37.01 36.05
CA GLY A 61 -19.54 37.50 36.02
C GLY A 61 -20.55 36.37 35.98
N GLY A 62 -21.74 36.66 35.48
CA GLY A 62 -22.80 35.68 35.30
C GLY A 62 -23.66 35.27 36.47
N PHE A 63 -23.53 35.97 37.58
CA PHE A 63 -24.27 35.76 38.81
C PHE A 63 -25.61 36.51 38.77
N SER A 64 -26.68 35.81 39.18
CA SER A 64 -28.05 36.31 39.29
C SER A 64 -28.70 35.93 40.63
N ALA A 65 -29.42 36.87 41.22
CA ALA A 65 -30.13 36.64 42.49
C ALA A 65 -31.40 37.44 42.51
N ARG A 66 -32.45 36.84 43.06
CA ARG A 66 -33.75 37.47 43.26
C ARG A 66 -33.87 37.91 44.70
N VAL A 67 -34.37 39.15 44.88
CA VAL A 67 -34.64 39.75 46.19
C VAL A 67 -35.99 39.31 46.70
N CYS A 68 -36.06 38.89 47.96
CA CYS A 68 -37.33 38.44 48.58
C CYS A 68 -37.47 38.98 49.97
N GLY A 69 -38.69 39.37 50.30
CA GLY A 69 -39.08 39.78 51.65
C GLY A 69 -38.95 41.24 52.01
N GLY A 70 -38.47 42.04 51.08
CA GLY A 70 -38.29 43.46 51.30
C GLY A 70 -37.36 44.08 50.29
N ASP A 71 -37.08 45.37 50.44
CA ASP A 71 -36.18 46.12 49.58
C ASP A 71 -34.72 46.06 50.08
N VAL A 72 -33.76 46.17 49.15
CA VAL A 72 -32.33 46.15 49.49
C VAL A 72 -31.57 47.26 48.81
N ALA A 73 -30.46 47.64 49.41
CA ALA A 73 -29.47 48.58 48.84
C ALA A 73 -28.25 47.71 48.50
N ILE A 74 -27.81 47.76 47.25
CA ILE A 74 -26.67 46.96 46.77
C ILE A 74 -25.63 47.86 46.06
N ALA A 75 -24.45 47.28 45.81
CA ALA A 75 -23.38 47.89 45.01
C ALA A 75 -22.57 46.76 44.43
N VAL A 76 -22.09 46.96 43.20
CA VAL A 76 -21.22 45.98 42.50
C VAL A 76 -19.92 46.71 42.16
N THR A 77 -18.82 46.15 42.61
CA THR A 77 -17.48 46.73 42.36
C THR A 77 -16.57 45.66 41.74
N GLY A 78 -15.33 46.06 41.38
CA GLY A 78 -14.35 45.17 40.75
C GLY A 78 -14.53 45.17 39.23
N ALA A 79 -14.44 44.00 38.61
CA ALA A 79 -14.63 43.89 37.17
C ALA A 79 -16.04 44.40 36.77
N ASP A 80 -16.07 45.24 35.74
CA ASP A 80 -17.32 45.83 35.25
C ASP A 80 -18.07 44.80 34.41
N THR A 81 -19.20 44.32 34.93
CA THR A 81 -20.06 43.30 34.35
C THR A 81 -21.37 43.90 33.85
N ASP A 82 -21.48 45.23 33.77
CA ASP A 82 -22.71 45.91 33.33
C ASP A 82 -23.91 45.38 34.16
N PRO A 83 -23.88 45.49 35.50
CA PRO A 83 -24.97 44.89 36.30
C PRO A 83 -26.34 45.49 36.00
N ALA A 84 -27.37 44.69 36.16
CA ALA A 84 -28.72 45.04 35.80
C ALA A 84 -29.75 44.57 36.82
N VAL A 85 -30.91 45.25 36.85
CA VAL A 85 -32.09 44.90 37.63
C VAL A 85 -33.20 44.70 36.60
N ASN A 86 -33.71 43.46 36.53
CA ASN A 86 -34.72 43.05 35.55
C ASN A 86 -34.27 43.43 34.13
N GLY A 87 -33.00 43.15 33.81
CA GLY A 87 -32.39 43.47 32.51
C GLY A 87 -31.97 44.91 32.28
N ILE A 88 -32.36 45.87 33.14
CA ILE A 88 -31.99 47.28 32.96
C ILE A 88 -30.71 47.62 33.72
N PRO A 89 -29.65 48.07 33.00
CA PRO A 89 -28.36 48.35 33.67
C PRO A 89 -28.37 49.50 34.63
N PHE A 90 -27.53 49.42 35.68
CA PHE A 90 -27.43 50.45 36.70
C PHE A 90 -26.02 50.99 36.99
N GLY A 91 -24.97 50.36 36.46
CA GLY A 91 -23.64 50.90 36.71
C GLY A 91 -22.86 50.30 37.86
N THR A 92 -21.59 49.94 37.59
CA THR A 92 -20.65 49.41 38.59
C THR A 92 -20.25 50.59 39.48
N ASN A 93 -19.85 50.34 40.75
CA ASN A 93 -19.39 51.34 41.72
C ASN A 93 -20.45 52.35 42.09
N SER A 94 -21.73 51.95 42.11
CA SER A 94 -22.79 52.85 42.53
C SER A 94 -23.79 52.13 43.37
N ILE A 95 -24.30 52.80 44.42
CA ILE A 95 -25.34 52.22 45.25
C ILE A 95 -26.63 52.10 44.39
N HIS A 96 -27.32 50.96 44.49
CA HIS A 96 -28.55 50.75 43.77
C HIS A 96 -29.59 50.13 44.68
N HIS A 97 -30.85 50.57 44.55
CA HIS A 97 -32.00 50.15 45.36
C HIS A 97 -32.87 49.18 44.57
N VAL A 98 -33.06 48.02 45.15
CA VAL A 98 -33.79 46.91 44.52
C VAL A 98 -35.02 46.59 45.33
N HIS A 99 -36.14 46.35 44.64
CA HIS A 99 -37.41 46.03 45.31
C HIS A 99 -37.59 44.53 45.42
N ASP A 100 -38.43 44.14 46.36
CA ASP A 100 -38.87 42.78 46.60
C ASP A 100 -39.38 42.16 45.28
N GLY A 101 -38.82 41.00 44.90
CA GLY A 101 -39.21 40.29 43.67
C GLY A 101 -38.33 40.57 42.46
N GLN A 102 -37.49 41.63 42.52
CA GLN A 102 -36.65 41.97 41.36
C GLN A 102 -35.38 41.10 41.27
N VAL A 103 -34.84 41.00 40.06
CA VAL A 103 -33.66 40.18 39.82
C VAL A 103 -32.41 41.05 39.56
N ILE A 104 -31.37 40.85 40.40
CA ILE A 104 -30.07 41.50 40.24
C ILE A 104 -29.31 40.52 39.34
N SER A 105 -28.70 41.03 38.29
CA SER A 105 -27.99 40.19 37.32
C SER A 105 -26.67 40.79 36.90
N LEU A 106 -25.57 40.06 37.08
CA LEU A 106 -24.29 40.59 36.58
C LEU A 106 -23.98 39.93 35.24
N GLY A 107 -23.49 40.73 34.29
CA GLY A 107 -23.07 40.26 32.99
C GLY A 107 -21.65 39.71 33.01
N ALA A 108 -20.94 39.83 31.89
CA ALA A 108 -19.60 39.27 31.81
C ALA A 108 -18.58 40.36 31.56
N PRO A 109 -17.50 40.42 32.34
CA PRO A 109 -16.52 41.49 32.12
C PRO A 109 -15.56 41.21 30.95
N HIS A 110 -14.99 42.26 30.35
CA HIS A 110 -13.95 42.01 29.33
C HIS A 110 -12.56 42.27 29.96
N SER A 111 -12.56 43.09 31.00
CA SER A 111 -11.40 43.54 31.71
C SER A 111 -11.60 43.21 33.20
N GLY A 112 -10.61 42.60 33.83
CA GLY A 112 -10.75 42.15 35.22
C GLY A 112 -11.44 40.81 35.30
N LEU A 113 -11.48 40.24 36.49
CA LEU A 113 -12.00 38.88 36.70
C LEU A 113 -13.07 38.73 37.79
N ARG A 114 -12.89 39.45 38.90
CA ARG A 114 -13.72 39.35 40.09
C ARG A 114 -14.51 40.61 40.38
N SER A 115 -15.78 40.39 40.69
CA SER A 115 -16.75 41.44 41.01
C SER A 115 -17.27 41.16 42.39
N TYR A 116 -17.65 42.21 43.10
CA TYR A 116 -18.12 42.10 44.48
C TYR A 116 -19.49 42.67 44.60
N LEU A 117 -20.43 41.82 45.01
CA LEU A 117 -21.80 42.25 45.22
C LEU A 117 -21.98 42.43 46.69
N ALA A 118 -22.20 43.69 47.11
CA ALA A 118 -22.48 44.00 48.50
C ALA A 118 -23.94 44.30 48.65
N VAL A 119 -24.47 44.04 49.82
CA VAL A 119 -25.85 44.34 50.15
C VAL A 119 -25.82 45.00 51.53
N ARG A 120 -26.60 46.05 51.72
CA ARG A 120 -26.68 46.74 53.00
C ARG A 120 -27.20 45.74 54.10
N GLY A 121 -26.40 45.54 55.14
CA GLY A 121 -26.65 44.58 56.21
C GLY A 121 -25.71 43.39 56.09
N GLY A 122 -25.14 43.21 54.87
CA GLY A 122 -24.22 42.13 54.53
C GLY A 122 -24.90 40.80 54.30
N ILE A 123 -24.19 39.87 53.68
CA ILE A 123 -24.60 38.49 53.43
C ILE A 123 -24.44 37.81 54.79
N ASP A 124 -25.55 37.62 55.46
CA ASP A 124 -25.62 37.11 56.82
C ASP A 124 -25.63 35.57 56.95
N VAL A 125 -24.71 34.89 56.26
CA VAL A 125 -24.55 33.42 56.40
C VAL A 125 -23.80 33.14 57.73
N THR A 126 -23.83 31.92 58.21
CA THR A 126 -23.15 31.59 59.46
C THR A 126 -21.60 31.71 59.36
N PRO A 127 -20.94 32.46 60.27
CA PRO A 127 -19.47 32.52 60.25
C PRO A 127 -18.83 31.19 60.67
N VAL A 128 -17.65 30.89 60.14
CA VAL A 128 -16.89 29.68 60.42
C VAL A 128 -15.49 30.18 60.79
N LEU A 129 -15.07 29.89 62.04
CA LEU A 129 -13.83 30.34 62.67
C LEU A 129 -13.74 31.89 62.58
N GLY A 130 -14.86 32.55 62.91
CA GLY A 130 -15.03 34.00 62.95
C GLY A 130 -15.06 34.71 61.61
N SER A 131 -15.22 33.96 60.50
CA SER A 131 -15.26 34.57 59.16
C SER A 131 -16.30 33.93 58.27
N ARG A 132 -16.88 34.73 57.38
CA ARG A 132 -17.85 34.26 56.38
C ARG A 132 -17.17 33.97 55.03
N SER A 133 -15.84 33.98 54.99
CA SER A 133 -15.03 33.68 53.82
C SER A 133 -14.92 32.17 53.57
N TYR A 134 -15.06 31.79 52.29
CA TYR A 134 -14.86 30.43 51.85
C TYR A 134 -13.38 30.27 51.38
N ASP A 135 -12.71 29.26 51.92
CA ASP A 135 -11.32 28.94 51.62
C ASP A 135 -11.35 27.70 50.73
N VAL A 136 -11.03 27.93 49.48
CA VAL A 136 -11.08 26.99 48.34
C VAL A 136 -10.16 25.76 48.51
N SER A 138 -8.85 24.54 51.85
CA SER A 138 -9.27 23.72 52.99
C SER A 138 -10.79 23.47 53.00
N ALA A 139 -11.54 24.18 52.13
CA ALA A 139 -13.00 24.09 52.07
C ALA A 139 -13.64 24.53 53.41
N ILE A 140 -12.99 25.47 54.10
CA ILE A 140 -13.50 26.08 55.33
C ILE A 140 -14.33 27.32 54.91
N GLY A 141 -15.54 27.42 55.43
CA GLY A 141 -16.41 28.57 55.21
C GLY A 141 -17.71 28.20 54.53
N PRO A 142 -18.56 29.21 54.25
CA PRO A 142 -19.82 28.94 53.53
C PRO A 142 -19.49 28.34 52.15
N SER A 143 -20.16 27.25 51.79
CA SER A 143 -19.90 26.53 50.53
C SER A 143 -20.02 27.40 49.29
N PRO A 144 -19.30 27.07 48.19
CA PRO A 144 -19.50 27.82 46.94
C PRO A 144 -20.98 27.84 46.57
N LEU A 145 -21.49 29.01 46.18
CA LEU A 145 -22.89 29.21 45.86
C LEU A 145 -23.41 28.36 44.72
N ARG A 146 -24.69 27.93 44.83
CA ARG A 146 -25.37 27.09 43.87
C ARG A 146 -26.72 27.72 43.59
N PRO A 147 -27.32 27.48 42.39
CA PRO A 147 -28.72 27.92 42.16
C PRO A 147 -29.63 27.30 43.23
N GLY A 148 -30.52 28.10 43.78
CA GLY A 148 -31.44 27.65 44.83
C GLY A 148 -31.04 28.13 46.22
N ASP A 149 -29.76 28.52 46.41
CA ASP A 149 -29.27 29.01 47.70
C ASP A 149 -29.97 30.30 48.07
N VAL A 150 -30.37 30.39 49.34
CA VAL A 150 -31.08 31.52 49.90
C VAL A 150 -30.13 32.16 50.89
N LEU A 151 -29.71 33.36 50.59
CA LEU A 151 -28.74 34.11 51.39
C LEU A 151 -29.43 35.16 52.24
N PRO A 152 -29.31 35.11 53.58
CA PRO A 152 -30.00 36.13 54.40
C PRO A 152 -29.27 37.47 54.33
N VAL A 153 -30.04 38.56 54.42
CA VAL A 153 -29.51 39.92 54.48
C VAL A 153 -29.51 40.31 55.95
N GLY A 154 -28.37 40.74 56.47
CA GLY A 154 -28.26 41.16 57.86
C GLY A 154 -29.08 42.39 58.24
N GLU A 155 -29.27 42.56 59.54
CA GLU A 155 -29.98 43.71 60.09
C GLU A 155 -29.17 44.98 59.82
N HIS A 156 -29.87 46.09 59.58
CA HIS A 156 -29.24 47.38 59.32
C HIS A 156 -30.18 48.52 59.63
N THR A 157 -29.63 49.71 59.87
CA THR A 157 -30.36 50.97 60.09
C THR A 157 -30.62 51.60 58.69
N ASP A 158 -31.34 52.74 58.62
CA ASP A 158 -31.58 53.38 57.32
C ASP A 158 -31.08 54.80 57.17
N GLU A 159 -29.75 54.91 57.07
CA GLU A 159 -28.97 56.15 56.94
C GLU A 159 -28.78 56.66 55.49
N PHE A 160 -29.43 57.79 55.24
CA PHE A 160 -29.49 58.54 54.01
C PHE A 160 -29.14 60.03 54.33
N PRO A 161 -28.40 60.77 53.45
CA PRO A 161 -27.90 60.38 52.12
C PRO A 161 -26.79 59.31 52.08
N GLU A 162 -26.41 58.95 50.84
CA GLU A 162 -25.38 57.98 50.49
C GLU A 162 -24.08 58.76 50.25
N LEU A 163 -22.97 58.31 50.84
CA LEU A 163 -21.67 58.99 50.70
C LEU A 163 -21.00 58.70 49.36
N ASP A 164 -20.55 59.77 48.68
CA ASP A 164 -19.87 59.72 47.39
C ASP A 164 -18.44 59.24 47.61
N GLN A 165 -18.01 58.24 46.82
CA GLN A 165 -16.66 57.68 46.92
C GLN A 165 -15.73 58.15 45.79
N ALA A 166 -14.41 58.17 46.08
CA ALA A 166 -13.35 58.58 45.14
C ALA A 166 -13.38 57.70 43.86
N PRO A 167 -13.18 58.31 42.64
CA PRO A 167 -13.19 57.51 41.41
C PRO A 167 -12.21 56.32 41.43
N VAL A 168 -12.53 55.32 40.61
CA VAL A 168 -11.81 54.06 40.55
C VAL A 168 -10.95 54.00 39.27
N ALA A 169 -9.69 53.64 39.43
CA ALA A 169 -8.83 53.44 38.24
C ALA A 169 -9.27 52.15 37.50
N ALA A 170 -9.33 52.20 36.16
CA ALA A 170 -9.65 51.03 35.32
C ALA A 170 -8.62 49.89 35.55
N ILE A 171 -9.07 48.66 35.38
CA ILE A 171 -8.25 47.47 35.61
C ILE A 171 -7.41 47.26 34.37
N ALA A 172 -6.12 46.84 34.50
CA ALA A 172 -5.26 46.51 33.35
C ALA A 172 -5.95 45.48 32.40
N GLU A 173 -6.11 45.83 31.10
CA GLU A 173 -6.73 44.95 30.09
C GLU A 173 -5.81 43.85 29.56
N ASP A 174 -4.52 44.15 29.33
CA ASP A 174 -3.65 43.03 28.95
C ASP A 174 -2.45 42.91 29.82
N VAL A 175 -1.46 43.75 29.59
CA VAL A 175 -0.22 43.69 30.34
C VAL A 175 -0.44 44.34 31.73
N VAL A 176 -0.29 43.50 32.76
CA VAL A 176 -0.33 43.91 34.15
C VAL A 176 1.12 44.04 34.58
N GLU A 177 1.47 45.21 35.14
CA GLU A 177 2.79 45.53 35.66
C GLU A 177 2.70 45.47 37.19
N LEU A 178 3.53 44.62 37.83
CA LEU A 178 3.51 44.45 39.29
C LEU A 178 4.83 44.73 39.94
N GLN A 179 4.79 45.45 41.07
CA GLN A 179 5.97 45.81 41.87
C GLN A 179 6.20 44.71 42.86
N VAL A 180 7.47 44.31 42.97
CA VAL A 180 7.88 43.17 43.77
C VAL A 180 9.04 43.57 44.67
N VAL A 181 8.88 43.29 45.97
CA VAL A 181 9.97 43.47 46.92
C VAL A 181 10.89 42.22 46.76
N PRO A 182 12.18 42.41 46.40
CA PRO A 182 13.06 41.22 46.19
C PRO A 182 13.27 40.39 47.45
N GLY A 183 13.36 39.08 47.30
CA GLY A 183 13.64 38.19 48.43
C GLY A 183 12.41 37.63 49.13
N PRO A 184 12.63 36.82 50.19
CA PRO A 184 13.91 36.55 50.88
C PRO A 184 14.87 35.52 50.27
N ARG A 185 14.41 34.68 49.33
CA ARG A 185 15.22 33.59 48.75
C ARG A 185 15.66 33.81 47.32
N ASP A 186 15.87 35.07 46.89
CA ASP A 186 16.33 35.35 45.54
C ASP A 186 17.73 34.74 45.27
N ASP A 187 18.52 34.47 46.34
CA ASP A 187 19.87 33.88 46.29
C ASP A 187 19.81 32.39 45.84
N TRP A 188 18.61 31.78 45.85
CA TRP A 188 18.40 30.39 45.45
C TRP A 188 18.40 30.21 43.93
N PHE A 189 18.30 31.33 43.20
CA PHE A 189 18.16 31.35 41.74
C PHE A 189 19.42 31.81 41.02
N VAL A 190 19.75 31.10 39.90
CA VAL A 190 20.90 31.39 39.07
C VAL A 190 20.85 32.83 38.54
N ASP A 191 19.68 33.28 38.12
CA ASP A 191 19.54 34.61 37.55
C ASP A 191 18.20 35.16 38.04
N PRO A 192 18.07 35.61 39.32
CA PRO A 192 16.74 36.07 39.76
C PRO A 192 16.16 37.17 38.87
N ASP A 193 17.01 38.03 38.27
CA ASP A 193 16.64 39.13 37.38
C ASP A 193 15.83 38.72 36.15
N ILE A 194 15.89 37.43 35.76
CA ILE A 194 15.03 36.90 34.71
C ILE A 194 13.54 37.16 35.10
N LEU A 195 13.22 37.08 36.40
CA LEU A 195 11.87 37.31 36.88
C LEU A 195 11.28 38.64 36.37
N VAL A 196 12.11 39.68 36.30
CA VAL A 196 11.75 41.05 35.94
C VAL A 196 12.08 41.47 34.47
N ARG A 197 12.37 40.49 33.61
CA ARG A 197 12.71 40.67 32.19
C ARG A 197 11.87 39.71 31.28
N THR A 198 10.92 38.98 31.89
CA THR A 198 10.11 37.97 31.21
C THR A 198 8.63 38.36 31.12
N ASN A 199 7.98 38.01 29.99
CA ASN A 199 6.54 38.15 29.82
C ASN A 199 5.91 36.89 30.33
N TRP A 200 5.45 36.92 31.58
CA TRP A 200 4.85 35.75 32.16
C TRP A 200 3.42 35.62 31.72
N LEU A 201 3.00 34.41 31.36
CA LEU A 201 1.62 34.16 30.95
C LEU A 201 0.85 33.48 32.06
N VAL A 202 -0.40 33.94 32.28
CA VAL A 202 -1.27 33.38 33.30
C VAL A 202 -2.07 32.19 32.76
N THR A 203 -1.96 31.04 33.43
CA THR A 203 -2.68 29.86 33.01
C THR A 203 -4.04 29.77 33.67
N ASN A 204 -4.90 29.02 33.02
CA ASN A 204 -6.25 28.66 33.46
C ASN A 204 -6.23 27.81 34.75
N ARG A 205 -5.04 27.38 35.24
CA ARG A 205 -4.94 26.59 36.48
C ARG A 205 -4.87 27.49 37.72
N SER A 206 -4.81 28.81 37.49
CA SER A 206 -4.80 29.87 38.51
C SER A 206 -6.10 29.82 39.29
N ASP A 207 -6.02 30.10 40.59
CA ASP A 207 -7.19 30.10 41.46
C ASP A 207 -6.80 30.94 42.65
N ARG A 208 -7.60 30.94 43.71
CA ARG A 208 -7.35 31.70 44.92
C ARG A 208 -6.21 31.14 45.76
N VAL A 209 -5.70 29.93 45.40
CA VAL A 209 -4.54 29.36 46.10
C VAL A 209 -3.28 30.02 45.57
N GLY A 210 -3.19 30.13 44.22
CA GLY A 210 -2.09 30.76 43.55
C GLY A 210 -2.33 31.03 42.09
N ARG A 212 -0.78 30.81 38.55
CA ARG A 212 0.30 30.07 37.90
C ARG A 212 0.78 30.79 36.68
N LEU A 213 2.08 31.10 36.64
CA LEU A 213 2.72 31.79 35.53
C LEU A 213 3.60 30.83 34.77
N VAL A 214 3.70 31.02 33.44
CA VAL A 214 4.56 30.23 32.60
C VAL A 214 5.40 31.14 31.75
N GLY A 215 6.61 30.70 31.51
CA GLY A 215 7.61 31.33 30.68
C GLY A 215 8.90 30.57 30.85
N PRO A 217 11.75 28.97 32.41
CA PRO A 217 11.91 28.57 33.83
C PRO A 217 13.07 29.20 34.55
N LEU A 218 12.87 29.53 35.83
CA LEU A 218 13.89 30.06 36.73
C LEU A 218 14.71 28.84 37.23
N GLU A 219 16.00 28.79 36.91
CA GLU A 219 16.77 27.67 37.43
C GLU A 219 17.33 27.90 38.84
N TYR A 220 17.31 26.83 39.66
CA TYR A 220 17.88 26.85 41.02
C TYR A 220 19.41 26.73 40.91
N ARG A 221 20.15 27.33 41.86
CA ARG A 221 21.61 27.23 41.93
C ARG A 221 21.93 25.84 42.45
N ASN A 222 21.14 25.31 43.43
CA ASN A 222 21.28 23.94 43.97
C ASN A 222 19.93 23.25 43.83
N PRO A 223 19.69 22.56 42.68
CA PRO A 223 18.34 21.98 42.41
C PRO A 223 17.76 20.99 43.38
N ASP A 224 18.62 20.28 44.10
CA ASP A 224 18.17 19.26 45.05
C ASP A 224 18.01 19.82 46.46
N ARG A 225 18.34 21.12 46.67
CA ARG A 225 18.25 21.77 47.98
C ARG A 225 16.79 21.89 48.46
N GLN A 226 16.56 21.50 49.72
CA GLN A 226 15.23 21.55 50.32
C GLN A 226 15.16 22.67 51.32
N LEU A 227 14.12 23.50 51.17
CA LEU A 227 13.86 24.61 52.04
C LEU A 227 12.97 24.10 53.17
N PRO A 228 13.33 24.31 54.46
CA PRO A 228 12.39 23.99 55.55
C PRO A 228 11.14 24.87 55.39
N SER A 229 9.95 24.31 55.67
CA SER A 229 8.69 25.03 55.55
C SER A 229 8.71 26.37 56.27
N GLU A 230 8.15 27.40 55.62
CA GLU A 230 8.08 28.72 56.21
C GLU A 230 6.79 29.41 55.93
N GLY A 231 6.42 30.33 56.81
CA GLY A 231 5.22 31.15 56.65
C GLY A 231 5.22 31.90 55.33
N ALA A 232 4.06 31.98 54.74
CA ALA A 232 3.87 32.62 53.47
C ALA A 232 2.79 33.68 53.59
N THR A 233 2.67 34.54 52.57
CA THR A 233 1.63 35.57 52.54
C THR A 233 1.11 35.59 51.13
N ARG A 234 -0.07 36.19 50.93
CA ARG A 234 -0.54 36.35 49.59
C ARG A 234 0.37 37.38 48.90
N GLY A 235 0.56 37.21 47.61
CA GLY A 235 1.48 38.05 46.87
C GLY A 235 2.90 37.53 46.87
N ALA A 236 3.20 36.50 47.70
CA ALA A 236 4.54 35.92 47.68
C ALA A 236 4.72 35.12 46.41
N ILE A 237 5.87 35.29 45.77
CA ILE A 237 6.20 34.59 44.53
C ILE A 237 7.07 33.38 44.82
N GLN A 238 6.44 32.20 44.84
CA GLN A 238 7.11 30.90 45.07
C GLN A 238 7.67 30.42 43.77
N VAL A 239 8.82 29.73 43.83
CA VAL A 239 9.38 29.12 42.64
C VAL A 239 9.56 27.63 42.86
N PRO A 240 8.56 26.80 42.47
CA PRO A 240 8.69 25.34 42.61
C PRO A 240 9.84 24.80 41.74
N PRO A 241 10.25 23.50 41.92
CA PRO A 241 11.41 22.98 41.16
C PRO A 241 11.37 23.10 39.62
N ASN A 242 10.15 23.16 39.02
CA ASN A 242 9.97 23.30 37.56
C ASN A 242 10.33 24.71 37.06
N GLY A 243 10.49 25.66 37.98
CA GLY A 243 10.91 27.02 37.68
C GLY A 243 9.81 27.94 37.22
N PHE A 244 8.54 27.50 37.32
CA PHE A 244 7.37 28.32 36.93
C PHE A 244 6.84 29.01 38.16
N PRO A 245 6.94 30.36 38.23
CA PRO A 245 6.49 31.06 39.43
C PRO A 245 4.99 30.95 39.68
N VAL A 246 4.64 30.94 40.96
CA VAL A 246 3.28 30.91 41.45
C VAL A 246 3.19 32.11 42.38
N ILE A 247 2.22 33.00 42.16
CA ILE A 247 1.97 34.15 43.04
C ILE A 247 0.83 33.72 43.96
N LEU A 248 1.14 33.56 45.27
CA LEU A 248 0.15 33.07 46.25
C LEU A 248 -1.06 33.99 46.39
N GLY A 249 -2.23 33.37 46.44
CA GLY A 249 -3.48 34.09 46.60
C GLY A 249 -3.99 34.07 48.03
N PRO A 250 -5.26 34.50 48.27
CA PRO A 250 -5.76 34.53 49.67
C PRO A 250 -5.91 33.16 50.32
N ASP A 251 -6.05 32.10 49.52
CA ASP A 251 -6.27 30.75 50.03
C ASP A 251 -4.99 29.87 50.07
N HIS A 252 -3.81 30.49 49.99
CA HIS A 252 -2.50 29.82 50.11
C HIS A 252 -2.44 29.12 51.49
N PRO A 253 -1.83 27.94 51.68
CA PRO A 253 -1.68 27.44 53.07
C PRO A 253 -0.75 28.36 53.90
N VAL A 254 -0.89 28.33 55.26
CA VAL A 254 -0.10 29.18 56.16
C VAL A 254 1.39 29.10 55.95
N THR A 255 1.92 27.88 55.66
CA THR A 255 3.32 27.65 55.39
C THR A 255 3.47 26.97 54.03
N GLY A 256 4.63 27.17 53.43
CA GLY A 256 4.98 26.59 52.14
C GLY A 256 6.43 26.13 52.15
N GLY A 257 6.74 25.21 51.24
CA GLY A 257 8.10 24.65 51.14
C GLY A 257 8.94 25.12 49.99
N TYR A 258 8.44 26.09 49.19
CA TYR A 258 9.17 26.57 48.00
C TYR A 258 9.89 27.88 48.25
N PRO A 259 11.11 28.06 47.71
CA PRO A 259 11.79 29.36 47.91
C PRO A 259 10.99 30.52 47.26
N VAL A 260 10.87 31.62 47.99
CA VAL A 260 10.16 32.82 47.57
C VAL A 260 11.18 33.81 47.01
N ILE A 261 11.06 34.09 45.70
CA ILE A 261 12.00 34.99 44.98
C ILE A 261 11.74 36.48 45.28
N GLY A 262 10.47 36.79 45.54
CA GLY A 262 10.00 38.14 45.82
C GLY A 262 8.56 38.15 46.30
N VAL A 263 8.10 39.29 46.83
CA VAL A 263 6.73 39.41 47.32
C VAL A 263 6.14 40.69 46.73
N VAL A 264 4.98 40.57 46.08
CA VAL A 264 4.27 41.71 45.51
C VAL A 264 3.95 42.74 46.64
N THR A 265 4.14 44.04 46.35
CA THR A 265 3.87 45.10 47.31
C THR A 265 2.39 45.17 47.67
N GLU A 266 2.08 45.71 48.83
CA GLU A 266 0.72 45.89 49.26
C GLU A 266 -0.09 46.71 48.21
N GLU A 267 0.49 47.81 47.63
CA GLU A 267 -0.21 48.66 46.65
C GLU A 267 -0.70 47.86 45.45
N ASP A 268 0.02 46.78 45.06
CA ASP A 268 -0.27 45.94 43.90
C ASP A 268 -0.89 44.52 44.20
N ILE A 269 -0.99 44.12 45.48
CA ILE A 269 -1.54 42.81 45.82
C ILE A 269 -3.00 42.57 45.36
N ASP A 270 -3.84 43.60 45.45
CA ASP A 270 -5.23 43.50 45.01
C ASP A 270 -5.41 43.43 43.51
N LYS A 271 -4.42 43.94 42.74
CA LYS A 271 -4.43 43.88 41.28
C LYS A 271 -4.38 42.41 40.82
N LEU A 272 -3.75 41.54 41.65
CA LEU A 272 -3.61 40.10 41.42
C LEU A 272 -4.98 39.43 41.31
N GLY A 273 -5.97 39.95 42.04
CA GLY A 273 -7.32 39.39 42.02
C GLY A 273 -8.10 39.72 40.77
N GLN A 274 -7.53 40.57 39.91
CA GLN A 274 -8.13 41.01 38.65
C GLN A 274 -7.42 40.54 37.38
N VAL A 275 -6.43 39.64 37.52
CA VAL A 275 -5.67 39.16 36.37
C VAL A 275 -6.41 37.94 35.82
N ARG A 276 -6.74 38.01 34.52
CA ARG A 276 -7.47 36.96 33.82
C ARG A 276 -6.49 35.94 33.23
N PRO A 277 -6.86 34.64 33.12
CA PRO A 277 -5.99 33.69 32.40
C PRO A 277 -5.71 34.15 30.97
N GLY A 278 -4.47 33.96 30.53
CA GLY A 278 -3.99 34.33 29.21
C GLY A 278 -3.43 35.73 29.15
N GLN A 279 -3.61 36.52 30.22
CA GLN A 279 -3.00 37.84 30.28
C GLN A 279 -1.49 37.74 30.54
N THR A 280 -0.79 38.84 30.25
CA THR A 280 0.65 38.97 30.47
C THR A 280 0.91 39.72 31.78
N VAL A 281 1.75 39.12 32.63
CA VAL A 281 2.20 39.70 33.88
C VAL A 281 3.67 40.02 33.72
N ARG A 282 4.01 41.28 33.97
CA ARG A 282 5.38 41.76 33.97
C ARG A 282 5.70 42.17 35.42
N LEU A 283 6.83 41.69 35.93
CA LEU A 283 7.24 41.96 37.31
C LEU A 283 8.38 42.91 37.32
N HIS A 284 8.45 43.77 38.34
CA HIS A 284 9.53 44.78 38.49
C HIS A 284 9.94 44.90 39.94
N TRP A 285 11.25 45.01 40.21
CA TRP A 285 11.74 45.21 41.59
C TRP A 285 11.23 46.55 42.16
N ALA A 286 10.66 46.54 43.38
CA ALA A 286 10.12 47.76 44.03
C ALA A 286 11.29 48.70 44.34
N TYR A 287 12.43 48.11 44.69
CA TYR A 287 13.68 48.79 44.94
C TYR A 287 14.83 47.86 44.48
N PRO A 288 16.02 48.42 44.15
CA PRO A 288 17.12 47.57 43.70
C PRO A 288 17.44 46.39 44.56
N ARG A 289 17.74 45.32 43.86
CA ARG A 289 18.14 44.07 44.42
C ARG A 289 19.68 44.19 44.64
N ARG A 290 20.20 43.51 45.71
CA ARG A 290 21.63 43.54 46.03
C ARG A 290 22.29 42.14 46.07
N SER B 19 20.39 36.73 74.26
CA SER B 19 20.49 36.51 72.82
C SER B 19 19.63 37.48 72.04
N THR B 20 20.26 37.96 70.97
CA THR B 20 19.77 38.96 70.06
C THR B 20 19.27 38.26 68.78
N LEU B 21 18.49 38.99 67.97
CA LEU B 21 17.99 38.45 66.70
C LEU B 21 19.14 38.32 65.69
N GLY B 22 18.94 37.42 64.70
CA GLY B 22 19.85 37.24 63.59
C GLY B 22 19.34 38.06 62.43
N THR B 23 19.23 37.45 61.24
CA THR B 23 18.74 38.10 60.03
C THR B 23 17.24 38.38 60.17
N VAL B 24 16.83 39.61 59.75
CA VAL B 24 15.43 40.05 59.73
C VAL B 24 15.18 40.56 58.32
N HIS B 25 14.56 39.72 57.50
CA HIS B 25 14.24 40.08 56.11
C HIS B 25 12.96 40.82 56.05
N ASN B 26 12.88 41.75 55.11
CA ASN B 26 11.62 42.34 54.73
C ASN B 26 10.95 41.21 53.91
N TYR B 27 9.69 40.89 54.24
CA TYR B 27 8.94 39.88 53.50
C TYR B 27 7.83 40.68 52.86
N GLY B 28 8.13 41.21 51.69
CA GLY B 28 7.21 42.15 51.05
C GLY B 28 7.27 43.46 51.82
N ASP B 29 6.18 44.26 51.77
CA ASP B 29 6.23 45.52 52.52
C ASP B 29 5.43 45.54 53.80
N GLN B 30 4.90 44.39 54.20
CA GLN B 30 4.06 44.31 55.39
C GLN B 30 4.22 43.06 56.23
N ALA B 31 5.44 42.53 56.26
CA ALA B 31 5.77 41.38 57.09
C ALA B 31 7.26 41.37 57.22
N LEU B 32 7.75 40.58 58.16
CA LEU B 32 9.17 40.42 58.43
C LEU B 32 9.44 38.95 58.67
N LEU B 33 10.50 38.44 58.08
CA LEU B 33 10.88 37.04 58.24
C LEU B 33 12.17 37.00 59.05
N LEU B 34 12.07 36.38 60.25
CA LEU B 34 13.17 36.26 61.19
C LEU B 34 13.79 34.87 61.00
N GLU B 35 15.11 34.81 60.87
CA GLU B 35 15.83 33.55 60.69
C GLU B 35 16.45 33.05 61.99
N PHE B 36 16.41 31.72 62.20
CA PHE B 36 17.00 31.08 63.37
C PHE B 36 17.73 29.81 62.99
N ASP B 37 18.68 29.39 63.84
CA ASP B 37 19.48 28.19 63.60
C ASP B 37 18.87 26.92 64.11
N SER B 38 17.80 27.03 64.90
CA SER B 38 17.14 25.89 65.52
C SER B 38 15.69 26.17 65.81
N THR B 39 14.90 25.10 65.96
CA THR B 39 13.47 25.16 66.29
C THR B 39 13.29 25.68 67.71
N ALA B 40 14.22 25.32 68.62
CA ALA B 40 14.21 25.77 70.02
C ALA B 40 14.24 27.31 70.09
N GLU B 41 15.05 27.96 69.23
CA GLU B 41 15.16 29.41 69.15
C GLU B 41 13.88 30.00 68.54
N VAL B 42 13.29 29.33 67.52
CA VAL B 42 12.05 29.76 66.87
C VAL B 42 10.94 29.84 67.94
N LEU B 43 10.82 28.79 68.77
CA LEU B 43 9.81 28.70 69.82
C LEU B 43 10.00 29.73 70.93
N ALA B 44 11.23 29.98 71.32
CA ALA B 44 11.54 30.94 72.38
C ALA B 44 11.20 32.37 71.94
N TRP B 45 11.53 32.69 70.69
CA TRP B 45 11.28 33.98 70.09
C TRP B 45 9.83 34.22 69.82
N THR B 46 9.10 33.16 69.48
CA THR B 46 7.66 33.23 69.26
C THR B 46 6.95 33.72 70.53
N GLU B 47 7.32 33.17 71.70
CA GLU B 47 6.73 33.56 72.96
C GLU B 47 7.07 34.97 73.32
N THR B 48 8.33 35.35 73.13
CA THR B 48 8.81 36.72 73.32
C THR B 48 7.98 37.71 72.49
N LEU B 49 7.78 37.42 71.20
CA LEU B 49 7.01 38.24 70.28
C LEU B 49 5.54 38.32 70.67
N ARG B 50 4.97 37.16 71.04
CA ARG B 50 3.59 36.98 71.46
C ARG B 50 3.31 37.79 72.72
N GLU B 51 4.23 37.78 73.70
CA GLU B 51 4.19 38.51 74.97
C GLU B 51 4.41 40.02 74.77
N ALA B 52 5.18 40.42 73.74
CA ALA B 52 5.48 41.82 73.46
C ALA B 52 4.25 42.60 72.98
N GLU B 53 3.24 41.90 72.41
CA GLU B 53 1.96 42.46 71.92
C GLU B 53 2.18 43.72 71.06
N LEU B 54 3.07 43.60 70.06
CA LEU B 54 3.49 44.68 69.19
C LEU B 54 2.36 45.28 68.37
N LEU B 55 2.36 46.60 68.22
CA LEU B 55 1.37 47.33 67.45
C LEU B 55 1.46 46.96 65.96
N GLY B 56 0.29 46.65 65.40
CA GLY B 56 0.12 46.31 63.99
C GLY B 56 0.36 44.87 63.62
N VAL B 57 0.71 44.01 64.59
CA VAL B 57 0.96 42.59 64.34
C VAL B 57 -0.38 41.88 64.17
N VAL B 58 -0.58 41.23 63.01
CA VAL B 58 -1.81 40.51 62.66
C VAL B 58 -1.65 39.01 63.00
N ASP B 59 -0.46 38.47 62.78
CA ASP B 59 -0.13 37.09 63.08
C ASP B 59 1.37 36.89 63.23
N ILE B 60 1.76 35.86 64.01
CA ILE B 60 3.12 35.40 64.28
C ILE B 60 3.13 33.95 63.80
N VAL B 61 3.89 33.68 62.75
CA VAL B 61 3.97 32.37 62.12
C VAL B 61 5.31 31.67 62.37
N PRO B 62 5.44 30.92 63.49
CA PRO B 62 6.66 30.13 63.67
C PRO B 62 6.68 28.96 62.65
N ALA B 63 7.88 28.54 62.27
CA ALA B 63 8.12 27.42 61.38
C ALA B 63 9.45 26.75 61.74
N ALA B 64 9.96 25.82 60.94
CA ALA B 64 11.18 25.08 61.30
C ALA B 64 12.38 25.91 61.66
N ARG B 65 12.69 26.96 60.86
CA ARG B 65 13.88 27.77 61.09
C ARG B 65 13.62 29.28 60.94
N THR B 66 12.36 29.66 61.00
CA THR B 66 12.00 31.06 60.83
C THR B 66 10.75 31.41 61.65
N VAL B 67 10.50 32.72 61.75
CA VAL B 67 9.28 33.29 62.33
C VAL B 67 8.87 34.38 61.36
N LEU B 68 7.64 34.29 60.84
CA LEU B 68 7.07 35.30 59.94
C LEU B 68 6.14 36.16 60.82
N VAL B 69 6.42 37.47 60.89
CA VAL B 69 5.61 38.43 61.65
C VAL B 69 4.79 39.19 60.61
N LYS B 70 3.48 38.93 60.55
CA LYS B 70 2.57 39.56 59.58
C LYS B 70 2.01 40.82 60.20
N LEU B 71 2.03 41.88 59.41
CA LEU B 71 1.61 43.22 59.85
C LEU B 71 0.38 43.72 59.14
N ALA B 72 -0.33 44.63 59.77
CA ALA B 72 -1.61 45.22 59.31
C ALA B 72 -1.46 46.16 58.11
N GLY B 73 -0.27 46.62 57.83
CA GLY B 73 -0.02 47.52 56.72
C GLY B 73 1.44 47.88 56.59
N PRO B 74 1.85 48.44 55.43
CA PRO B 74 3.27 48.79 55.24
C PRO B 74 3.83 49.76 56.25
N ARG B 75 2.99 50.65 56.81
CA ARG B 75 3.41 51.65 57.81
C ARG B 75 4.10 51.05 59.04
N TYR B 76 3.74 49.80 59.41
CA TYR B 76 4.24 49.10 60.58
C TYR B 76 5.56 48.44 60.38
N GLN B 77 6.02 48.29 59.12
CA GLN B 77 7.27 47.58 58.82
C GLN B 77 8.55 48.08 59.52
N ALA B 78 8.97 49.33 59.22
CA ALA B 78 10.16 49.91 59.86
C ALA B 78 10.00 50.06 61.43
N PRO B 79 8.84 50.58 61.94
CA PRO B 79 8.69 50.67 63.42
C PRO B 79 8.76 49.32 64.11
N THR B 80 8.24 48.23 63.49
CA THR B 80 8.29 46.89 64.08
C THR B 80 9.73 46.35 64.09
N ARG B 81 10.47 46.63 63.00
CA ARG B 81 11.88 46.24 62.90
C ARG B 81 12.67 46.85 64.03
N GLN B 82 12.45 48.16 64.31
CA GLN B 82 13.05 48.87 65.43
C GLN B 82 12.67 48.24 66.78
N ARG B 83 11.37 47.95 67.02
CA ARG B 83 10.90 47.35 68.29
C ARG B 83 11.50 45.96 68.51
N LEU B 84 11.64 45.19 67.43
CA LEU B 84 12.26 43.85 67.41
C LEU B 84 13.71 43.87 67.93
N GLY B 85 14.44 44.95 67.59
CA GLY B 85 15.82 45.14 68.02
C GLY B 85 16.01 45.35 69.51
N LYS B 86 14.93 45.74 70.21
CA LYS B 86 14.91 45.99 71.67
C LYS B 86 14.47 44.78 72.47
N LEU B 87 13.98 43.75 71.79
CA LEU B 87 13.52 42.51 72.41
C LEU B 87 14.69 41.59 72.75
N ARG B 88 14.61 40.91 73.89
CA ARG B 88 15.62 39.95 74.27
C ARG B 88 14.92 38.68 74.56
N VAL B 89 15.50 37.56 74.13
CA VAL B 89 14.87 36.27 74.35
C VAL B 89 14.65 36.08 75.86
N ARG B 90 13.36 36.16 76.27
CA ARG B 90 12.91 36.11 77.67
C ARG B 90 13.48 34.93 78.52
N PRO B 91 13.42 33.65 78.07
CA PRO B 91 13.93 32.59 78.95
C PRO B 91 15.43 32.35 78.86
N GLU B 92 15.89 31.71 77.74
CA GLU B 92 17.24 31.22 77.42
C GLU B 92 17.39 29.80 78.03
N ALA B 93 16.57 29.50 79.08
CA ALA B 93 16.44 28.21 79.77
C ALA B 93 15.03 27.68 79.44
N ILE B 94 14.97 26.53 78.70
CA ILE B 94 13.73 25.91 78.20
C ILE B 94 13.47 24.46 78.71
N THR B 95 12.25 23.91 78.46
CA THR B 95 11.85 22.54 78.87
C THR B 95 11.57 21.58 77.70
N HIS B 96 11.93 20.28 77.87
CA HIS B 96 11.75 19.20 76.89
C HIS B 96 11.17 17.93 77.52
N GLN B 97 10.40 18.08 78.63
CA GLN B 97 9.76 16.99 79.37
C GLN B 97 8.40 17.46 79.93
N PRO B 98 7.32 16.61 79.90
CA PRO B 98 6.02 17.07 80.44
C PRO B 98 5.99 17.17 81.97
N PRO B 99 5.68 18.36 82.54
CA PRO B 99 5.66 18.52 84.01
C PRO B 99 4.49 17.80 84.68
N GLY B 100 4.80 17.09 85.77
CA GLY B 100 3.86 16.27 86.52
C GLY B 100 3.62 14.94 85.83
N ASP B 101 4.35 14.72 84.70
CA ASP B 101 4.30 13.57 83.78
C ASP B 101 2.93 13.42 83.09
N ARG B 102 2.08 14.46 83.21
CA ARG B 102 0.75 14.51 82.62
C ARG B 102 0.92 14.97 81.16
N VAL B 103 0.44 14.12 80.24
CA VAL B 103 0.43 14.34 78.80
C VAL B 103 -0.98 14.92 78.52
N ASP B 104 -1.08 15.90 77.61
CA ASP B 104 -2.35 16.57 77.31
C ASP B 104 -3.33 15.73 76.51
N VAL B 105 -2.81 14.93 75.58
CA VAL B 105 -3.58 14.08 74.68
C VAL B 105 -2.79 12.82 74.31
N THR B 106 -3.49 11.71 74.15
CA THR B 106 -2.92 10.44 73.71
C THR B 106 -3.52 10.11 72.34
N ILE B 107 -2.68 9.88 71.34
CA ILE B 107 -3.13 9.55 69.98
C ILE B 107 -2.85 8.06 69.73
N ASP B 108 -3.90 7.30 69.41
CA ASP B 108 -3.79 5.87 69.15
C ASP B 108 -3.47 5.66 67.68
N VAL B 109 -2.40 4.94 67.41
CA VAL B 109 -1.86 4.73 66.05
C VAL B 109 -1.74 3.25 65.69
N VAL B 110 -2.14 2.90 64.45
CA VAL B 110 -1.96 1.55 63.88
C VAL B 110 -0.70 1.74 63.07
N TYR B 111 0.39 1.06 63.46
CA TYR B 111 1.68 1.18 62.78
C TYR B 111 1.81 0.33 61.52
N ASP B 112 1.03 0.70 60.48
CA ASP B 112 0.97 0.03 59.17
C ASP B 112 1.40 0.95 58.03
N GLY B 113 2.18 1.97 58.36
CA GLY B 113 2.65 2.97 57.38
C GLY B 113 3.52 2.38 56.30
N ALA B 114 3.42 3.00 55.10
CA ALA B 114 4.14 2.62 53.88
C ALA B 114 5.67 2.65 54.01
N ASP B 115 6.19 3.57 54.82
CA ASP B 115 7.61 3.80 55.03
C ASP B 115 8.17 3.24 56.34
N LEU B 116 7.36 2.48 57.12
CA LEU B 116 7.82 1.90 58.40
C LEU B 116 9.14 1.13 58.26
N HIS B 117 9.22 0.21 57.28
CA HIS B 117 10.45 -0.57 57.00
C HIS B 117 11.60 0.30 56.50
N GLU B 118 11.30 1.38 55.76
CA GLU B 118 12.30 2.32 55.26
C GLU B 118 12.92 3.13 56.42
N VAL B 119 12.06 3.60 57.35
CA VAL B 119 12.45 4.35 58.56
C VAL B 119 13.36 3.47 59.42
N ALA B 120 12.99 2.19 59.56
CA ALA B 120 13.76 1.20 60.31
C ALA B 120 15.19 1.13 59.72
N SER B 121 15.31 0.93 58.39
CA SER B 121 16.59 0.86 57.66
C SER B 121 17.42 2.11 57.85
N LEU B 122 16.80 3.29 57.68
CA LEU B 122 17.47 4.59 57.80
C LEU B 122 17.90 4.93 59.23
N THR B 123 17.12 4.54 60.26
CA THR B 123 17.44 4.83 61.66
C THR B 123 18.33 3.78 62.32
N GLY B 124 18.55 2.67 61.62
CA GLY B 124 19.38 1.57 62.13
C GLY B 124 18.67 0.75 63.19
N THR B 126 14.90 -1.79 64.10
CA THR B 126 13.96 -2.76 63.54
C THR B 126 12.58 -2.06 63.56
N PRO B 127 11.56 -2.50 62.79
CA PRO B 127 10.22 -1.85 62.89
C PRO B 127 9.65 -1.83 64.31
N ALA B 128 9.92 -2.89 65.11
CA ALA B 128 9.50 -2.99 66.52
C ALA B 128 10.12 -1.85 67.37
N GLN B 129 11.42 -1.56 67.17
CA GLN B 129 12.12 -0.49 67.88
C GLN B 129 11.63 0.90 67.46
N VAL B 130 11.24 1.06 66.17
CA VAL B 130 10.71 2.32 65.64
C VAL B 130 9.42 2.69 66.36
N ILE B 131 8.47 1.72 66.44
CA ILE B 131 7.18 1.85 67.11
C ILE B 131 7.39 2.16 68.60
N ALA B 132 8.26 1.39 69.28
CA ALA B 132 8.59 1.58 70.68
C ALA B 132 9.21 2.99 70.95
N ALA B 133 10.08 3.49 70.05
CA ALA B 133 10.68 4.83 70.22
C ALA B 133 9.61 5.93 70.02
N HIS B 134 8.76 5.79 69.00
CA HIS B 134 7.70 6.76 68.70
C HIS B 134 6.69 6.87 69.83
N THR B 135 6.34 5.72 70.45
CA THR B 135 5.39 5.63 71.56
C THR B 135 6.02 5.83 72.96
N GLY B 136 7.33 5.67 73.07
CA GLY B 136 8.03 5.75 74.35
C GLY B 136 8.35 7.12 74.90
N THR B 137 8.53 8.12 74.02
CA THR B 137 8.86 9.48 74.45
C THR B 137 7.77 10.40 73.98
N PRO B 138 7.16 11.19 74.91
CA PRO B 138 6.11 12.14 74.49
C PRO B 138 6.68 13.25 73.61
N TRP B 139 5.83 13.83 72.76
CA TRP B 139 6.20 14.90 71.83
C TRP B 139 5.49 16.16 72.25
N ARG B 140 6.10 17.30 71.98
CA ARG B 140 5.49 18.60 72.25
C ARG B 140 5.07 19.21 70.92
N VAL B 141 3.88 19.83 70.87
CA VAL B 141 3.50 20.51 69.65
C VAL B 141 4.21 21.85 69.64
N GLY B 142 5.17 21.96 68.71
CA GLY B 142 5.97 23.16 68.56
C GLY B 142 5.17 24.28 67.90
N PHE B 143 4.66 23.99 66.70
CA PHE B 143 3.91 24.96 65.91
C PHE B 143 3.01 24.25 64.91
N CYS B 144 2.04 24.99 64.36
CA CYS B 144 1.15 24.50 63.33
C CYS B 144 1.54 25.15 62.02
N GLY B 145 1.22 24.48 60.94
CA GLY B 145 1.44 24.92 59.57
C GLY B 145 0.96 23.86 58.61
N PHE B 146 1.16 24.09 57.31
CA PHE B 146 0.86 23.17 56.23
C PHE B 146 -0.62 23.06 55.83
N ALA B 147 -1.49 22.80 56.83
CA ALA B 147 -2.92 22.57 56.66
C ALA B 147 -3.60 22.80 57.99
N PRO B 148 -4.93 23.07 58.02
CA PRO B 148 -5.60 23.24 59.32
C PRO B 148 -5.50 21.98 60.18
N GLY B 149 -5.00 22.10 61.39
CA GLY B 149 -4.86 20.97 62.30
C GLY B 149 -3.54 20.21 62.17
N PHE B 150 -2.68 20.60 61.23
CA PHE B 150 -1.39 19.93 61.09
C PHE B 150 -0.40 20.53 62.11
N ALA B 151 0.03 19.72 63.08
CA ALA B 151 0.95 20.15 64.12
C ALA B 151 2.32 19.52 63.93
N TYR B 152 3.37 20.35 63.99
CA TYR B 152 4.78 19.92 63.92
C TYR B 152 5.18 19.61 65.36
N LEU B 153 5.43 18.33 65.59
CA LEU B 153 5.79 17.83 66.90
C LEU B 153 7.28 17.74 67.09
N VAL B 154 7.74 18.15 68.27
CA VAL B 154 9.14 18.17 68.67
C VAL B 154 9.38 17.48 70.03
N ASP B 155 10.65 17.27 70.37
CA ASP B 155 11.13 16.71 71.64
C ASP B 155 10.82 15.24 71.90
N GLY B 156 10.59 14.52 70.80
CA GLY B 156 10.36 13.08 70.84
C GLY B 156 11.70 12.36 70.78
N ASP B 157 11.67 11.03 70.59
CA ASP B 157 12.88 10.23 70.50
C ASP B 157 13.75 10.67 69.31
N ALA B 158 14.96 11.19 69.62
CA ALA B 158 15.95 11.68 68.64
C ALA B 158 16.46 10.62 67.67
N ARG B 159 16.38 9.32 68.06
CA ARG B 159 16.78 8.16 67.24
C ARG B 159 15.94 8.06 65.96
N LEU B 160 14.72 8.60 66.01
CA LEU B 160 13.76 8.56 64.91
C LEU B 160 14.07 9.52 63.75
N GLN B 161 15.04 10.45 63.94
CA GLN B 161 15.42 11.45 62.93
C GLN B 161 15.77 10.81 61.60
N VAL B 162 14.93 11.07 60.61
CA VAL B 162 14.97 10.48 59.29
C VAL B 162 14.75 11.59 58.24
N PRO B 163 15.40 11.54 57.05
CA PRO B 163 15.17 12.63 56.08
C PRO B 163 13.81 12.50 55.40
N ARG B 164 13.34 13.59 54.78
CA ARG B 164 12.11 13.65 53.98
C ARG B 164 12.26 12.70 52.79
N ARG B 165 11.14 12.35 52.15
CA ARG B 165 11.17 11.49 50.96
C ARG B 165 11.77 12.28 49.81
N ALA B 166 12.47 11.59 48.87
CA ALA B 166 13.14 12.24 47.72
C ALA B 166 12.15 13.12 46.95
N GLU B 167 10.99 12.53 46.61
CA GLU B 167 9.90 13.22 45.95
C GLU B 167 8.61 13.07 46.79
N PRO B 168 7.80 14.13 46.93
CA PRO B 168 6.55 14.01 47.70
C PRO B 168 5.52 13.07 47.06
N ARG B 169 4.68 12.45 47.90
CA ARG B 169 3.59 11.58 47.45
C ARG B 169 2.46 12.46 46.96
N THR B 170 1.68 11.97 45.99
CA THR B 170 0.54 12.68 45.41
C THR B 170 -0.61 12.76 46.41
N SER B 171 -0.80 11.65 47.14
CA SER B 171 -1.86 11.48 48.12
C SER B 171 -1.37 10.65 49.30
N VAL B 172 -1.46 11.24 50.50
CA VAL B 172 -1.17 10.56 51.76
C VAL B 172 -2.53 10.49 52.47
N PRO B 173 -2.93 9.36 53.09
CA PRO B 173 -4.27 9.31 53.72
C PRO B 173 -4.44 10.22 54.93
N ALA B 174 -5.70 10.59 55.22
CA ALA B 174 -6.08 11.39 56.37
C ALA B 174 -5.74 10.54 57.61
N GLY B 175 -5.08 11.18 58.60
CA GLY B 175 -4.66 10.52 59.83
C GLY B 175 -3.31 9.85 59.76
N ALA B 176 -2.58 10.05 58.65
CA ALA B 176 -1.24 9.49 58.45
C ALA B 176 -0.27 10.07 59.48
N VAL B 177 0.39 9.15 60.22
CA VAL B 177 1.36 9.46 61.27
C VAL B 177 2.69 9.37 60.60
N ALA B 178 3.44 10.46 60.69
CA ALA B 178 4.67 10.58 59.93
C ALA B 178 5.86 11.19 60.65
N LEU B 179 7.03 11.10 59.99
CA LEU B 179 8.33 11.63 60.46
C LEU B 179 9.05 12.37 59.36
N ALA B 180 9.80 13.42 59.73
CA ALA B 180 10.71 14.18 58.83
C ALA B 180 11.60 15.01 59.70
N GLY B 181 12.93 14.84 59.50
CA GLY B 181 13.94 15.55 60.27
C GLY B 181 13.74 15.29 61.74
N GLU B 182 13.67 16.37 62.53
CA GLU B 182 13.48 16.32 63.99
C GLU B 182 11.99 16.28 64.38
N PHE B 183 11.10 16.26 63.39
CA PHE B 183 9.65 16.31 63.64
C PHE B 183 8.88 15.02 63.39
N SER B 184 7.74 14.95 64.06
CA SER B 184 6.70 13.98 63.84
C SER B 184 5.41 14.80 63.61
N GLY B 185 4.45 14.23 62.94
CA GLY B 185 3.21 14.93 62.71
C GLY B 185 2.13 14.04 62.18
N VAL B 186 0.88 14.47 62.34
CA VAL B 186 -0.27 13.72 61.84
C VAL B 186 -0.99 14.56 60.77
N TYR B 187 -1.08 14.04 59.53
CA TYR B 187 -1.79 14.67 58.41
C TYR B 187 -3.29 14.73 58.72
N PRO B 188 -3.89 15.94 58.81
CA PRO B 188 -5.34 16.01 59.16
C PRO B 188 -6.31 15.56 58.08
N ARG B 189 -5.98 15.77 56.80
CA ARG B 189 -6.83 15.37 55.66
C ARG B 189 -5.96 14.69 54.60
N GLN B 190 -6.61 14.00 53.63
CA GLN B 190 -5.93 13.44 52.47
C GLN B 190 -5.30 14.59 51.71
N SER B 191 -3.99 14.51 51.44
CA SER B 191 -3.27 15.56 50.74
C SER B 191 -1.91 15.08 50.25
N PRO B 192 -1.20 15.84 49.39
CA PRO B 192 0.15 15.43 49.04
C PRO B 192 1.06 15.62 50.26
N GLY B 193 2.10 14.81 50.39
CA GLY B 193 3.03 14.91 51.51
C GLY B 193 4.35 14.23 51.25
N GLY B 194 5.43 14.84 51.71
CA GLY B 194 6.78 14.32 51.54
C GLY B 194 7.40 13.69 52.77
N TRP B 195 6.63 13.58 53.84
CA TRP B 195 7.09 12.97 55.09
C TRP B 195 7.06 11.45 55.03
N GLN B 196 7.83 10.84 55.91
CA GLN B 196 7.97 9.39 56.04
C GLN B 196 6.80 8.84 56.86
N LEU B 197 5.92 8.03 56.24
CA LEU B 197 4.68 7.49 56.85
C LEU B 197 4.88 6.20 57.65
N ILE B 198 4.62 6.24 58.97
CA ILE B 198 4.84 5.10 59.89
C ILE B 198 3.57 4.41 60.38
N GLY B 199 2.45 5.08 60.19
CA GLY B 199 1.16 4.55 60.61
C GLY B 199 0.01 5.48 60.37
N HIS B 200 -1.12 5.16 61.00
CA HIS B 200 -2.32 6.00 60.85
C HIS B 200 -3.14 6.03 62.11
N THR B 201 -3.87 7.12 62.30
CA THR B 201 -4.78 7.31 63.41
C THR B 201 -6.21 7.56 62.93
N ASP B 202 -7.19 7.21 63.81
CA ASP B 202 -8.61 7.45 63.58
C ASP B 202 -9.06 8.69 64.37
N ALA B 203 -8.14 9.31 65.10
CA ALA B 203 -8.37 10.56 65.84
C ALA B 203 -8.61 11.69 64.84
N VAL B 204 -9.53 12.59 65.15
CA VAL B 204 -9.87 13.70 64.27
C VAL B 204 -8.96 14.87 64.63
N PHE B 206 -8.66 17.74 62.97
CA PHE B 206 -9.32 18.99 62.73
C PHE B 206 -10.78 18.84 62.45
N ASP B 207 -11.61 19.58 63.18
CA ASP B 207 -13.05 19.58 62.99
C ASP B 207 -13.55 20.97 63.29
N VAL B 208 -14.06 21.62 62.27
CA VAL B 208 -14.53 23.00 62.35
C VAL B 208 -15.69 23.25 63.32
N ASN B 209 -16.47 22.19 63.61
CA ASN B 209 -17.65 22.27 64.49
C ASN B 209 -17.38 21.91 65.96
N ARG B 210 -16.20 21.39 66.24
CA ARG B 210 -15.74 21.02 67.57
C ARG B 210 -15.34 22.32 68.28
N ASP B 211 -15.54 22.39 69.61
CA ASP B 211 -15.23 23.55 70.45
C ASP B 211 -13.78 23.99 70.33
N LYS B 212 -12.86 22.99 70.22
CA LYS B 212 -11.44 23.22 69.95
C LYS B 212 -11.22 22.59 68.57
N PRO B 213 -11.29 23.40 67.48
CA PRO B 213 -11.22 22.83 66.12
C PRO B 213 -10.02 21.92 65.85
N ALA B 214 -8.81 22.40 66.18
CA ALA B 214 -7.58 21.64 66.02
C ALA B 214 -7.36 20.86 67.33
N LEU B 215 -7.12 19.54 67.21
CA LEU B 215 -6.88 18.70 68.38
C LEU B 215 -5.58 19.11 69.09
N LEU B 216 -4.54 19.47 68.30
CA LEU B 216 -3.21 19.82 68.79
C LEU B 216 -2.92 21.33 68.68
N THR B 217 -2.66 21.95 69.83
CA THR B 217 -2.38 23.38 70.02
C THR B 217 -0.91 23.54 70.43
N PRO B 218 -0.14 24.57 69.92
CA PRO B 218 1.26 24.75 70.39
C PRO B 218 1.39 24.74 71.91
N GLY B 219 2.38 24.00 72.41
CA GLY B 219 2.64 23.87 73.84
C GLY B 219 2.11 22.60 74.47
N TRP B 221 1.49 18.56 75.08
CA TRP B 221 2.29 17.33 75.12
C TRP B 221 1.42 16.20 74.63
N VAL B 222 1.95 15.43 73.65
CA VAL B 222 1.27 14.31 73.01
C VAL B 222 2.01 13.01 73.30
N GLN B 223 1.25 11.96 73.63
CA GLN B 223 1.76 10.61 73.75
C GLN B 223 1.13 9.78 72.61
N PHE B 224 1.96 9.02 71.89
CA PHE B 224 1.46 8.14 70.86
C PHE B 224 1.36 6.78 71.50
N ARG B 225 0.29 6.02 71.16
CA ARG B 225 0.02 4.71 71.70
C ARG B 225 -0.28 3.76 70.54
N ALA B 226 0.41 2.61 70.52
CA ALA B 226 0.22 1.60 69.49
C ALA B 226 -1.05 0.85 69.69
N VAL B 227 -1.82 0.75 68.58
CA VAL B 227 -3.05 0.00 68.50
C VAL B 227 -2.66 -1.50 68.42
N GLY B 228 -3.20 -2.29 69.34
CA GLY B 228 -2.95 -3.72 69.39
C GLY B 228 -3.29 -4.39 70.70
N GLY C 2 -41.72 44.73 12.15
CA GLY C 2 -42.25 43.66 12.99
C GLY C 2 -41.59 43.51 14.37
N THR C 3 -41.03 42.32 14.58
CA THR C 3 -40.39 41.89 15.82
C THR C 3 -38.93 42.32 15.83
N THR C 4 -38.48 42.81 16.99
CA THR C 4 -37.10 43.24 17.15
C THR C 4 -36.49 42.73 18.44
N LEU C 5 -35.14 42.70 18.50
CA LEU C 5 -34.40 42.40 19.71
C LEU C 5 -33.64 43.66 20.10
N GLU C 6 -33.85 44.17 21.30
CA GLU C 6 -33.14 45.35 21.76
C GLU C 6 -32.00 44.90 22.65
N VAL C 7 -30.76 45.22 22.26
CA VAL C 7 -29.55 44.82 22.99
C VAL C 7 -29.46 45.64 24.28
N LEU C 8 -29.49 44.95 25.43
CA LEU C 8 -29.43 45.62 26.73
C LEU C 8 -28.00 45.67 27.27
N ARG C 9 -27.21 44.65 26.97
CA ARG C 9 -25.86 44.40 27.47
C ARG C 9 -25.28 43.42 26.48
N THR C 10 -23.96 43.50 26.19
CA THR C 10 -23.34 42.61 25.18
C THR C 10 -22.39 41.54 25.70
N GLY C 11 -21.68 41.85 26.77
CA GLY C 11 -20.57 41.05 27.25
C GLY C 11 -19.32 41.51 26.46
N PRO C 12 -18.16 40.85 26.63
CA PRO C 12 -16.94 41.30 25.91
C PRO C 12 -17.04 41.57 24.39
N LEU C 13 -17.77 40.72 23.63
CA LEU C 13 -17.88 40.90 22.16
C LEU C 13 -19.07 40.14 21.59
N ALA C 14 -20.07 40.89 21.10
CA ALA C 14 -21.27 40.28 20.50
C ALA C 14 -21.34 40.72 19.05
N LEU C 15 -21.23 39.72 18.17
CA LEU C 15 -21.19 39.92 16.71
C LEU C 15 -22.27 39.23 15.99
N VAL C 16 -22.73 39.85 14.88
CA VAL C 16 -23.70 39.21 13.98
C VAL C 16 -22.85 38.34 13.08
N GLU C 17 -23.17 37.06 13.02
CA GLU C 17 -22.41 36.12 12.21
C GLU C 17 -23.32 35.17 11.41
N ASP C 18 -22.85 34.76 10.25
CA ASP C 18 -23.48 33.75 9.41
C ASP C 18 -22.42 32.78 8.81
N LEU C 19 -22.67 32.30 7.62
CA LEU C 19 -21.78 31.37 6.91
C LEU C 19 -20.61 32.12 6.32
N GLY C 20 -20.71 33.44 6.30
CA GLY C 20 -19.69 34.32 5.80
C GLY C 20 -19.86 34.66 4.37
N ARG C 21 -18.78 35.22 3.78
CA ARG C 21 -18.74 35.66 2.40
C ARG C 21 -17.65 34.92 1.57
N PRO C 22 -17.89 33.62 1.21
CA PRO C 22 -16.88 32.86 0.44
C PRO C 22 -16.63 33.38 -0.96
N GLY C 23 -15.51 32.98 -1.55
CA GLY C 23 -15.14 33.27 -2.93
C GLY C 23 -14.79 34.70 -3.31
N LEU C 24 -14.37 35.52 -2.32
CA LEU C 24 -14.07 36.93 -2.54
C LEU C 24 -12.59 37.33 -2.47
N ALA C 25 -11.65 36.36 -2.53
CA ALA C 25 -10.21 36.64 -2.53
C ALA C 25 -9.83 37.57 -3.68
N HIS C 26 -10.54 37.50 -4.82
CA HIS C 26 -10.27 38.36 -5.97
C HIS C 26 -10.47 39.87 -5.65
N GLY C 28 -9.80 40.86 -2.21
CA GLY C 28 -9.07 40.92 -0.95
C GLY C 28 -9.94 40.76 0.29
N VAL C 29 -11.12 40.16 0.13
CA VAL C 29 -12.07 39.97 1.21
C VAL C 29 -12.05 38.51 1.71
N THR C 30 -11.81 38.31 2.99
CA THR C 30 -11.79 37.00 3.65
C THR C 30 -13.24 36.51 3.87
N ARG C 31 -13.42 35.19 3.99
CA ARG C 31 -14.72 34.56 4.19
C ARG C 31 -15.43 34.99 5.48
N SER C 32 -14.68 35.07 6.60
CA SER C 32 -15.27 35.44 7.87
C SER C 32 -16.32 34.38 8.31
N GLY C 33 -17.40 34.83 8.96
CA GLY C 33 -18.49 33.96 9.39
C GLY C 33 -18.28 33.47 10.80
N ALA C 34 -19.15 32.58 11.23
CA ALA C 34 -19.09 32.01 12.59
C ALA C 34 -17.71 31.34 12.90
N ALA C 35 -17.12 31.59 14.09
CA ALA C 35 -15.84 30.97 14.51
C ALA C 35 -16.04 29.48 14.78
N ASP C 36 -17.23 29.09 15.30
CA ASP C 36 -17.59 27.70 15.53
C ASP C 36 -18.80 27.42 14.67
N ARG C 37 -18.56 26.95 13.42
CA ARG C 37 -19.58 26.69 12.42
C ARG C 37 -20.63 25.65 12.85
N ARG C 38 -20.21 24.52 13.48
CA ARG C 38 -21.13 23.47 13.95
C ARG C 38 -22.15 24.04 14.92
N SER C 39 -21.71 24.80 15.96
CA SER C 39 -22.64 25.41 16.94
C SER C 39 -23.60 26.40 16.32
N HIS C 40 -23.10 27.24 15.39
CA HIS C 40 -23.90 28.24 14.69
C HIS C 40 -25.04 27.55 13.88
N THR C 41 -24.67 26.53 13.10
CA THR C 41 -25.54 25.72 12.27
C THR C 41 -26.61 25.03 13.11
N LEU C 42 -26.25 24.53 14.29
CA LEU C 42 -27.18 23.87 15.22
C LEU C 42 -28.23 24.83 15.74
N ALA C 43 -27.80 26.02 16.16
CA ALA C 43 -28.67 27.07 16.68
C ALA C 43 -29.74 27.36 15.65
N ASN C 44 -29.36 27.52 14.38
CA ASN C 44 -30.26 27.76 13.26
C ASN C 44 -31.16 26.58 12.95
N ARG C 45 -30.63 25.34 13.05
CA ARG C 45 -31.46 24.13 12.81
C ARG C 45 -32.51 24.00 13.92
N LEU C 46 -32.14 24.27 15.17
CA LEU C 46 -33.08 24.19 16.27
C LEU C 46 -34.34 25.06 16.10
N VAL C 47 -34.21 26.26 15.51
CA VAL C 47 -35.34 27.18 15.32
C VAL C 47 -35.95 27.07 13.94
N ALA C 48 -35.50 26.06 13.15
CA ALA C 48 -35.93 25.76 11.79
C ALA C 48 -35.66 26.90 10.79
N ASN C 49 -34.48 27.54 10.96
CA ASN C 49 -34.08 28.57 10.03
C ASN C 49 -33.42 27.96 8.79
N PRO C 50 -33.43 28.63 7.61
CA PRO C 50 -32.52 28.19 6.54
C PRO C 50 -31.09 28.35 7.06
N GLY C 51 -30.18 27.54 6.57
CA GLY C 51 -28.77 27.57 7.02
C GLY C 51 -28.01 28.87 6.85
N GLU C 52 -28.46 29.78 5.95
CA GLU C 52 -27.87 31.10 5.68
C GLU C 52 -28.17 32.16 6.80
N SER C 53 -29.19 31.92 7.64
CA SER C 53 -29.62 32.89 8.67
C SER C 53 -28.49 33.32 9.57
N ALA C 54 -28.51 34.60 10.01
CA ALA C 54 -27.52 35.12 10.94
C ALA C 54 -27.94 34.84 12.39
N THR C 55 -26.96 34.60 13.24
CA THR C 55 -27.13 34.39 14.68
C THR C 55 -26.30 35.48 15.32
N ILE C 56 -26.28 35.54 16.66
CA ILE C 56 -25.40 36.42 17.40
C ILE C 56 -24.35 35.53 18.05
N GLU C 57 -23.08 35.74 17.70
CA GLU C 57 -21.92 35.07 18.28
C GLU C 57 -21.53 35.91 19.53
N VAL C 58 -21.64 35.30 20.70
CA VAL C 58 -21.37 35.97 22.00
C VAL C 58 -20.08 35.39 22.56
N THR C 59 -19.20 36.25 23.03
CA THR C 59 -17.88 35.86 23.56
C THR C 59 -17.91 36.03 25.07
N PHE C 60 -17.57 34.95 25.83
CA PHE C 60 -17.58 34.96 27.29
C PHE C 60 -18.98 35.21 27.94
N GLY C 61 -20.07 34.98 27.19
CA GLY C 61 -21.44 35.23 27.66
C GLY C 61 -21.76 36.70 27.92
N GLY C 62 -22.72 36.92 28.80
CA GLY C 62 -23.09 38.26 29.26
C GLY C 62 -23.97 39.10 28.36
N PHE C 63 -24.47 38.51 27.30
CA PHE C 63 -25.37 39.16 26.35
C PHE C 63 -26.85 39.09 26.84
N SER C 64 -27.55 40.22 26.75
CA SER C 64 -28.98 40.35 27.07
C SER C 64 -29.69 41.13 26.01
N ALA C 65 -30.89 40.71 25.67
CA ALA C 65 -31.75 41.39 24.71
C ALA C 65 -33.22 41.24 25.09
N ARG C 66 -33.99 42.29 24.82
CA ARG C 66 -35.42 42.33 25.05
C ARG C 66 -36.15 42.17 23.74
N VAL C 67 -37.21 41.34 23.77
CA VAL C 67 -38.08 41.03 22.64
C VAL C 67 -39.20 42.07 22.58
N CYS C 68 -39.47 42.58 21.37
CA CYS C 68 -40.58 43.52 21.18
C CYS C 68 -41.29 43.27 19.90
N GLY C 69 -42.60 43.42 19.92
CA GLY C 69 -43.44 43.34 18.74
C GLY C 69 -44.04 41.99 18.39
N GLY C 70 -43.74 40.99 19.18
CA GLY C 70 -44.29 39.65 18.99
C GLY C 70 -43.51 38.62 19.76
N ASP C 71 -43.90 37.36 19.62
CA ASP C 71 -43.25 36.20 20.22
C ASP C 71 -42.16 35.68 19.29
N VAL C 72 -41.08 35.13 19.85
CA VAL C 72 -39.97 34.56 19.07
C VAL C 72 -39.58 33.15 19.57
N ALA C 73 -39.05 32.31 18.67
CA ALA C 73 -38.47 31.02 19.06
C ALA C 73 -36.97 31.23 18.94
N ILE C 74 -36.26 30.86 19.98
CA ILE C 74 -34.80 31.05 20.06
C ILE C 74 -34.12 29.76 20.47
N ALA C 75 -32.79 29.72 20.27
CA ALA C 75 -31.94 28.60 20.70
C ALA C 75 -30.57 29.18 20.98
N VAL C 76 -29.89 28.66 22.01
CA VAL C 76 -28.53 29.08 22.37
C VAL C 76 -27.66 27.82 22.33
N THR C 77 -26.61 27.85 21.51
CA THR C 77 -25.67 26.73 21.37
C THR C 77 -24.25 27.22 21.67
N GLY C 78 -23.29 26.28 21.71
CA GLY C 78 -21.87 26.55 21.96
C GLY C 78 -21.62 26.49 23.45
N ALA C 79 -20.79 27.42 23.98
CA ALA C 79 -20.49 27.46 25.40
C ALA C 79 -21.79 27.57 26.23
N ASP C 80 -21.91 26.75 27.25
CA ASP C 80 -23.09 26.76 28.13
C ASP C 80 -22.99 27.94 29.10
N THR C 81 -23.86 28.92 28.91
CA THR C 81 -23.95 30.17 29.69
C THR C 81 -25.14 30.16 30.66
N ASP C 82 -25.81 29.01 30.86
CA ASP C 82 -27.02 28.94 31.68
C ASP C 82 -28.07 29.99 31.23
N PRO C 83 -28.47 30.02 29.94
CA PRO C 83 -29.35 31.10 29.50
C PRO C 83 -30.70 31.12 30.23
N ALA C 84 -31.25 32.32 30.41
CA ALA C 84 -32.50 32.54 31.12
C ALA C 84 -33.39 33.56 30.40
N VAL C 85 -34.70 33.47 30.67
CA VAL C 85 -35.73 34.39 30.21
C VAL C 85 -36.35 34.93 31.50
N ASN C 86 -36.20 36.25 31.75
CA ASN C 86 -36.65 36.89 32.99
C ASN C 86 -36.20 36.08 34.24
N GLY C 87 -34.93 35.69 34.27
CA GLY C 87 -34.34 34.91 35.36
C GLY C 87 -34.61 33.42 35.40
N ILE C 88 -35.54 32.91 34.55
CA ILE C 88 -35.87 31.47 34.56
C ILE C 88 -35.01 30.75 33.51
N PRO C 89 -34.15 29.80 33.94
CA PRO C 89 -33.26 29.11 32.98
C PRO C 89 -33.99 28.26 31.98
N PHE C 90 -33.42 28.11 30.77
CA PHE C 90 -34.08 27.29 29.74
C PHE C 90 -33.20 26.23 29.08
N GLY C 91 -31.91 26.26 29.31
CA GLY C 91 -31.10 25.19 28.71
C GLY C 91 -30.47 25.48 27.37
N THR C 92 -29.18 25.20 27.27
CA THR C 92 -28.41 25.34 26.04
C THR C 92 -28.85 24.17 25.10
N ASN C 93 -28.79 24.38 23.78
CA ASN C 93 -29.13 23.40 22.74
C ASN C 93 -30.59 23.00 22.71
N SER C 94 -31.48 23.91 23.05
CA SER C 94 -32.91 23.60 23.01
C SER C 94 -33.68 24.80 22.53
N ILE C 95 -34.77 24.58 21.82
CA ILE C 95 -35.64 25.65 21.38
C ILE C 95 -36.41 26.20 22.59
N HIS C 96 -36.55 27.53 22.65
CA HIS C 96 -37.31 28.21 23.70
C HIS C 96 -38.17 29.28 23.08
N HIS C 97 -39.41 29.35 23.50
CA HIS C 97 -40.37 30.34 23.05
C HIS C 97 -40.32 31.53 24.01
N VAL C 98 -40.07 32.73 23.48
CA VAL C 98 -39.97 33.98 24.26
C VAL C 98 -41.15 34.89 23.89
N HIS C 99 -41.78 35.48 24.87
CA HIS C 99 -42.93 36.36 24.65
C HIS C 99 -42.48 37.80 24.50
N ASP C 100 -43.31 38.59 23.84
CA ASP C 100 -43.15 40.03 23.65
C ASP C 100 -42.91 40.68 25.05
N GLY C 101 -41.82 41.43 25.17
CA GLY C 101 -41.47 42.12 26.40
C GLY C 101 -40.46 41.43 27.29
N GLN C 102 -40.24 40.12 27.07
CA GLN C 102 -39.33 39.35 27.90
C GLN C 102 -37.86 39.58 27.58
N VAL C 103 -37.01 39.33 28.57
CA VAL C 103 -35.57 39.51 28.43
C VAL C 103 -34.84 38.16 28.34
N ILE C 104 -34.10 37.94 27.22
CA ILE C 104 -33.24 36.78 27.03
C ILE C 104 -31.90 37.23 27.63
N SER C 105 -31.35 36.42 28.52
CA SER C 105 -30.10 36.72 29.19
C SER C 105 -29.12 35.55 29.22
N LEU C 106 -27.93 35.70 28.62
CA LEU C 106 -26.94 34.65 28.75
C LEU C 106 -25.99 34.98 29.89
N GLY C 107 -25.64 33.96 30.66
CA GLY C 107 -24.71 34.09 31.77
C GLY C 107 -23.29 33.95 31.28
N ALA C 108 -22.39 33.46 32.14
CA ALA C 108 -20.98 33.33 31.82
C ALA C 108 -20.56 31.86 31.81
N PRO C 109 -19.93 31.38 30.74
CA PRO C 109 -19.55 29.96 30.71
C PRO C 109 -18.29 29.67 31.51
N HIS C 110 -18.09 28.42 31.97
CA HIS C 110 -16.81 28.09 32.61
C HIS C 110 -15.94 27.34 31.62
N SER C 111 -16.57 26.66 30.67
CA SER C 111 -15.96 25.81 29.65
C SER C 111 -16.42 26.35 28.28
N GLY C 112 -15.49 26.50 27.35
CA GLY C 112 -15.85 27.08 26.05
C GLY C 112 -15.84 28.59 26.10
N LEU C 113 -15.96 29.21 24.92
CA LEU C 113 -15.85 30.67 24.80
C LEU C 113 -17.00 31.38 24.06
N ARG C 114 -17.49 30.75 23.00
CA ARG C 114 -18.48 31.32 22.11
C ARG C 114 -19.82 30.60 22.12
N SER C 115 -20.87 31.40 22.22
CA SER C 115 -22.27 30.94 22.24
C SER C 115 -22.97 31.59 21.07
N TYR C 116 -23.97 30.91 20.55
CA TYR C 116 -24.73 31.34 19.38
C TYR C 116 -26.16 31.47 19.70
N LEU C 117 -26.67 32.68 19.55
CA LEU C 117 -28.09 32.93 19.79
C LEU C 117 -28.76 32.99 18.45
N ALA C 118 -29.66 32.03 18.19
CA ALA C 118 -30.43 32.03 16.96
C ALA C 118 -31.84 32.42 17.29
N VAL C 119 -32.52 33.05 16.32
CA VAL C 119 -33.91 33.45 16.44
C VAL C 119 -34.60 33.04 15.16
N ARG C 120 -35.79 32.47 15.25
CA ARG C 120 -36.53 32.08 14.06
C ARG C 120 -36.84 33.34 13.21
N GLY C 121 -36.40 33.30 11.95
CA GLY C 121 -36.47 34.39 11.00
C GLY C 121 -35.09 34.99 10.79
N GLY C 122 -34.19 34.74 11.74
CA GLY C 122 -32.80 35.23 11.73
C GLY C 122 -32.66 36.69 12.10
N ILE C 123 -31.43 37.12 12.40
CA ILE C 123 -31.06 38.52 12.69
C ILE C 123 -31.02 39.18 11.32
N ASP C 124 -32.07 39.93 11.02
CA ASP C 124 -32.28 40.52 9.70
C ASP C 124 -31.64 41.87 9.46
N VAL C 125 -30.35 42.02 9.81
CA VAL C 125 -29.60 43.25 9.54
C VAL C 125 -29.23 43.28 8.04
N THR C 126 -28.88 44.43 7.49
CA THR C 126 -28.52 44.53 6.09
C THR C 126 -27.24 43.73 5.75
N PRO C 127 -27.28 42.86 4.71
CA PRO C 127 -26.05 42.13 4.32
C PRO C 127 -25.01 43.08 3.68
N VAL C 128 -23.73 42.74 3.84
CA VAL C 128 -22.59 43.49 3.26
C VAL C 128 -21.80 42.46 2.50
N LEU C 129 -21.69 42.63 1.17
CA LEU C 129 -21.02 41.70 0.23
C LEU C 129 -21.63 40.29 0.36
N GLY C 130 -22.97 40.27 0.42
CA GLY C 130 -23.81 39.06 0.51
C GLY C 130 -23.76 38.30 1.82
N SER C 131 -23.21 38.91 2.88
CA SER C 131 -23.13 38.27 4.19
C SER C 131 -23.44 39.24 5.32
N ARG C 132 -24.03 38.71 6.39
CA ARG C 132 -24.34 39.49 7.60
C ARG C 132 -23.25 39.29 8.66
N SER C 133 -22.13 38.71 8.28
CA SER C 133 -21.00 38.47 9.16
C SER C 133 -20.14 39.72 9.34
N TYR C 134 -19.72 39.98 10.57
CA TYR C 134 -18.79 41.04 10.84
C TYR C 134 -17.38 40.45 10.79
N ASP C 135 -16.48 41.14 10.07
CA ASP C 135 -15.07 40.78 9.87
C ASP C 135 -14.29 41.77 10.71
N VAL C 136 -13.75 41.24 11.77
CA VAL C 136 -13.01 41.93 12.83
C VAL C 136 -11.77 42.69 12.33
N SER C 138 -11.00 43.62 8.81
CA SER C 138 -11.30 44.59 7.78
C SER C 138 -12.44 45.54 8.18
N ALA C 139 -13.17 45.19 9.27
CA ALA C 139 -14.34 45.95 9.77
C ALA C 139 -15.51 45.95 8.76
N ILE C 140 -15.57 44.91 7.90
CA ILE C 140 -16.63 44.72 6.93
C ILE C 140 -17.76 43.93 7.60
N GLY C 141 -18.99 44.41 7.41
CA GLY C 141 -20.22 43.78 7.85
C GLY C 141 -20.89 44.59 8.94
N PRO C 142 -21.99 44.05 9.54
CA PRO C 142 -22.68 44.78 10.63
C PRO C 142 -21.76 45.00 11.82
N SER C 143 -21.70 46.24 12.33
CA SER C 143 -20.83 46.64 13.44
C SER C 143 -21.00 45.77 14.69
N PRO C 144 -19.92 45.56 15.48
CA PRO C 144 -20.09 44.87 16.78
C PRO C 144 -21.26 45.51 17.57
N LEU C 145 -22.12 44.67 18.12
CA LEU C 145 -23.30 45.12 18.86
C LEU C 145 -22.95 45.98 20.09
N ARG C 146 -23.85 46.98 20.36
CA ARG C 146 -23.72 47.91 21.48
C ARG C 146 -25.06 47.95 22.22
N PRO C 147 -25.05 48.28 23.54
CA PRO C 147 -26.34 48.49 24.23
C PRO C 147 -27.12 49.58 23.52
N GLY C 148 -28.43 49.38 23.35
CA GLY C 148 -29.28 50.33 22.64
C GLY C 148 -29.59 49.93 21.21
N ASP C 149 -28.80 49.00 20.61
CA ASP C 149 -29.04 48.52 19.25
C ASP C 149 -30.35 47.74 19.23
N VAL C 150 -31.13 47.99 18.19
CA VAL C 150 -32.40 47.32 17.92
C VAL C 150 -32.21 46.50 16.64
N LEU C 151 -32.28 45.20 16.78
CA LEU C 151 -32.06 44.25 15.70
C LEU C 151 -33.37 43.72 15.15
N PRO C 152 -33.60 43.79 13.83
CA PRO C 152 -34.85 43.21 13.29
C PRO C 152 -34.79 41.70 13.22
N VAL C 153 -35.95 41.06 13.43
CA VAL C 153 -36.09 39.61 13.30
C VAL C 153 -36.75 39.42 11.94
N GLY C 154 -36.18 38.56 11.10
CA GLY C 154 -36.71 38.30 9.76
C GLY C 154 -38.07 37.64 9.72
N GLU C 155 -38.73 37.68 8.56
CA GLU C 155 -40.03 37.06 8.37
C GLU C 155 -39.93 35.54 8.49
N HIS C 156 -40.98 34.94 9.07
CA HIS C 156 -41.05 33.49 9.26
C HIS C 156 -42.49 33.05 9.51
N THR C 157 -42.74 31.75 9.31
CA THR C 157 -44.01 31.11 9.63
C THR C 157 -43.90 30.74 11.13
N ASP C 158 -44.98 30.90 11.92
CA ASP C 158 -44.94 30.62 13.37
C ASP C 158 -44.87 29.12 13.67
N GLU C 159 -45.54 28.32 12.85
CA GLU C 159 -45.58 26.87 12.95
C GLU C 159 -44.35 26.27 12.25
N PHE C 160 -43.71 25.27 12.88
CA PHE C 160 -42.55 24.54 12.35
C PHE C 160 -42.30 23.20 13.12
N PRO C 161 -41.65 22.17 12.52
CA PRO C 161 -41.40 20.93 13.28
C PRO C 161 -40.13 21.01 14.13
N GLU C 162 -40.28 20.84 15.46
CA GLU C 162 -39.20 20.84 16.46
C GLU C 162 -38.60 19.40 16.45
N LEU C 163 -37.74 19.12 15.43
CA LEU C 163 -37.07 17.85 15.17
C LEU C 163 -36.11 17.41 16.29
N ASP C 164 -35.95 16.07 16.43
CA ASP C 164 -35.04 15.44 17.38
C ASP C 164 -33.60 15.61 16.84
N GLN C 165 -32.73 16.26 17.62
CA GLN C 165 -31.36 16.54 17.17
C GLN C 165 -30.31 15.60 17.78
N ALA C 166 -29.19 15.40 17.05
CA ALA C 166 -28.05 14.57 17.47
C ALA C 166 -27.42 15.14 18.74
N PRO C 167 -27.01 14.28 19.73
CA PRO C 167 -26.38 14.82 20.95
C PRO C 167 -25.14 15.67 20.68
N VAL C 168 -24.86 16.58 21.62
CA VAL C 168 -23.74 17.52 21.49
C VAL C 168 -22.54 17.10 22.32
N ALA C 169 -21.36 16.99 21.65
CA ALA C 169 -20.11 16.68 22.34
C ALA C 169 -19.72 17.87 23.25
N ALA C 170 -19.35 17.58 24.53
CA ALA C 170 -18.92 18.61 25.48
C ALA C 170 -17.61 19.23 25.02
N ILE C 171 -17.42 20.49 25.38
CA ILE C 171 -16.27 21.29 25.03
C ILE C 171 -15.14 20.93 25.99
N ALA C 172 -13.92 20.73 25.47
CA ALA C 172 -12.71 20.46 26.28
C ALA C 172 -12.52 21.55 27.33
N GLU C 173 -12.42 21.17 28.62
CA GLU C 173 -12.25 22.12 29.74
C GLU C 173 -10.80 22.50 29.94
N ASP C 174 -9.85 21.54 29.77
CA ASP C 174 -8.45 21.92 29.91
C ASP C 174 -7.63 21.80 28.66
N VAL C 175 -6.86 20.70 28.49
CA VAL C 175 -6.03 20.48 27.31
C VAL C 175 -6.87 20.19 26.08
N VAL C 176 -6.60 20.92 24.99
CA VAL C 176 -7.25 20.77 23.71
C VAL C 176 -6.24 20.09 22.80
N GLU C 177 -6.60 18.92 22.27
CA GLU C 177 -5.74 18.13 21.38
C GLU C 177 -6.19 18.42 19.96
N LEU C 178 -5.27 18.80 19.08
CA LEU C 178 -5.59 19.14 17.68
C LEU C 178 -4.74 18.35 16.71
N GLN C 179 -5.38 17.87 15.62
CA GLN C 179 -4.70 17.15 14.53
C GLN C 179 -4.27 18.20 13.53
N VAL C 180 -3.02 18.06 13.06
CA VAL C 180 -2.39 19.02 12.17
C VAL C 180 -1.80 18.31 10.97
N VAL C 181 -2.16 18.77 9.77
CA VAL C 181 -1.58 18.26 8.54
C VAL C 181 -0.22 18.99 8.41
N PRO C 182 0.91 18.26 8.38
CA PRO C 182 2.22 18.94 8.30
C PRO C 182 2.42 19.73 7.02
N GLY C 183 3.07 20.88 7.14
CA GLY C 183 3.40 21.68 5.96
C GLY C 183 2.41 22.77 5.62
N PRO C 184 2.65 23.52 4.54
CA PRO C 184 3.68 23.32 3.50
C PRO C 184 5.11 23.76 3.79
N ARG C 185 5.33 24.61 4.82
CA ARG C 185 6.67 25.16 5.12
C ARG C 185 7.33 24.60 6.37
N ASP C 186 7.07 23.34 6.72
CA ASP C 186 7.71 22.73 7.89
C ASP C 186 9.26 22.63 7.72
N ASP C 187 9.75 22.62 6.46
CA ASP C 187 11.17 22.57 6.08
C ASP C 187 11.92 23.86 6.48
N TRP C 188 11.19 24.95 6.81
CA TRP C 188 11.76 26.25 7.22
C TRP C 188 12.31 26.25 8.65
N PHE C 189 11.94 25.23 9.44
CA PHE C 189 12.26 25.14 10.86
C PHE C 189 13.34 24.17 11.19
N VAL C 190 14.19 24.55 12.16
CA VAL C 190 15.32 23.75 12.64
C VAL C 190 14.80 22.40 13.16
N ASP C 191 13.78 22.45 14.02
CA ASP C 191 13.15 21.27 14.59
C ASP C 191 11.63 21.45 14.59
N PRO C 192 10.93 21.11 13.47
CA PRO C 192 9.47 21.29 13.44
C PRO C 192 8.68 20.40 14.40
N ASP C 193 9.28 19.27 14.87
CA ASP C 193 8.61 18.39 15.83
C ASP C 193 8.37 19.03 17.20
N ILE C 194 9.04 20.18 17.50
CA ILE C 194 8.78 21.00 18.71
C ILE C 194 7.28 21.31 18.71
N LEU C 195 6.68 21.54 17.52
CA LEU C 195 5.25 21.84 17.43
C LEU C 195 4.37 20.83 18.15
N VAL C 196 4.71 19.55 17.98
CA VAL C 196 3.94 18.42 18.48
C VAL C 196 4.40 17.81 19.81
N ARG C 197 5.31 18.46 20.53
CA ARG C 197 5.78 18.00 21.84
C ARG C 197 5.77 19.11 22.89
N THR C 198 5.12 20.24 22.57
CA THR C 198 5.05 21.41 23.42
C THR C 198 3.64 21.64 23.95
N ASN C 199 3.53 22.03 25.22
CA ASN C 199 2.25 22.43 25.83
C ASN C 199 2.14 23.91 25.52
N TRP C 200 1.40 24.24 24.48
CA TRP C 200 1.22 25.62 24.04
C TRP C 200 0.17 26.31 24.85
N LEU C 201 0.48 27.52 25.36
CA LEU C 201 -0.49 28.30 26.10
C LEU C 201 -1.20 29.31 25.20
N VAL C 202 -2.51 29.43 25.33
CA VAL C 202 -3.33 30.39 24.56
C VAL C 202 -3.36 31.75 25.26
N THR C 203 -2.95 32.81 24.55
CA THR C 203 -2.92 34.13 25.16
C THR C 203 -4.26 34.87 24.99
N ASN C 204 -4.43 35.96 25.76
CA ASN C 204 -5.55 36.92 25.74
C ASN C 204 -5.52 37.80 24.46
N ARG C 205 -4.46 37.71 23.63
CA ARG C 205 -4.37 38.46 22.38
C ARG C 205 -5.08 37.72 21.22
N SER C 206 -5.54 36.48 21.48
CA SER C 206 -6.30 35.65 20.54
C SER C 206 -7.60 36.34 20.18
N ASP C 207 -8.00 36.23 18.93
CA ASP C 207 -9.23 36.82 18.42
C ASP C 207 -9.61 36.03 17.18
N ARG C 208 -10.60 36.53 16.41
CA ARG C 208 -11.07 35.90 15.17
C ARG C 208 -10.07 36.01 14.02
N VAL C 209 -9.00 36.79 14.16
CA VAL C 209 -7.96 36.86 13.14
C VAL C 209 -7.03 35.65 13.37
N GLY C 210 -6.72 35.35 14.64
CA GLY C 210 -5.93 34.18 14.99
C GLY C 210 -5.77 33.92 16.47
N ARG C 212 -3.28 33.10 19.41
CA ARG C 212 -1.85 33.22 19.68
C ARG C 212 -1.41 32.21 20.72
N LEU C 213 -0.40 31.40 20.39
CA LEU C 213 0.16 30.40 21.30
C LEU C 213 1.55 30.81 21.76
N VAL C 214 1.92 30.46 23.00
CA VAL C 214 3.24 30.72 23.57
C VAL C 214 3.81 29.46 24.16
N GLY C 215 5.09 29.31 24.02
CA GLY C 215 5.87 28.18 24.50
C GLY C 215 7.25 28.26 23.90
N PRO C 217 9.95 28.67 21.56
CA PRO C 217 9.89 29.19 20.18
C PRO C 217 10.44 28.24 19.12
N LEU C 218 9.78 28.23 17.96
CA LEU C 218 10.19 27.47 16.79
C LEU C 218 11.27 28.31 16.11
N GLU C 219 12.51 27.80 16.03
CA GLU C 219 13.49 28.62 15.34
C GLU C 219 13.53 28.31 13.84
N TYR C 220 13.73 29.37 13.05
CA TYR C 220 13.88 29.29 11.59
C TYR C 220 15.31 28.78 11.29
N ARG C 221 15.46 28.04 10.18
CA ARG C 221 16.77 27.59 9.68
C ARG C 221 17.53 28.83 9.19
N ASN C 222 16.82 29.72 8.44
CA ASN C 222 17.33 30.98 7.90
C ASN C 222 16.45 32.11 8.42
N PRO C 223 16.81 32.71 9.59
CA PRO C 223 15.94 33.71 10.22
C PRO C 223 15.60 34.99 9.44
N ASP C 224 16.42 35.35 8.49
CA ASP C 224 16.19 36.54 7.70
C ASP C 224 15.38 36.27 6.43
N ARG C 225 15.11 34.96 6.14
CA ARG C 225 14.38 34.52 4.94
C ARG C 225 12.94 35.04 4.92
N GLN C 226 12.57 35.65 3.79
CA GLN C 226 11.24 36.18 3.58
C GLN C 226 10.48 35.29 2.62
N LEU C 227 9.29 34.95 3.05
CA LEU C 227 8.38 34.13 2.28
C LEU C 227 7.53 35.06 1.42
N PRO C 228 7.46 34.82 0.08
CA PRO C 228 6.54 35.63 -0.76
C PRO C 228 5.12 35.38 -0.26
N SER C 229 4.28 36.42 -0.22
CA SER C 229 2.91 36.33 0.26
C SER C 229 2.14 35.19 -0.39
N GLU C 230 1.40 34.42 0.43
CA GLU C 230 0.60 33.32 -0.04
C GLU C 230 -0.75 33.24 0.62
N GLY C 231 -1.71 32.70 -0.15
CA GLY C 231 -3.07 32.47 0.32
C GLY C 231 -3.08 31.65 1.59
N ALA C 232 -3.96 32.00 2.52
CA ALA C 232 -4.07 31.30 3.79
C ALA C 232 -5.48 30.80 3.97
N THR C 233 -5.71 29.94 4.98
CA THR C 233 -7.06 29.43 5.34
C THR C 233 -7.14 29.44 6.84
N ARG C 234 -8.38 29.36 7.38
CA ARG C 234 -8.51 29.23 8.82
C ARG C 234 -7.94 27.86 9.21
N GLY C 235 -7.32 27.81 10.38
CA GLY C 235 -6.68 26.60 10.86
C GLY C 235 -5.23 26.52 10.46
N ALA C 236 -4.76 27.43 9.58
CA ALA C 236 -3.34 27.39 9.19
C ALA C 236 -2.51 27.91 10.36
N ILE C 237 -1.40 27.22 10.65
CA ILE C 237 -0.48 27.56 11.73
C ILE C 237 0.72 28.33 11.17
N GLN C 238 0.68 29.66 11.29
CA GLN C 238 1.76 30.57 10.86
C GLN C 238 2.80 30.63 11.97
N VAL C 239 4.06 30.77 11.59
CA VAL C 239 5.12 30.92 12.57
C VAL C 239 5.87 32.23 12.29
N PRO C 240 5.46 33.35 12.97
CA PRO C 240 6.17 34.63 12.78
C PRO C 240 7.61 34.55 13.28
N PRO C 241 8.47 35.56 12.99
CA PRO C 241 9.90 35.47 13.40
C PRO C 241 10.21 35.18 14.87
N ASN C 242 9.29 35.56 15.80
CA ASN C 242 9.44 35.31 17.24
C ASN C 242 9.31 33.80 17.61
N GLY C 243 8.81 32.99 16.69
CA GLY C 243 8.68 31.55 16.85
C GLY C 243 7.45 31.09 17.61
N PHE C 244 6.51 32.04 17.89
CA PHE C 244 5.27 31.72 18.60
C PHE C 244 4.18 31.48 17.59
N PRO C 245 3.64 30.24 17.50
CA PRO C 245 2.62 29.95 16.48
C PRO C 245 1.35 30.71 16.65
N VAL C 246 0.73 31.01 15.50
CA VAL C 246 -0.57 31.66 15.37
C VAL C 246 -1.47 30.72 14.54
N ILE C 247 -2.63 30.32 15.09
CA ILE C 247 -3.57 29.49 14.35
C ILE C 247 -4.61 30.43 13.79
N LEU C 248 -4.61 30.61 12.45
CA LEU C 248 -5.56 31.53 11.79
C LEU C 248 -7.02 31.21 12.01
N GLY C 249 -7.80 32.26 12.30
CA GLY C 249 -9.24 32.17 12.56
C GLY C 249 -10.08 32.54 11.36
N PRO C 250 -11.42 32.74 11.51
CA PRO C 250 -12.25 33.08 10.33
C PRO C 250 -11.95 34.42 9.69
N ASP C 251 -11.35 35.34 10.44
CA ASP C 251 -11.09 36.71 9.97
C ASP C 251 -9.66 36.98 9.50
N HIS C 252 -8.88 35.89 9.33
CA HIS C 252 -7.48 35.93 8.85
C HIS C 252 -7.44 36.71 7.52
N PRO C 253 -6.36 37.43 7.19
CA PRO C 253 -6.34 38.11 5.87
C PRO C 253 -6.23 37.07 4.73
N VAL C 254 -6.67 37.43 3.50
CA VAL C 254 -6.63 36.48 2.37
C VAL C 254 -5.24 35.89 2.08
N THR C 255 -4.20 36.71 2.20
CA THR C 255 -2.81 36.28 2.03
C THR C 255 -1.99 36.66 3.26
N GLY C 256 -0.93 35.91 3.50
CA GLY C 256 -0.03 36.14 4.61
C GLY C 256 1.41 35.98 4.22
N GLY C 257 2.31 36.54 5.01
CA GLY C 257 3.74 36.49 4.74
C GLY C 257 4.56 35.62 5.68
N TYR C 258 3.92 34.85 6.58
CA TYR C 258 4.64 33.97 7.50
C TYR C 258 4.60 32.52 7.05
N PRO C 259 5.72 31.76 7.21
CA PRO C 259 5.69 30.33 6.84
C PRO C 259 4.67 29.56 7.67
N VAL C 260 3.87 28.72 7.00
CA VAL C 260 2.88 27.87 7.63
C VAL C 260 3.52 26.48 7.92
N ILE C 261 3.66 26.13 9.22
CA ILE C 261 4.28 24.86 9.64
C ILE C 261 3.33 23.66 9.45
N GLY C 262 2.03 23.91 9.61
CA GLY C 262 0.98 22.92 9.49
C GLY C 262 -0.40 23.57 9.44
N VAL C 263 -1.41 22.79 9.07
CA VAL C 263 -2.78 23.30 9.00
C VAL C 263 -3.68 22.31 9.77
N VAL C 264 -4.49 22.83 10.69
CA VAL C 264 -5.41 22.03 11.49
C VAL C 264 -6.39 21.33 10.51
N THR C 265 -6.67 20.02 10.73
CA THR C 265 -7.65 19.29 9.91
C THR C 265 -9.05 19.91 10.07
N GLU C 266 -9.94 19.66 9.10
CA GLU C 266 -11.30 20.17 9.07
C GLU C 266 -12.11 19.81 10.31
N GLU C 267 -12.06 18.55 10.72
CA GLU C 267 -12.77 18.01 11.88
C GLU C 267 -12.48 18.80 13.18
N ASP C 268 -11.22 19.26 13.37
CA ASP C 268 -10.81 20.00 14.58
C ASP C 268 -10.88 21.54 14.43
N ILE C 269 -11.24 22.05 13.27
CA ILE C 269 -11.29 23.50 13.10
C ILE C 269 -12.30 24.27 14.00
N ASP C 270 -13.50 23.71 14.25
CA ASP C 270 -14.49 24.37 15.12
C ASP C 270 -14.12 24.39 16.59
N LYS C 271 -13.33 23.39 17.05
CA LYS C 271 -12.78 23.29 18.41
C LYS C 271 -12.04 24.59 18.74
N LEU C 272 -11.35 25.18 17.75
CA LEU C 272 -10.59 26.43 17.94
C LEU C 272 -11.45 27.57 18.42
N GLY C 273 -12.72 27.60 17.98
CA GLY C 273 -13.67 28.65 18.36
C GLY C 273 -14.12 28.57 19.81
N GLN C 274 -13.74 27.48 20.52
CA GLN C 274 -14.10 27.23 21.91
C GLN C 274 -12.92 27.19 22.88
N VAL C 275 -11.71 27.55 22.42
CA VAL C 275 -10.51 27.53 23.27
C VAL C 275 -10.42 28.89 23.98
N ARG C 276 -10.37 28.85 25.30
CA ARG C 276 -10.31 30.04 26.14
C ARG C 276 -8.84 30.48 26.37
N PRO C 277 -8.57 31.81 26.51
CA PRO C 277 -7.21 32.24 26.90
C PRO C 277 -6.79 31.55 28.21
N GLY C 278 -5.52 31.12 28.29
CA GLY C 278 -5.07 30.43 29.49
C GLY C 278 -5.08 28.92 29.41
N GLN C 279 -5.82 28.35 28.44
CA GLN C 279 -5.88 26.91 28.16
C GLN C 279 -4.61 26.46 27.42
N THR C 280 -4.36 25.16 27.48
CA THR C 280 -3.22 24.50 26.85
C THR C 280 -3.70 23.81 25.60
N VAL C 281 -2.93 23.97 24.51
CA VAL C 281 -3.17 23.35 23.24
C VAL C 281 -2.02 22.37 22.96
N ARG C 282 -2.36 21.13 22.59
CA ARG C 282 -1.39 20.10 22.20
C ARG C 282 -1.67 19.75 20.76
N LEU C 283 -0.63 19.78 19.92
CA LEU C 283 -0.76 19.51 18.50
C LEU C 283 -0.20 18.15 18.17
N HIS C 284 -0.80 17.50 17.18
CA HIS C 284 -0.34 16.17 16.73
C HIS C 284 -0.39 16.10 15.21
N TRP C 285 0.65 15.55 14.58
CA TRP C 285 0.64 15.35 13.13
C TRP C 285 -0.50 14.39 12.72
N ALA C 286 -1.32 14.77 11.72
CA ALA C 286 -2.44 13.96 11.21
C ALA C 286 -1.88 12.69 10.57
N TYR C 287 -0.70 12.82 9.94
CA TYR C 287 0.06 11.74 9.33
C TYR C 287 1.55 12.14 9.40
N PRO C 288 2.51 11.20 9.37
CA PRO C 288 3.94 11.60 9.47
C PRO C 288 4.41 12.58 8.39
N ARG C 289 5.37 13.44 8.74
CA ARG C 289 5.97 14.35 7.75
C ARG C 289 7.24 13.71 7.21
N ARG C 290 7.57 14.00 5.95
CA ARG C 290 8.76 13.46 5.28
C ARG C 290 9.34 14.42 4.22
N PRO C 291 10.66 14.34 3.85
CA PRO C 291 11.19 15.25 2.81
C PRO C 291 10.91 14.78 1.38
N SER D 19 2.59 23.13 -20.66
CA SER D 19 3.31 22.71 -19.45
C SER D 19 2.37 22.16 -18.34
N THR D 20 2.93 21.34 -17.44
CA THR D 20 2.22 20.74 -16.31
C THR D 20 2.60 21.41 -15.01
N LEU D 21 1.92 21.02 -13.95
CA LEU D 21 2.13 21.54 -12.62
C LEU D 21 3.44 21.06 -12.00
N GLY D 22 3.96 21.86 -11.07
CA GLY D 22 5.14 21.51 -10.29
C GLY D 22 4.68 20.88 -8.99
N THR D 23 5.18 21.41 -7.86
CA THR D 23 4.83 20.99 -6.50
C THR D 23 3.37 21.37 -6.20
N VAL D 24 2.63 20.41 -5.65
CA VAL D 24 1.25 20.55 -5.19
C VAL D 24 1.24 20.06 -3.76
N HIS D 25 1.25 20.99 -2.81
CA HIS D 25 1.20 20.66 -1.39
C HIS D 25 -0.22 20.47 -0.96
N ASN D 26 -0.44 19.57 0.00
CA ASN D 26 -1.70 19.46 0.71
C ASN D 26 -1.62 20.67 1.66
N TYR D 27 -2.66 21.48 1.70
CA TYR D 27 -2.73 22.64 2.61
C TYR D 27 -3.87 22.29 3.55
N GLY D 28 -3.53 21.56 4.60
CA GLY D 28 -4.55 20.99 5.46
C GLY D 28 -5.22 19.83 4.73
N ASP D 29 -6.47 19.52 5.09
CA ASP D 29 -7.14 18.41 4.43
C ASP D 29 -8.21 18.82 3.43
N GLN D 30 -8.37 20.13 3.22
CA GLN D 30 -9.35 20.60 2.26
C GLN D 30 -8.89 21.77 1.42
N ALA D 31 -7.58 21.80 1.13
CA ALA D 31 -7.01 22.83 0.25
C ALA D 31 -5.71 22.31 -0.34
N LEU D 32 -5.28 22.93 -1.44
CA LEU D 32 -4.06 22.56 -2.14
C LEU D 32 -3.28 23.82 -2.46
N LEU D 33 -1.97 23.80 -2.25
CA LEU D 33 -1.11 24.94 -2.53
C LEU D 33 -0.18 24.56 -3.68
N LEU D 34 -0.39 25.21 -4.83
CA LEU D 34 0.38 25.00 -6.06
C LEU D 34 1.52 25.98 -6.11
N GLU D 35 2.74 25.50 -6.32
CA GLU D 35 3.96 26.29 -6.37
C GLU D 35 4.34 26.66 -7.81
N PHE D 36 4.78 27.93 -8.07
CA PHE D 36 5.21 28.48 -9.38
C PHE D 36 6.46 29.35 -9.26
N ASP D 37 7.20 29.51 -10.35
CA ASP D 37 8.44 30.27 -10.38
C ASP D 37 8.24 31.76 -10.64
N SER D 38 7.03 32.16 -11.03
CA SER D 38 6.73 33.55 -11.37
C SER D 38 5.26 33.86 -11.15
N THR D 39 4.96 35.16 -11.01
CA THR D 39 3.61 35.69 -10.85
C THR D 39 2.82 35.49 -12.16
N ALA D 40 3.50 35.60 -13.32
CA ALA D 40 2.89 35.40 -14.64
C ALA D 40 2.31 33.99 -14.76
N GLU D 41 3.00 32.97 -14.21
CA GLU D 41 2.55 31.57 -14.21
C GLU D 41 1.41 31.40 -13.28
N VAL D 42 1.45 32.11 -12.15
CA VAL D 42 0.39 32.04 -11.13
C VAL D 42 -0.92 32.53 -11.81
N LEU D 43 -0.85 33.67 -12.50
CA LEU D 43 -2.00 34.26 -13.20
C LEU D 43 -2.49 33.38 -14.36
N ALA D 44 -1.59 32.68 -15.11
CA ALA D 44 -2.01 31.75 -16.19
C ALA D 44 -2.69 30.46 -15.66
N TRP D 45 -2.14 29.87 -14.58
CA TRP D 45 -2.72 28.68 -13.97
C TRP D 45 -4.02 29.00 -13.24
N THR D 46 -4.17 30.26 -12.73
CA THR D 46 -5.41 30.73 -12.11
C THR D 46 -6.52 30.65 -13.14
N GLU D 47 -6.28 31.18 -14.36
CA GLU D 47 -7.22 31.14 -15.46
C GLU D 47 -7.57 29.70 -15.85
N THR D 48 -6.55 28.82 -15.91
CA THR D 48 -6.69 27.40 -16.24
C THR D 48 -7.60 26.68 -15.21
N LEU D 49 -7.38 26.96 -13.93
CA LEU D 49 -8.14 26.39 -12.83
C LEU D 49 -9.57 26.92 -12.80
N ARG D 50 -9.75 28.23 -13.03
CA ARG D 50 -11.06 28.88 -13.11
C ARG D 50 -11.88 28.23 -14.25
N GLU D 51 -11.27 28.12 -15.44
CA GLU D 51 -11.88 27.53 -16.64
C GLU D 51 -12.19 26.05 -16.50
N ALA D 52 -11.43 25.33 -15.65
CA ALA D 52 -11.65 23.90 -15.42
C ALA D 52 -12.95 23.64 -14.63
N GLU D 53 -13.44 24.65 -13.86
CA GLU D 53 -14.67 24.60 -13.05
C GLU D 53 -14.75 23.29 -12.24
N LEU D 54 -13.70 23.03 -11.47
CA LEU D 54 -13.53 21.84 -10.66
C LEU D 54 -14.56 21.71 -9.58
N LEU D 55 -15.04 20.50 -9.39
CA LEU D 55 -16.05 20.16 -8.38
C LEU D 55 -15.48 20.36 -6.96
N GLY D 56 -16.24 21.06 -6.13
CA GLY D 56 -15.89 21.34 -4.75
C GLY D 56 -14.98 22.52 -4.50
N VAL D 57 -14.59 23.26 -5.54
CA VAL D 57 -13.70 24.42 -5.40
C VAL D 57 -14.52 25.60 -4.86
N VAL D 58 -14.11 26.15 -3.72
CA VAL D 58 -14.78 27.27 -3.06
C VAL D 58 -14.13 28.61 -3.48
N ASP D 59 -12.81 28.61 -3.66
CA ASP D 59 -12.05 29.79 -4.06
C ASP D 59 -10.69 29.36 -4.60
N ILE D 60 -10.14 30.22 -5.48
CA ILE D 60 -8.83 30.11 -6.10
C ILE D 60 -8.09 31.39 -5.71
N VAL D 61 -7.04 31.24 -4.90
CA VAL D 61 -6.28 32.33 -4.35
C VAL D 61 -4.87 32.46 -4.97
N PRO D 62 -4.73 33.27 -6.03
CA PRO D 62 -3.39 33.52 -6.56
C PRO D 62 -2.59 34.40 -5.58
N ALA D 63 -1.26 34.24 -5.56
CA ALA D 63 -0.37 35.02 -4.68
C ALA D 63 0.98 35.18 -5.37
N ALA D 64 2.03 35.67 -4.68
CA ALA D 64 3.30 35.94 -5.34
C ALA D 64 3.90 34.78 -6.13
N ARG D 65 3.96 33.58 -5.53
CA ARG D 65 4.56 32.41 -6.17
C ARG D 65 3.73 31.13 -6.04
N THR D 66 2.46 31.28 -5.70
CA THR D 66 1.62 30.13 -5.47
C THR D 66 0.18 30.41 -5.86
N VAL D 67 -0.63 29.34 -5.90
CA VAL D 67 -2.07 29.39 -6.08
C VAL D 67 -2.63 28.45 -5.01
N LEU D 68 -3.52 28.97 -4.17
CA LEU D 68 -4.20 28.22 -3.13
C LEU D 68 -5.58 27.88 -3.68
N VAL D 69 -5.89 26.58 -3.80
CA VAL D 69 -7.19 26.08 -4.26
C VAL D 69 -7.94 25.64 -3.01
N LYS D 70 -8.96 26.40 -2.60
CA LYS D 70 -9.76 26.10 -1.40
C LYS D 70 -10.92 25.22 -1.79
N LEU D 71 -11.11 24.14 -1.04
CA LEU D 71 -12.14 23.14 -1.31
C LEU D 71 -13.22 23.12 -0.25
N ALA D 72 -14.42 22.65 -0.63
CA ALA D 72 -15.62 22.57 0.21
C ALA D 72 -15.54 21.55 1.34
N GLY D 73 -14.65 20.59 1.23
CA GLY D 73 -14.51 19.55 2.23
C GLY D 73 -13.36 18.61 1.96
N PRO D 74 -12.92 17.83 2.99
CA PRO D 74 -11.80 16.89 2.77
C PRO D 74 -11.99 15.88 1.65
N ARG D 75 -13.25 15.47 1.38
CA ARG D 75 -13.59 14.50 0.33
C ARG D 75 -13.08 14.90 -1.07
N TYR D 76 -12.98 16.22 -1.34
CA TYR D 76 -12.55 16.79 -2.62
C TYR D 76 -11.03 16.83 -2.82
N GLN D 77 -10.24 16.62 -1.77
CA GLN D 77 -8.78 16.73 -1.87
C GLN D 77 -8.10 15.80 -2.88
N ALA D 78 -8.25 14.46 -2.72
CA ALA D 78 -7.70 13.45 -3.65
C ALA D 78 -8.29 13.59 -5.08
N PRO D 79 -9.64 13.70 -5.27
CA PRO D 79 -10.18 13.87 -6.63
C PRO D 79 -9.65 15.14 -7.33
N THR D 80 -9.45 16.22 -6.57
CA THR D 80 -8.87 17.46 -7.12
C THR D 80 -7.42 17.24 -7.53
N ARG D 81 -6.62 16.59 -6.67
CA ARG D 81 -5.22 16.29 -6.98
C ARG D 81 -5.12 15.54 -8.28
N GLN D 82 -6.00 14.53 -8.49
CA GLN D 82 -6.07 13.71 -9.72
C GLN D 82 -6.39 14.58 -10.94
N ARG D 83 -7.49 15.38 -10.85
CA ARG D 83 -7.94 16.29 -11.92
C ARG D 83 -6.83 17.29 -12.30
N LEU D 84 -6.14 17.84 -11.29
CA LEU D 84 -5.03 18.79 -11.43
C LEU D 84 -3.89 18.24 -12.30
N GLY D 85 -3.63 16.94 -12.17
CA GLY D 85 -2.61 16.24 -12.94
C GLY D 85 -2.87 16.16 -14.43
N LYS D 86 -4.16 16.28 -14.82
CA LYS D 86 -4.59 16.21 -16.23
C LYS D 86 -4.70 17.61 -16.88
N LEU D 87 -4.55 18.67 -16.06
CA LEU D 87 -4.62 20.04 -16.53
C LEU D 87 -3.36 20.48 -17.25
N ARG D 88 -3.53 21.32 -18.29
CA ARG D 88 -2.45 21.92 -19.07
C ARG D 88 -2.67 23.42 -19.33
N VAL D 89 -1.58 24.21 -19.21
CA VAL D 89 -1.56 25.64 -19.47
C VAL D 89 -0.83 25.87 -20.78
N ARG D 90 -1.29 26.84 -21.59
CA ARG D 90 -0.58 27.10 -22.86
C ARG D 90 0.60 28.03 -22.55
N PRO D 91 1.78 27.87 -23.22
CA PRO D 91 2.90 28.80 -22.96
C PRO D 91 2.53 30.28 -23.15
N GLU D 92 1.70 30.58 -24.19
CA GLU D 92 1.19 31.91 -24.56
C GLU D 92 0.46 32.60 -23.41
N ALA D 93 -0.30 31.84 -22.59
CA ALA D 93 -1.05 32.35 -21.43
C ALA D 93 -0.15 32.97 -20.34
N ILE D 94 1.16 32.58 -20.30
CA ILE D 94 2.18 33.11 -19.39
C ILE D 94 2.70 34.37 -20.08
N THR D 95 2.15 35.54 -19.69
CA THR D 95 2.45 36.84 -20.28
C THR D 95 3.07 37.83 -19.29
N HIS D 96 3.99 38.69 -19.78
CA HIS D 96 4.68 39.71 -18.99
C HIS D 96 4.37 41.14 -19.43
N GLN D 97 3.71 41.27 -20.59
CA GLN D 97 3.24 42.52 -21.18
C GLN D 97 1.74 42.35 -21.53
N PRO D 98 0.90 43.43 -21.59
CA PRO D 98 -0.52 43.21 -21.92
C PRO D 98 -0.69 42.70 -23.36
N PRO D 99 -1.48 41.62 -23.59
CA PRO D 99 -1.66 41.11 -24.96
C PRO D 99 -2.44 42.11 -25.82
N GLY D 100 -1.74 42.65 -26.83
CA GLY D 100 -2.24 43.69 -27.73
C GLY D 100 -1.97 45.09 -27.18
N ASP D 101 -1.10 45.16 -26.14
CA ASP D 101 -0.69 46.35 -25.37
C ASP D 101 -1.84 47.08 -24.65
N ARG D 102 -3.08 46.57 -24.83
CA ARG D 102 -4.31 47.09 -24.24
C ARG D 102 -4.44 46.81 -22.75
N VAL D 103 -4.70 47.89 -22.00
CA VAL D 103 -4.87 47.92 -20.54
C VAL D 103 -6.37 47.87 -20.12
N ASP D 104 -6.65 47.40 -18.89
CA ASP D 104 -8.00 47.28 -18.35
C ASP D 104 -8.53 48.54 -17.69
N VAL D 105 -7.64 49.28 -16.98
CA VAL D 105 -8.00 50.49 -16.23
C VAL D 105 -6.82 51.48 -16.23
N THR D 106 -7.13 52.78 -16.21
CA THR D 106 -6.15 53.86 -16.14
C THR D 106 -6.38 54.62 -14.83
N ILE D 107 -5.33 54.71 -14.00
CA ILE D 107 -5.41 55.40 -12.70
C ILE D 107 -4.65 56.72 -12.81
N ASP D 108 -5.34 57.84 -12.53
CA ASP D 108 -4.74 59.17 -12.57
C ASP D 108 -4.12 59.48 -11.23
N VAL D 109 -2.81 59.80 -11.23
CA VAL D 109 -2.00 60.05 -10.04
C VAL D 109 -1.38 61.43 -10.03
N VAL D 110 -1.42 62.09 -8.86
CA VAL D 110 -0.74 63.36 -8.62
C VAL D 110 0.54 62.89 -7.93
N TYR D 111 1.70 63.09 -8.59
CA TYR D 111 2.98 62.65 -8.06
C TYR D 111 3.59 63.61 -7.03
N ASP D 112 2.94 63.69 -5.86
CA ASP D 112 3.32 64.55 -4.74
C ASP D 112 3.65 63.75 -3.47
N GLY D 113 4.01 62.49 -3.65
CA GLY D 113 4.34 61.57 -2.57
C GLY D 113 5.52 62.03 -1.73
N ALA D 114 5.46 61.70 -0.43
CA ALA D 114 6.45 62.02 0.59
C ALA D 114 7.85 61.46 0.30
N ASP D 115 7.91 60.29 -0.35
CA ASP D 115 9.15 59.58 -0.65
C ASP D 115 9.61 59.68 -2.11
N LEU D 116 8.94 60.52 -2.94
CA LEU D 116 9.32 60.69 -4.36
C LEU D 116 10.81 60.98 -4.56
N HIS D 117 11.35 61.97 -3.82
CA HIS D 117 12.77 62.35 -3.87
C HIS D 117 13.68 61.25 -3.33
N GLU D 118 13.21 60.47 -2.33
CA GLU D 118 13.96 59.35 -1.75
C GLU D 118 14.08 58.21 -2.77
N VAL D 119 12.96 57.89 -3.48
CA VAL D 119 12.88 56.86 -4.52
C VAL D 119 13.85 57.23 -5.65
N ALA D 120 13.87 58.52 -6.04
CA ALA D 120 14.76 59.05 -7.05
C ALA D 120 16.23 58.75 -6.68
N SER D 121 16.64 59.10 -5.44
CA SER D 121 17.98 58.87 -4.89
C SER D 121 18.35 57.40 -4.88
N LEU D 122 17.42 56.54 -4.40
CA LEU D 122 17.62 55.10 -4.31
C LEU D 122 17.69 54.38 -5.67
N THR D 123 16.89 54.84 -6.66
CA THR D 123 16.86 54.23 -8.00
C THR D 123 17.91 54.78 -8.95
N GLY D 124 18.58 55.86 -8.54
CA GLY D 124 19.59 56.53 -9.35
C GLY D 124 19.01 57.36 -10.47
N THR D 126 16.05 60.79 -11.53
CA THR D 126 15.55 62.10 -11.11
C THR D 126 14.05 61.91 -10.81
N PRO D 127 13.36 62.80 -10.06
CA PRO D 127 11.91 62.60 -9.85
C PRO D 127 11.12 62.54 -11.17
N ALA D 128 11.55 63.30 -12.20
CA ALA D 128 10.93 63.29 -13.53
C ALA D 128 11.00 61.89 -14.17
N GLN D 129 12.17 61.22 -14.06
CA GLN D 129 12.38 59.87 -14.60
C GLN D 129 11.59 58.82 -13.84
N VAL D 130 11.41 59.00 -12.52
CA VAL D 130 10.63 58.10 -11.66
C VAL D 130 9.17 58.09 -12.13
N ILE D 131 8.57 59.29 -12.30
CA ILE D 131 7.18 59.48 -12.75
C ILE D 131 7.00 58.90 -14.15
N ALA D 132 7.93 59.18 -15.05
CA ALA D 132 7.92 58.67 -16.42
C ALA D 132 8.00 57.14 -16.46
N ALA D 133 8.83 56.51 -15.60
CA ALA D 133 8.95 55.05 -15.53
C ALA D 133 7.66 54.42 -14.98
N HIS D 134 7.09 55.02 -13.91
CA HIS D 134 5.86 54.53 -13.29
C HIS D 134 4.66 54.58 -14.24
N THR D 135 4.57 55.64 -15.05
CA THR D 135 3.50 55.88 -16.03
C THR D 135 3.77 55.24 -17.41
N GLY D 136 5.04 54.94 -17.71
CA GLY D 136 5.46 54.40 -19.00
C GLY D 136 5.24 52.93 -19.28
N THR D 137 5.27 52.11 -18.22
CA THR D 137 5.07 50.66 -18.35
C THR D 137 3.85 50.24 -17.56
N PRO D 138 2.87 49.56 -18.22
CA PRO D 138 1.69 49.09 -17.49
C PRO D 138 2.04 48.01 -16.46
N TRP D 139 1.22 47.91 -15.41
CA TRP D 139 1.40 46.95 -14.32
C TRP D 139 0.28 45.94 -14.35
N ARG D 140 0.57 44.71 -13.91
CA ARG D 140 -0.43 43.67 -13.82
C ARG D 140 -0.77 43.48 -12.35
N VAL D 141 -2.08 43.31 -12.02
CA VAL D 141 -2.42 43.02 -10.64
C VAL D 141 -2.16 41.55 -10.43
N GLY D 142 -1.13 41.28 -9.63
CA GLY D 142 -0.69 39.93 -9.32
C GLY D 142 -1.61 39.26 -8.32
N PHE D 143 -1.76 39.91 -7.15
CA PHE D 143 -2.58 39.39 -6.07
C PHE D 143 -3.09 40.46 -5.11
N CYS D 144 -4.18 40.15 -4.40
CA CYS D 144 -4.73 41.03 -3.39
C CYS D 144 -4.31 40.52 -2.03
N GLY D 145 -4.14 41.43 -1.10
CA GLY D 145 -3.76 41.15 0.28
C GLY D 145 -3.70 42.46 1.05
N PHE D 146 -3.30 42.39 2.33
CA PHE D 146 -3.13 43.54 3.21
C PHE D 146 -4.45 44.17 3.74
N ALA D 147 -5.36 44.50 2.82
CA ALA D 147 -6.66 45.12 3.10
C ALA D 147 -7.58 44.92 1.89
N PRO D 148 -8.94 44.94 2.05
CA PRO D 148 -9.81 44.85 0.86
C PRO D 148 -9.52 45.97 -0.14
N GLY D 149 -9.32 45.57 -1.38
CA GLY D 149 -9.02 46.47 -2.48
C GLY D 149 -7.56 46.78 -2.66
N PHE D 150 -6.68 46.26 -1.77
CA PHE D 150 -5.25 46.47 -1.92
C PHE D 150 -4.71 45.43 -2.91
N ALA D 151 -4.25 45.90 -4.07
CA ALA D 151 -3.72 45.02 -5.09
C ALA D 151 -2.21 45.20 -5.22
N TYR D 152 -1.48 44.06 -5.21
CA TYR D 152 -0.02 44.03 -5.39
C TYR D 152 0.20 43.99 -6.88
N LEU D 153 0.78 45.08 -7.42
CA LEU D 153 1.01 45.21 -8.85
C LEU D 153 2.41 44.75 -9.23
N VAL D 154 2.49 44.02 -10.33
CA VAL D 154 3.74 43.45 -10.87
C VAL D 154 3.93 43.79 -12.36
N ASP D 155 5.13 43.48 -12.89
CA ASP D 155 5.54 43.61 -14.29
C ASP D 155 5.61 45.04 -14.84
N GLY D 156 5.82 45.99 -13.93
CA GLY D 156 6.03 47.40 -14.26
C GLY D 156 7.51 47.64 -14.51
N ASP D 157 7.92 48.92 -14.61
CA ASP D 157 9.33 49.26 -14.83
C ASP D 157 10.24 48.78 -13.70
N ALA D 158 11.13 47.83 -14.01
CA ALA D 158 12.08 47.19 -13.08
C ALA D 158 13.07 48.16 -12.44
N ARG D 159 13.34 49.32 -13.09
CA ARG D 159 14.23 50.39 -12.60
C ARG D 159 13.71 50.99 -11.29
N LEU D 160 12.37 50.91 -11.06
CA LEU D 160 11.68 51.44 -9.89
C LEU D 160 11.88 50.64 -8.59
N GLN D 161 12.47 49.42 -8.69
CA GLN D 161 12.70 48.54 -7.53
C GLN D 161 13.45 49.26 -6.41
N VAL D 162 12.75 49.47 -5.31
CA VAL D 162 13.19 50.22 -4.15
C VAL D 162 12.85 49.44 -2.85
N PRO D 163 13.69 49.47 -1.78
CA PRO D 163 13.32 48.71 -0.57
C PRO D 163 12.22 49.40 0.23
N ARG D 164 11.57 48.66 1.16
CA ARG D 164 10.54 49.15 2.07
C ARG D 164 11.19 50.18 3.01
N ARG D 165 10.36 51.01 3.66
CA ARG D 165 10.85 52.00 4.62
C ARG D 165 11.37 51.28 5.87
N ALA D 166 12.41 51.84 6.52
CA ALA D 166 13.04 51.29 7.74
C ALA D 166 11.98 50.97 8.79
N GLU D 167 11.13 51.96 9.09
CA GLU D 167 10.01 51.81 10.02
C GLU D 167 8.70 52.23 9.34
N PRO D 168 7.59 51.48 9.54
CA PRO D 168 6.32 51.85 8.88
C PRO D 168 5.74 53.15 9.40
N ARG D 169 4.98 53.86 8.55
CA ARG D 169 4.29 55.09 8.90
C ARG D 169 3.05 54.71 9.70
N THR D 170 2.63 55.60 10.62
CA THR D 170 1.44 55.40 11.46
C THR D 170 0.17 55.53 10.63
N SER D 171 0.18 56.49 9.70
CA SER D 171 -0.92 56.81 8.81
C SER D 171 -0.43 57.21 7.42
N VAL D 172 -0.90 56.47 6.40
CA VAL D 172 -0.65 56.77 4.99
C VAL D 172 -2.05 57.12 4.44
N PRO D 173 -2.20 58.18 3.61
CA PRO D 173 -3.54 58.55 3.16
C PRO D 173 -4.22 57.56 2.22
N ALA D 174 -5.55 57.65 2.14
CA ALA D 174 -6.40 56.84 1.28
C ALA D 174 -6.23 57.31 -0.16
N GLY D 175 -5.63 56.44 -0.97
CA GLY D 175 -5.33 56.70 -2.37
C GLY D 175 -3.86 56.88 -2.63
N ALA D 176 -3.00 56.51 -1.64
CA ALA D 176 -1.55 56.63 -1.72
C ALA D 176 -0.99 55.62 -2.70
N VAL D 177 -0.24 56.13 -3.70
CA VAL D 177 0.41 55.35 -4.75
C VAL D 177 1.82 55.10 -4.29
N ALA D 178 2.17 53.81 -4.17
CA ALA D 178 3.42 53.43 -3.56
C ALA D 178 4.22 52.34 -4.26
N LEU D 179 5.48 52.15 -3.78
CA LEU D 179 6.45 51.17 -4.28
C LEU D 179 7.13 50.45 -3.12
N ALA D 180 7.45 49.16 -3.33
CA ALA D 180 8.20 48.31 -2.41
C ALA D 180 8.63 47.08 -3.17
N GLY D 181 9.94 46.82 -3.16
CA GLY D 181 10.53 45.70 -3.88
C GLY D 181 10.16 45.74 -5.35
N GLU D 182 9.64 44.62 -5.87
CA GLU D 182 9.21 44.48 -7.26
C GLU D 182 7.75 44.97 -7.48
N PHE D 183 7.11 45.46 -6.42
CA PHE D 183 5.70 45.87 -6.48
C PHE D 183 5.43 47.36 -6.44
N SER D 184 4.26 47.71 -6.95
CA SER D 184 3.61 49.02 -6.88
C SER D 184 2.23 48.66 -6.34
N GLY D 185 1.59 49.61 -5.68
CA GLY D 185 0.26 49.39 -5.13
C GLY D 185 -0.40 50.67 -4.69
N VAL D 186 -1.73 50.65 -4.62
CA VAL D 186 -2.50 51.80 -4.17
C VAL D 186 -3.22 51.42 -2.87
N TYR D 187 -2.93 52.15 -1.78
CA TYR D 187 -3.56 51.96 -0.47
C TYR D 187 -5.04 52.34 -0.57
N PRO D 188 -5.98 51.38 -0.32
CA PRO D 188 -7.40 51.71 -0.46
C PRO D 188 -7.98 52.70 0.54
N ARG D 189 -7.55 52.60 1.80
CA ARG D 189 -8.02 53.47 2.88
C ARG D 189 -6.84 54.07 3.64
N GLN D 190 -7.15 54.94 4.63
CA GLN D 190 -6.12 55.49 5.51
C GLN D 190 -5.72 54.34 6.45
N SER D 191 -4.41 54.06 6.53
CA SER D 191 -3.91 52.97 7.35
C SER D 191 -2.39 53.08 7.57
N PRO D 192 -1.79 52.30 8.51
CA PRO D 192 -0.33 52.30 8.60
C PRO D 192 0.25 51.60 7.36
N GLY D 193 1.44 52.03 6.93
CA GLY D 193 2.09 51.46 5.76
C GLY D 193 3.57 51.73 5.71
N GLY D 194 4.34 50.70 5.29
CA GLY D 194 5.79 50.75 5.20
C GLY D 194 6.33 50.91 3.78
N TRP D 195 5.45 51.09 2.79
CA TRP D 195 5.83 51.26 1.39
C TRP D 195 6.29 52.69 1.10
N GLN D 196 7.05 52.85 0.03
CA GLN D 196 7.60 54.12 -0.43
C GLN D 196 6.51 54.86 -1.22
N LEU D 197 6.04 56.02 -0.69
CA LEU D 197 4.94 56.82 -1.28
C LEU D 197 5.40 57.80 -2.36
N ILE D 198 4.91 57.61 -3.61
CA ILE D 198 5.30 58.45 -4.77
C ILE D 198 4.23 59.43 -5.25
N GLY D 199 3.00 59.21 -4.81
CA GLY D 199 1.87 60.06 -5.16
C GLY D 199 0.55 59.64 -4.58
N HIS D 200 -0.53 60.20 -5.12
CA HIS D 200 -1.87 59.87 -4.66
C HIS D 200 -2.89 59.91 -5.78
N THR D 201 -3.96 59.13 -5.62
CA THR D 201 -5.07 59.09 -6.56
C THR D 201 -6.39 59.41 -5.86
N ASP D 202 -7.36 59.91 -6.63
CA ASP D 202 -8.71 60.22 -6.16
C ASP D 202 -9.67 59.08 -6.53
N ALA D 203 -9.14 58.06 -7.24
CA ALA D 203 -9.87 56.86 -7.65
C ALA D 203 -10.23 56.06 -6.41
N VAL D 204 -11.43 55.49 -6.37
CA VAL D 204 -11.88 54.70 -5.22
C VAL D 204 -11.42 53.26 -5.44
N PHE D 206 -11.61 50.67 -3.26
CA PHE D 206 -12.57 49.75 -2.70
C PHE D 206 -13.82 50.47 -2.22
N ASP D 207 -14.98 49.99 -2.66
CA ASP D 207 -16.27 50.54 -2.26
C ASP D 207 -17.25 49.39 -2.20
N VAL D 208 -17.71 49.12 -1.00
CA VAL D 208 -18.61 48.03 -0.69
C VAL D 208 -19.99 48.09 -1.40
N ASN D 209 -20.42 49.31 -1.78
CA ASN D 209 -21.70 49.56 -2.43
C ASN D 209 -21.67 49.58 -3.96
N ARG D 210 -20.45 49.55 -4.53
CA ARG D 210 -20.17 49.55 -5.97
C ARG D 210 -20.40 48.12 -6.47
N ASP D 211 -20.87 47.98 -7.75
CA ASP D 211 -21.15 46.71 -8.41
C ASP D 211 -19.94 45.77 -8.39
N LYS D 212 -18.73 46.31 -8.62
CA LYS D 212 -17.45 45.61 -8.49
C LYS D 212 -16.74 46.32 -7.33
N PRO D 213 -16.86 45.76 -6.09
CA PRO D 213 -16.30 46.44 -4.92
C PRO D 213 -14.84 46.87 -5.04
N ALA D 214 -13.94 45.95 -5.44
CA ALA D 214 -12.53 46.26 -5.64
C ALA D 214 -12.33 46.69 -7.09
N LEU D 215 -11.67 47.85 -7.28
CA LEU D 215 -11.37 48.38 -8.61
C LEU D 215 -10.39 47.45 -9.35
N LEU D 216 -9.40 46.89 -8.62
CA LEU D 216 -8.36 46.02 -9.17
C LEU D 216 -8.53 44.54 -8.77
N THR D 217 -8.65 43.67 -9.79
CA THR D 217 -8.85 42.21 -9.70
C THR D 217 -7.59 41.49 -10.24
N PRO D 218 -7.09 40.38 -9.60
CA PRO D 218 -5.89 39.69 -10.16
C PRO D 218 -6.02 39.35 -11.64
N GLY D 219 -4.96 39.63 -12.40
CA GLY D 219 -4.89 39.39 -13.84
C GLY D 219 -5.11 40.63 -14.68
N TRP D 221 -4.65 44.54 -16.12
CA TRP D 221 -3.55 45.41 -16.51
C TRP D 221 -3.92 46.86 -16.20
N VAL D 222 -3.03 47.57 -15.50
CA VAL D 222 -3.24 48.95 -15.04
C VAL D 222 -2.21 49.87 -15.65
N GLN D 223 -2.67 51.04 -16.09
CA GLN D 223 -1.81 52.11 -16.59
C GLN D 223 -1.94 53.29 -15.62
N PHE D 224 -0.81 53.84 -15.19
CA PHE D 224 -0.81 55.01 -14.33
C PHE D 224 -0.61 56.20 -15.23
N ARG D 225 -1.31 57.30 -14.93
CA ARG D 225 -1.27 58.53 -15.70
C ARG D 225 -1.05 59.72 -14.76
N ALA D 226 -0.03 60.55 -15.06
CA ALA D 226 0.30 61.72 -14.25
C ALA D 226 -0.68 62.86 -14.53
N VAL D 227 -1.15 63.55 -13.47
CA VAL D 227 -2.07 64.69 -13.58
C VAL D 227 -1.60 65.77 -12.59
N GLY E 2 34.91 -64.03 -34.59
CA GLY E 2 34.35 -62.73 -34.94
C GLY E 2 33.63 -62.03 -33.80
N THR E 3 33.78 -60.71 -33.73
CA THR E 3 33.14 -59.86 -32.74
C THR E 3 31.75 -59.40 -33.23
N THR E 4 30.77 -59.45 -32.33
CA THR E 4 29.41 -59.05 -32.64
C THR E 4 28.80 -58.15 -31.57
N LEU E 5 27.71 -57.46 -31.91
CA LEU E 5 26.93 -56.69 -30.96
C LEU E 5 25.55 -57.36 -30.97
N GLU E 6 25.12 -57.88 -29.81
CA GLU E 6 23.81 -58.49 -29.70
C GLU E 6 22.86 -57.43 -29.14
N VAL E 7 21.82 -57.06 -29.91
CA VAL E 7 20.84 -56.05 -29.54
C VAL E 7 19.97 -56.58 -28.39
N LEU E 8 19.96 -55.88 -27.26
CA LEU E 8 19.17 -56.27 -26.09
C LEU E 8 17.86 -55.49 -26.00
N ARG E 9 17.88 -54.24 -26.44
CA ARG E 9 16.75 -53.30 -26.38
C ARG E 9 17.05 -52.26 -27.45
N THR E 10 16.02 -51.69 -28.11
CA THR E 10 16.26 -50.74 -29.21
C THR E 10 15.87 -49.27 -28.97
N GLY E 11 14.80 -49.06 -28.19
CA GLY E 11 14.19 -47.74 -28.06
C GLY E 11 13.23 -47.57 -29.23
N PRO E 12 12.57 -46.39 -29.39
CA PRO E 12 11.58 -46.23 -30.49
C PRO E 12 11.99 -46.69 -31.92
N LEU E 13 13.22 -46.40 -32.35
CA LEU E 13 13.66 -46.77 -33.70
C LEU E 13 15.19 -46.78 -33.80
N ALA E 14 15.77 -47.99 -33.96
CA ALA E 14 17.22 -48.14 -34.12
C ALA E 14 17.48 -48.73 -35.50
N LEU E 15 18.17 -47.92 -36.32
CA LEU E 15 18.46 -48.25 -37.73
C LEU E 15 19.94 -48.28 -38.00
N VAL E 16 20.34 -49.16 -38.91
CA VAL E 16 21.71 -49.21 -39.40
C VAL E 16 21.72 -48.12 -40.49
N GLU E 17 22.64 -47.18 -40.38
CA GLU E 17 22.73 -46.06 -41.32
C GLU E 17 24.16 -45.78 -41.68
N ASP E 18 24.37 -45.24 -42.89
CA ASP E 18 25.66 -44.79 -43.38
C ASP E 18 25.46 -43.53 -44.24
N LEU E 19 26.31 -43.31 -45.24
CA LEU E 19 26.16 -42.13 -46.09
C LEU E 19 25.14 -42.28 -47.20
N GLY E 20 24.54 -43.46 -47.27
CA GLY E 20 23.47 -43.78 -48.21
C GLY E 20 23.90 -44.40 -49.52
N ARG E 21 22.93 -44.49 -50.43
CA ARG E 21 23.06 -45.04 -51.78
C ARG E 21 22.80 -43.94 -52.85
N PRO E 22 23.78 -42.99 -53.06
CA PRO E 22 23.60 -41.95 -54.08
C PRO E 22 23.61 -42.50 -55.51
N GLY E 23 23.16 -41.65 -56.45
CA GLY E 23 23.16 -41.91 -57.88
C GLY E 23 22.20 -42.96 -58.41
N LEU E 24 21.14 -43.29 -57.66
CA LEU E 24 20.19 -44.33 -58.03
C LEU E 24 18.82 -43.88 -58.49
N ALA E 25 18.65 -42.58 -58.82
CA ALA E 25 17.38 -42.05 -59.35
C ALA E 25 16.94 -42.82 -60.60
N HIS E 26 17.90 -43.29 -61.42
CA HIS E 26 17.59 -44.06 -62.64
C HIS E 26 16.82 -45.35 -62.34
N GLY E 28 14.69 -45.29 -59.36
CA GLY E 28 13.69 -44.78 -58.43
C GLY E 28 14.05 -44.93 -56.97
N VAL E 29 15.35 -45.13 -56.69
CA VAL E 29 15.84 -45.35 -55.33
C VAL E 29 16.48 -44.08 -54.75
N THR E 30 15.97 -43.64 -53.58
CA THR E 30 16.46 -42.46 -52.87
C THR E 30 17.79 -42.77 -52.16
N ARG E 31 18.59 -41.70 -51.89
CA ARG E 31 19.89 -41.82 -51.24
C ARG E 31 19.83 -42.40 -49.83
N SER E 32 18.83 -42.01 -49.03
CA SER E 32 18.65 -42.48 -47.65
C SER E 32 19.87 -42.06 -46.79
N GLY E 33 20.30 -42.90 -45.84
CA GLY E 33 21.47 -42.61 -45.03
C GLY E 33 21.16 -41.88 -43.74
N ALA E 34 22.20 -41.59 -42.93
CA ALA E 34 22.05 -40.89 -41.66
C ALA E 34 21.25 -39.54 -41.79
N ALA E 35 20.26 -39.34 -40.93
CA ALA E 35 19.46 -38.11 -40.91
C ALA E 35 20.35 -36.90 -40.49
N ASP E 36 21.33 -37.14 -39.62
CA ASP E 36 22.28 -36.12 -39.18
C ASP E 36 23.66 -36.61 -39.59
N ARG E 37 24.08 -36.23 -40.82
CA ARG E 37 25.35 -36.67 -41.43
C ARG E 37 26.59 -36.29 -40.66
N ARG E 38 26.65 -35.03 -40.14
CA ARG E 38 27.81 -34.54 -39.39
C ARG E 38 28.07 -35.36 -38.14
N SER E 39 27.02 -35.78 -37.42
CA SER E 39 27.12 -36.58 -36.20
C SER E 39 27.60 -37.98 -36.49
N HIS E 40 27.00 -38.59 -37.54
CA HIS E 40 27.34 -39.92 -38.03
C HIS E 40 28.84 -40.01 -38.40
N THR E 41 29.31 -39.02 -39.19
CA THR E 41 30.69 -38.87 -39.66
C THR E 41 31.62 -38.67 -38.47
N LEU E 42 31.20 -37.82 -37.50
CA LEU E 42 31.97 -37.60 -36.26
C LEU E 42 32.15 -38.90 -35.49
N ALA E 43 31.06 -39.70 -35.32
CA ALA E 43 31.10 -40.97 -34.59
C ALA E 43 32.17 -41.90 -35.15
N ASN E 44 32.18 -42.08 -36.49
CA ASN E 44 33.18 -42.87 -37.18
C ASN E 44 34.58 -42.30 -37.05
N ARG E 45 34.72 -40.94 -37.13
CA ARG E 45 36.05 -40.32 -37.02
C ARG E 45 36.66 -40.64 -35.67
N LEU E 46 35.84 -40.64 -34.60
CA LEU E 46 36.32 -40.92 -33.25
C LEU E 46 36.86 -42.35 -33.05
N VAL E 47 36.35 -43.34 -33.81
CA VAL E 47 36.83 -44.72 -33.69
C VAL E 47 37.77 -45.05 -34.83
N ALA E 48 38.17 -44.02 -35.60
CA ALA E 48 39.07 -44.10 -36.76
C ALA E 48 38.57 -45.00 -37.89
N ASN E 49 37.27 -45.00 -38.10
CA ASN E 49 36.65 -45.74 -39.19
C ASN E 49 36.68 -44.87 -40.44
N PRO E 50 36.71 -45.47 -41.66
CA PRO E 50 36.49 -44.64 -42.87
C PRO E 50 35.05 -44.07 -42.80
N GLY E 51 34.83 -42.93 -43.45
CA GLY E 51 33.54 -42.24 -43.48
C GLY E 51 32.35 -43.05 -43.99
N GLU E 52 32.58 -44.09 -44.80
CA GLU E 52 31.56 -45.01 -45.36
C GLU E 52 31.01 -46.05 -44.34
N SER E 53 31.70 -46.28 -43.19
CA SER E 53 31.27 -47.27 -42.18
C SER E 53 29.83 -47.05 -41.63
N ALA E 54 29.12 -48.14 -41.39
CA ALA E 54 27.78 -47.98 -40.88
C ALA E 54 27.82 -47.87 -39.36
N THR E 55 26.95 -46.99 -38.83
CA THR E 55 26.74 -46.74 -37.41
C THR E 55 25.30 -47.16 -37.14
N ILE E 56 24.88 -47.07 -35.88
CA ILE E 56 23.48 -47.29 -35.49
C ILE E 56 22.89 -45.94 -35.14
N GLU E 57 21.85 -45.54 -35.88
CA GLU E 57 21.08 -44.30 -35.68
C GLU E 57 19.98 -44.67 -34.68
N VAL E 58 20.03 -44.08 -33.49
CA VAL E 58 19.09 -44.35 -32.38
C VAL E 58 18.17 -43.12 -32.25
N THR E 59 16.86 -43.36 -32.17
CA THR E 59 15.86 -42.29 -32.06
C THR E 59 15.30 -42.28 -30.64
N PHE E 60 15.35 -41.11 -29.95
CA PHE E 60 14.90 -40.92 -28.56
C PHE E 60 15.70 -41.79 -27.56
N GLY E 61 16.88 -42.29 -27.96
CA GLY E 61 17.75 -43.13 -27.12
C GLY E 61 17.17 -44.50 -26.84
N GLY E 62 17.58 -45.09 -25.70
CA GLY E 62 17.03 -46.37 -25.24
C GLY E 62 17.57 -47.65 -25.84
N PHE E 63 18.60 -47.56 -26.63
CA PHE E 63 19.28 -48.68 -27.28
C PHE E 63 20.35 -49.31 -26.36
N SER E 64 20.37 -50.64 -26.28
CA SER E 64 21.38 -51.44 -25.55
C SER E 64 21.85 -52.61 -26.41
N ALA E 65 23.13 -52.93 -26.29
CA ALA E 65 23.77 -54.04 -27.00
C ALA E 65 24.89 -54.61 -26.16
N ARG E 66 25.02 -55.94 -26.16
CA ARG E 66 26.10 -56.65 -25.47
C ARG E 66 27.16 -56.98 -26.52
N VAL E 67 28.41 -56.80 -26.11
CA VAL E 67 29.59 -57.10 -26.93
C VAL E 67 29.93 -58.58 -26.74
N CYS E 68 30.19 -59.30 -27.83
CA CYS E 68 30.56 -60.71 -27.77
C CYS E 68 31.71 -61.02 -28.72
N GLY E 69 32.61 -61.88 -28.27
CA GLY E 69 33.71 -62.39 -29.09
C GLY E 69 35.02 -61.62 -29.10
N GLY E 70 35.07 -60.48 -28.41
CA GLY E 70 36.26 -59.66 -28.32
C GLY E 70 35.96 -58.30 -27.77
N ASP E 71 37.00 -57.47 -27.65
CA ASP E 71 36.91 -56.10 -27.19
C ASP E 71 36.66 -55.15 -28.37
N VAL E 72 35.94 -54.05 -28.13
CA VAL E 72 35.62 -53.06 -29.18
C VAL E 72 35.89 -51.62 -28.71
N ALA E 73 36.20 -50.74 -29.66
CA ALA E 73 36.27 -49.31 -29.42
C ALA E 73 34.93 -48.76 -29.96
N ILE E 74 34.29 -47.87 -29.21
CA ILE E 74 33.00 -47.28 -29.62
C ILE E 74 32.99 -45.76 -29.38
N ALA E 75 31.99 -45.09 -29.91
CA ALA E 75 31.75 -43.64 -29.71
C ALA E 75 30.28 -43.38 -29.98
N VAL E 76 29.67 -42.50 -29.20
CA VAL E 76 28.27 -42.09 -29.36
C VAL E 76 28.24 -40.57 -29.59
N THR E 77 27.62 -40.13 -30.69
CA THR E 77 27.50 -38.71 -31.04
C THR E 77 26.01 -38.36 -31.27
N GLY E 78 25.72 -37.09 -31.53
CA GLY E 78 24.36 -36.57 -31.73
C GLY E 78 23.73 -36.18 -30.40
N ALA E 79 22.44 -36.50 -30.22
CA ALA E 79 21.75 -36.22 -28.97
C ALA E 79 22.46 -36.91 -27.80
N ASP E 80 22.62 -36.18 -26.71
CA ASP E 80 23.33 -36.68 -25.52
C ASP E 80 22.38 -37.56 -24.71
N THR E 81 22.63 -38.86 -24.72
CA THR E 81 21.83 -39.88 -24.04
C THR E 81 22.53 -40.41 -22.78
N ASP E 82 23.62 -39.75 -22.32
CA ASP E 82 24.41 -40.20 -21.15
C ASP E 82 24.78 -41.70 -21.32
N PRO E 83 25.48 -42.07 -22.42
CA PRO E 83 25.75 -43.51 -22.64
C PRO E 83 26.59 -44.14 -21.56
N ALA E 84 26.34 -45.43 -21.32
CA ALA E 84 26.97 -46.17 -20.25
C ALA E 84 27.40 -47.56 -20.67
N VAL E 85 28.37 -48.12 -19.91
CA VAL E 85 28.84 -49.49 -20.03
C VAL E 85 28.60 -50.10 -18.65
N ASN E 86 27.69 -51.12 -18.59
CA ASN E 86 27.30 -51.76 -17.34
C ASN E 86 26.92 -50.72 -16.30
N GLY E 87 26.09 -49.75 -16.74
CA GLY E 87 25.59 -48.66 -15.91
C GLY E 87 26.53 -47.51 -15.63
N ILE E 88 27.82 -47.62 -15.94
CA ILE E 88 28.77 -46.54 -15.70
C ILE E 88 28.87 -45.62 -16.93
N PRO E 89 28.52 -44.31 -16.78
CA PRO E 89 28.58 -43.40 -17.93
C PRO E 89 29.98 -43.15 -18.45
N PHE E 90 30.10 -42.93 -19.77
CA PHE E 90 31.39 -42.67 -20.40
C PHE E 90 31.44 -41.38 -21.24
N GLY E 91 30.32 -40.70 -21.44
CA GLY E 91 30.31 -39.46 -22.21
C GLY E 91 30.07 -39.55 -23.70
N THR E 92 29.25 -38.63 -24.22
CA THR E 92 28.96 -38.49 -25.64
C THR E 92 30.21 -37.84 -26.28
N ASN E 93 30.46 -38.11 -27.56
CA ASN E 93 31.59 -37.56 -28.33
C ASN E 93 32.96 -37.98 -27.85
N SER E 94 33.08 -39.16 -27.26
CA SER E 94 34.40 -39.63 -26.83
C SER E 94 34.54 -41.11 -27.09
N ILE E 95 35.74 -41.53 -27.45
CA ILE E 95 36.06 -42.92 -27.69
C ILE E 95 36.05 -43.67 -26.34
N HIS E 96 35.53 -44.89 -26.32
CA HIS E 96 35.50 -45.73 -25.15
C HIS E 96 35.72 -47.20 -25.60
N HIS E 97 36.52 -47.92 -24.82
CA HIS E 97 36.88 -49.32 -25.01
C HIS E 97 35.99 -50.21 -24.14
N VAL E 98 35.36 -51.19 -24.77
CA VAL E 98 34.39 -52.08 -24.16
C VAL E 98 34.94 -53.50 -24.22
N HIS E 99 34.81 -54.23 -23.12
CA HIS E 99 35.25 -55.62 -23.10
C HIS E 99 34.13 -56.57 -23.51
N ASP E 100 34.53 -57.75 -23.95
CA ASP E 100 33.69 -58.90 -24.30
C ASP E 100 32.76 -59.17 -23.11
N GLY E 101 31.48 -59.22 -23.37
CA GLY E 101 30.47 -59.47 -22.35
C GLY E 101 29.81 -58.24 -21.74
N GLN E 102 30.38 -57.06 -21.98
CA GLN E 102 29.82 -55.84 -21.38
C GLN E 102 28.64 -55.28 -22.18
N VAL E 103 27.79 -54.52 -21.49
CA VAL E 103 26.60 -53.96 -22.12
C VAL E 103 26.73 -52.46 -22.35
N ILE E 104 26.63 -52.03 -23.63
CA ILE E 104 26.61 -50.62 -24.03
C ILE E 104 25.13 -50.25 -23.95
N SER E 105 24.81 -49.17 -23.25
CA SER E 105 23.43 -48.73 -23.04
C SER E 105 23.28 -47.22 -23.22
N LEU E 106 22.41 -46.79 -24.14
CA LEU E 106 22.17 -45.35 -24.27
C LEU E 106 20.89 -45.01 -23.53
N GLY E 107 20.91 -43.88 -22.85
CA GLY E 107 19.77 -43.36 -22.11
C GLY E 107 18.85 -42.56 -23.00
N ALA E 108 18.16 -41.58 -22.42
CA ALA E 108 17.19 -40.79 -23.16
C ALA E 108 17.63 -39.34 -23.22
N PRO E 109 17.66 -38.71 -24.38
CA PRO E 109 18.09 -37.30 -24.44
C PRO E 109 16.99 -36.31 -24.07
N HIS E 110 17.35 -35.11 -23.66
CA HIS E 110 16.30 -34.11 -23.40
C HIS E 110 16.31 -33.10 -24.55
N SER E 111 17.46 -32.98 -25.20
CA SER E 111 17.73 -32.06 -26.29
C SER E 111 18.23 -32.90 -27.46
N GLY E 112 17.69 -32.65 -28.65
CA GLY E 112 18.06 -33.46 -29.80
C GLY E 112 17.24 -34.73 -29.85
N LEU E 113 17.37 -35.49 -30.96
CA LEU E 113 16.55 -36.69 -31.18
C LEU E 113 17.33 -37.96 -31.55
N ARG E 114 18.37 -37.80 -32.38
CA ARG E 114 19.13 -38.89 -32.94
C ARG E 114 20.56 -38.96 -32.46
N SER E 115 20.96 -40.19 -32.10
CA SER E 115 22.31 -40.49 -31.61
C SER E 115 22.90 -41.52 -32.51
N TYR E 116 24.22 -41.51 -32.64
CA TYR E 116 24.96 -42.39 -33.54
C TYR E 116 25.97 -43.20 -32.80
N LEU E 117 25.79 -44.52 -32.83
CA LEU E 117 26.71 -45.41 -32.18
C LEU E 117 27.66 -45.96 -33.24
N ALA E 118 28.94 -45.60 -33.13
CA ALA E 118 29.95 -46.14 -34.04
C ALA E 118 30.77 -47.18 -33.30
N VAL E 119 31.28 -48.16 -34.03
CA VAL E 119 32.17 -49.19 -33.52
C VAL E 119 33.34 -49.31 -34.50
N ARG E 120 34.56 -49.45 -33.99
CA ARG E 120 35.73 -49.61 -34.86
C ARG E 120 35.60 -50.91 -35.64
N GLY E 121 35.63 -50.77 -36.98
CA GLY E 121 35.41 -51.83 -37.95
C GLY E 121 34.07 -51.66 -38.63
N GLY E 122 33.19 -50.88 -38.00
CA GLY E 122 31.84 -50.59 -38.47
C GLY E 122 30.86 -51.73 -38.27
N ILE E 123 29.56 -51.43 -38.42
CA ILE E 123 28.47 -52.41 -38.35
C ILE E 123 28.50 -53.11 -39.69
N ASP E 124 29.05 -54.33 -39.69
CA ASP E 124 29.29 -55.10 -40.89
C ASP E 124 28.12 -55.97 -41.36
N VAL E 125 26.91 -55.40 -41.44
CA VAL E 125 25.74 -56.12 -41.99
C VAL E 125 25.88 -56.14 -43.53
N THR E 126 25.12 -56.98 -44.21
CA THR E 126 25.20 -57.06 -45.67
C THR E 126 24.68 -55.76 -46.33
N PRO E 127 25.48 -55.14 -47.26
CA PRO E 127 24.96 -53.95 -47.98
C PRO E 127 23.83 -54.32 -48.95
N VAL E 128 22.94 -53.37 -49.19
CA VAL E 128 21.79 -53.52 -50.11
C VAL E 128 21.89 -52.32 -51.04
N LEU E 129 22.05 -52.58 -52.32
CA LEU E 129 22.27 -51.57 -53.38
C LEU E 129 23.47 -50.66 -53.02
N GLY E 130 24.56 -51.29 -52.55
CA GLY E 130 25.80 -50.63 -52.17
C GLY E 130 25.79 -49.83 -50.89
N SER E 131 24.75 -49.94 -50.06
CA SER E 131 24.64 -49.21 -48.80
C SER E 131 24.04 -50.06 -47.68
N ARG E 132 24.49 -49.79 -46.44
CA ARG E 132 23.97 -50.46 -45.25
C ARG E 132 22.88 -49.59 -44.57
N SER E 133 22.39 -48.51 -45.23
CA SER E 133 21.32 -47.66 -44.70
C SER E 133 19.93 -48.26 -44.87
N TYR E 134 19.06 -48.11 -43.84
CA TYR E 134 17.67 -48.50 -44.00
C TYR E 134 16.88 -47.27 -44.47
N ASP E 135 16.09 -47.45 -45.53
CA ASP E 135 15.16 -46.48 -46.09
C ASP E 135 13.78 -46.89 -45.53
N VAL E 136 13.20 -46.01 -44.73
CA VAL E 136 11.93 -46.17 -44.01
C VAL E 136 10.67 -46.25 -44.93
N SER E 138 10.75 -47.09 -48.67
CA SER E 138 10.84 -48.21 -49.58
C SER E 138 11.14 -49.55 -48.84
N ALA E 139 11.61 -49.50 -47.57
CA ALA E 139 12.03 -50.69 -46.81
C ALA E 139 13.30 -51.32 -47.37
N ILE E 140 14.07 -50.56 -48.20
CA ILE E 140 15.35 -51.04 -48.71
C ILE E 140 16.43 -50.85 -47.59
N GLY E 141 17.31 -51.84 -47.44
CA GLY E 141 18.40 -51.85 -46.48
C GLY E 141 18.21 -52.84 -45.34
N PRO E 142 19.20 -52.92 -44.41
CA PRO E 142 19.05 -53.80 -43.21
C PRO E 142 17.80 -53.40 -42.42
N SER E 143 16.97 -54.39 -42.02
CA SER E 143 15.70 -54.15 -41.32
C SER E 143 15.87 -53.38 -40.01
N PRO E 144 14.86 -52.58 -39.59
CA PRO E 144 14.96 -51.91 -38.28
C PRO E 144 15.33 -52.94 -37.19
N LEU E 145 16.29 -52.59 -36.35
CA LEU E 145 16.81 -53.49 -35.31
C LEU E 145 15.75 -53.93 -34.30
N ARG E 146 15.88 -55.17 -33.82
CA ARG E 146 14.99 -55.81 -32.87
C ARG E 146 15.84 -56.47 -31.81
N PRO E 147 15.30 -56.65 -30.57
CA PRO E 147 16.03 -57.43 -29.55
C PRO E 147 16.32 -58.83 -30.11
N GLY E 148 17.54 -59.31 -29.89
CA GLY E 148 17.96 -60.62 -30.38
C GLY E 148 18.86 -60.55 -31.61
N ASP E 149 18.81 -59.42 -32.37
CA ASP E 149 19.64 -59.22 -33.56
C ASP E 149 21.10 -59.20 -33.19
N VAL E 150 21.90 -59.91 -33.99
CA VAL E 150 23.34 -60.04 -33.82
C VAL E 150 23.99 -59.32 -34.98
N LEU E 151 24.68 -58.24 -34.67
CA LEU E 151 25.34 -57.40 -35.66
C LEU E 151 26.83 -57.67 -35.70
N PRO E 152 27.40 -58.05 -36.86
CA PRO E 152 28.85 -58.27 -36.91
C PRO E 152 29.63 -56.97 -36.90
N VAL E 153 30.83 -56.98 -36.29
CA VAL E 153 31.74 -55.85 -36.26
C VAL E 153 32.78 -56.18 -37.35
N GLY E 154 33.00 -55.23 -38.25
CA GLY E 154 33.97 -55.42 -39.34
C GLY E 154 35.42 -55.55 -38.90
N GLU E 155 36.26 -56.06 -39.80
CA GLU E 155 37.68 -56.20 -39.54
C GLU E 155 38.33 -54.82 -39.40
N HIS E 156 39.34 -54.72 -38.52
CA HIS E 156 40.06 -53.48 -38.28
C HIS E 156 41.42 -53.76 -37.66
N THR E 157 42.31 -52.77 -37.78
CA THR E 157 43.63 -52.77 -37.16
C THR E 157 43.37 -52.32 -35.71
N ASP E 158 43.98 -53.04 -34.75
CA ASP E 158 43.79 -52.76 -33.33
C ASP E 158 44.41 -51.42 -32.96
N GLU E 159 45.68 -51.23 -33.37
CA GLU E 159 46.42 -49.99 -33.11
C GLU E 159 45.95 -48.91 -34.07
N PHE E 160 45.50 -47.79 -33.51
CA PHE E 160 45.03 -46.64 -34.26
C PHE E 160 45.18 -45.32 -33.46
N PRO E 161 45.34 -44.17 -34.15
CA PRO E 161 45.46 -42.90 -33.42
C PRO E 161 44.13 -42.28 -33.02
N GLU E 162 43.95 -42.16 -31.71
CA GLU E 162 42.82 -41.50 -31.08
C GLU E 162 43.27 -40.03 -30.96
N LEU E 163 42.86 -39.18 -31.91
CA LEU E 163 43.24 -37.77 -31.93
C LEU E 163 42.13 -36.81 -31.47
N ASP E 164 42.54 -35.66 -30.90
CA ASP E 164 41.66 -34.60 -30.38
C ASP E 164 40.82 -34.01 -31.50
N GLN E 165 39.49 -33.99 -31.32
CA GLN E 165 38.58 -33.43 -32.32
C GLN E 165 38.04 -32.04 -31.89
N ALA E 166 37.62 -31.23 -32.89
CA ALA E 166 37.04 -29.89 -32.70
C ALA E 166 35.78 -29.98 -31.83
N PRO E 167 35.54 -29.04 -30.86
CA PRO E 167 34.32 -29.11 -30.03
C PRO E 167 33.03 -29.14 -30.86
N VAL E 168 31.99 -29.71 -30.25
CA VAL E 168 30.70 -29.91 -30.90
C VAL E 168 29.68 -28.83 -30.53
N ALA E 169 29.05 -28.23 -31.55
CA ALA E 169 27.99 -27.23 -31.35
C ALA E 169 26.76 -27.91 -30.72
N ALA E 170 26.23 -27.29 -29.63
CA ALA E 170 25.07 -27.80 -28.89
C ALA E 170 23.84 -27.78 -29.80
N ILE E 171 22.93 -28.71 -29.56
CA ILE E 171 21.70 -28.87 -30.30
C ILE E 171 20.70 -27.88 -29.72
N ALA E 172 19.95 -27.18 -30.60
CA ALA E 172 18.89 -26.25 -30.20
C ALA E 172 17.84 -26.97 -29.31
N GLU E 173 17.59 -26.46 -28.09
CA GLU E 173 16.61 -27.04 -27.16
C GLU E 173 15.19 -26.52 -27.44
N ASP E 174 15.08 -25.23 -27.75
CA ASP E 174 13.82 -24.50 -27.92
C ASP E 174 13.53 -24.30 -29.41
N VAL E 175 13.43 -23.03 -29.86
CA VAL E 175 13.18 -22.64 -31.24
C VAL E 175 14.39 -23.00 -32.10
N VAL E 176 14.11 -23.63 -33.24
CA VAL E 176 15.11 -23.98 -34.25
C VAL E 176 14.89 -22.99 -35.39
N GLU E 177 15.96 -22.29 -35.76
CA GLU E 177 15.98 -21.24 -36.79
C GLU E 177 16.73 -21.78 -37.97
N LEU E 178 16.07 -21.80 -39.13
CA LEU E 178 16.65 -22.38 -40.35
C LEU E 178 16.65 -21.40 -41.48
N GLN E 179 17.75 -21.40 -42.24
CA GLN E 179 17.91 -20.58 -43.45
C GLN E 179 17.40 -21.39 -44.65
N VAL E 180 16.59 -20.72 -45.47
CA VAL E 180 15.91 -21.32 -46.59
C VAL E 180 16.19 -20.57 -47.88
N VAL E 181 16.61 -21.29 -48.91
CA VAL E 181 16.81 -20.74 -50.25
C VAL E 181 15.39 -20.69 -50.89
N PRO E 182 14.89 -19.50 -51.26
CA PRO E 182 13.53 -19.43 -51.84
C PRO E 182 13.39 -20.16 -53.17
N GLY E 183 12.23 -20.77 -53.39
CA GLY E 183 11.95 -21.46 -54.64
C GLY E 183 12.27 -22.95 -54.66
N PRO E 184 12.05 -23.61 -55.82
CA PRO E 184 11.66 -23.06 -57.14
C PRO E 184 10.20 -22.67 -57.37
N ARG E 185 9.25 -23.16 -56.53
CA ARG E 185 7.80 -22.93 -56.72
C ARG E 185 7.15 -21.95 -55.75
N ASP E 186 7.91 -20.96 -55.25
CA ASP E 186 7.34 -19.94 -54.36
C ASP E 186 6.22 -19.12 -55.04
N ASP E 187 6.24 -19.04 -56.38
CA ASP E 187 5.26 -18.35 -57.24
C ASP E 187 3.87 -19.02 -57.22
N TRP E 188 3.77 -20.25 -56.70
CA TRP E 188 2.53 -21.01 -56.57
C TRP E 188 1.64 -20.56 -55.42
N PHE E 189 2.23 -19.85 -54.45
CA PHE E 189 1.54 -19.42 -53.23
C PHE E 189 1.11 -17.98 -53.22
N VAL E 190 -0.05 -17.75 -52.63
CA VAL E 190 -0.67 -16.42 -52.51
C VAL E 190 0.29 -15.48 -51.73
N ASP E 191 0.77 -15.96 -50.57
CA ASP E 191 1.68 -15.21 -49.72
C ASP E 191 2.81 -16.12 -49.23
N PRO E 192 3.89 -16.29 -50.03
CA PRO E 192 4.99 -17.15 -49.57
C PRO E 192 5.73 -16.67 -48.32
N ASP E 193 5.67 -15.36 -47.99
CA ASP E 193 6.32 -14.84 -46.78
C ASP E 193 5.75 -15.38 -45.46
N ILE E 194 4.54 -15.98 -45.49
CA ILE E 194 3.94 -16.68 -44.35
C ILE E 194 4.95 -17.74 -43.85
N LEU E 195 5.66 -18.40 -44.77
CA LEU E 195 6.67 -19.41 -44.43
C LEU E 195 7.70 -18.87 -43.42
N VAL E 196 8.14 -17.63 -43.61
CA VAL E 196 9.17 -16.98 -42.80
C VAL E 196 8.66 -16.06 -41.71
N ARG E 197 7.35 -16.09 -41.45
CA ARG E 197 6.67 -15.23 -40.49
C ARG E 197 5.74 -16.05 -39.56
N THR E 198 5.97 -17.36 -39.50
CA THR E 198 5.17 -18.29 -38.69
C THR E 198 6.03 -19.09 -37.71
N ASN E 199 5.45 -19.38 -36.54
CA ASN E 199 6.08 -20.27 -35.56
C ASN E 199 5.51 -21.65 -35.88
N TRP E 200 6.25 -22.43 -36.63
CA TRP E 200 5.81 -23.75 -37.07
C TRP E 200 6.01 -24.78 -35.98
N LEU E 201 4.98 -25.58 -35.70
CA LEU E 201 5.08 -26.64 -34.71
C LEU E 201 5.39 -27.99 -35.40
N VAL E 202 6.34 -28.74 -34.84
CA VAL E 202 6.75 -30.03 -35.38
C VAL E 202 5.84 -31.11 -34.79
N THR E 203 5.14 -31.91 -35.66
CA THR E 203 4.24 -32.97 -35.21
C THR E 203 4.97 -34.30 -34.99
N ASN E 204 4.31 -35.19 -34.22
CA ASN E 204 4.73 -36.56 -33.93
C ASN E 204 4.67 -37.46 -35.20
N ARG E 205 4.12 -36.96 -36.33
CA ARG E 205 4.06 -37.73 -37.59
C ARG E 205 5.35 -37.57 -38.40
N SER E 206 6.27 -36.71 -37.93
CA SER E 206 7.60 -36.49 -38.52
C SER E 206 8.40 -37.78 -38.48
N ASP E 207 9.08 -38.08 -39.57
CA ASP E 207 9.91 -39.27 -39.70
C ASP E 207 11.01 -38.93 -40.69
N ARG E 208 11.85 -39.93 -41.03
CA ARG E 208 12.96 -39.80 -41.99
C ARG E 208 12.47 -39.45 -43.40
N VAL E 209 11.18 -39.63 -43.67
CA VAL E 209 10.60 -39.28 -44.97
C VAL E 209 10.42 -37.76 -44.98
N GLY E 210 9.96 -37.20 -43.86
CA GLY E 210 9.83 -35.76 -43.74
C GLY E 210 9.33 -35.26 -42.41
N ARG E 212 6.90 -32.90 -40.39
CA ARG E 212 5.60 -32.26 -40.62
C ARG E 212 5.45 -31.06 -39.74
N LEU E 213 5.20 -29.89 -40.35
CA LEU E 213 5.00 -28.65 -39.61
C LEU E 213 3.54 -28.23 -39.68
N VAL E 214 3.03 -27.61 -38.62
CA VAL E 214 1.67 -27.10 -38.56
C VAL E 214 1.70 -25.67 -38.10
N GLY E 215 0.81 -24.89 -38.67
CA GLY E 215 0.63 -23.47 -38.41
C GLY E 215 -0.31 -22.92 -39.46
N PRO E 217 -1.88 -22.17 -42.65
CA PRO E 217 -1.66 -22.81 -43.96
C PRO E 217 -1.26 -21.86 -45.08
N LEU E 218 -0.36 -22.34 -45.95
CA LEU E 218 0.09 -21.63 -47.14
C LEU E 218 -0.97 -21.90 -48.22
N GLU E 219 -1.66 -20.88 -48.70
CA GLU E 219 -2.64 -21.15 -49.74
C GLU E 219 -2.07 -21.06 -51.15
N TYR E 220 -2.54 -21.95 -52.04
CA TYR E 220 -2.16 -21.98 -53.46
C TYR E 220 -2.91 -20.85 -54.20
N ARG E 221 -2.27 -20.26 -55.23
CA ARG E 221 -2.89 -19.23 -56.09
C ARG E 221 -3.95 -19.95 -56.94
N ASN E 222 -3.61 -21.14 -57.46
CA ASN E 222 -4.49 -21.99 -58.27
C ASN E 222 -4.59 -23.36 -57.59
N PRO E 223 -5.58 -23.54 -56.67
CA PRO E 223 -5.64 -24.79 -55.88
C PRO E 223 -5.81 -26.11 -56.64
N ASP E 224 -6.36 -26.04 -57.84
CA ASP E 224 -6.59 -27.21 -58.67
C ASP E 224 -5.43 -27.51 -59.63
N ARG E 225 -4.38 -26.64 -59.61
CA ARG E 225 -3.19 -26.81 -60.46
C ARG E 225 -2.36 -28.01 -60.00
N GLN E 226 -2.01 -28.86 -60.95
CA GLN E 226 -1.23 -30.06 -60.69
C GLN E 226 0.18 -29.86 -61.18
N LEU E 227 1.13 -30.17 -60.30
CA LEU E 227 2.54 -30.05 -60.63
C LEU E 227 2.98 -31.42 -61.15
N PRO E 228 3.59 -31.48 -62.37
CA PRO E 228 4.16 -32.78 -62.81
C PRO E 228 5.28 -33.15 -61.83
N SER E 229 5.43 -34.43 -61.54
CA SER E 229 6.44 -34.91 -60.59
C SER E 229 7.82 -34.41 -60.94
N GLU E 230 8.58 -34.01 -59.91
CA GLU E 230 9.94 -33.51 -60.06
C GLU E 230 10.87 -33.98 -58.97
N GLY E 231 12.15 -34.10 -59.32
CA GLY E 231 13.21 -34.49 -58.39
C GLY E 231 13.22 -33.62 -57.15
N ALA E 232 13.48 -34.24 -56.02
CA ALA E 232 13.50 -33.54 -54.75
C ALA E 232 14.83 -33.83 -54.04
N THR E 233 15.11 -33.10 -52.95
CA THR E 233 16.30 -33.35 -52.13
C THR E 233 15.87 -33.25 -50.68
N ARG E 234 16.71 -33.74 -49.77
CA ARG E 234 16.40 -33.54 -48.38
C ARG E 234 16.56 -32.02 -48.08
N GLY E 235 15.73 -31.53 -47.16
CA GLY E 235 15.72 -30.12 -46.84
C GLY E 235 14.75 -29.35 -47.70
N ALA E 236 14.19 -29.97 -48.76
CA ALA E 236 13.22 -29.29 -49.59
C ALA E 236 11.91 -29.16 -48.81
N ILE E 237 11.30 -27.96 -48.89
CA ILE E 237 10.04 -27.68 -48.22
C ILE E 237 8.87 -27.81 -49.19
N GLN E 238 8.18 -28.97 -49.16
CA GLN E 238 7.01 -29.26 -49.99
C GLN E 238 5.80 -28.65 -49.33
N VAL E 239 4.84 -28.19 -50.14
CA VAL E 239 3.59 -27.68 -49.59
C VAL E 239 2.42 -28.45 -50.18
N PRO E 240 1.95 -29.51 -49.48
CA PRO E 240 0.77 -30.27 -49.97
C PRO E 240 -0.49 -29.40 -50.01
N PRO E 241 -1.60 -29.87 -50.63
CA PRO E 241 -2.80 -29.03 -50.72
C PRO E 241 -3.37 -28.45 -49.41
N ASN E 242 -3.13 -29.12 -48.26
CA ASN E 242 -3.61 -28.63 -46.95
C ASN E 242 -2.84 -27.36 -46.46
N GLY E 243 -1.72 -27.05 -47.11
CA GLY E 243 -0.91 -25.88 -46.82
C GLY E 243 0.06 -26.02 -45.66
N PHE E 244 0.21 -27.25 -45.13
CA PHE E 244 1.13 -27.49 -44.00
C PHE E 244 2.45 -27.99 -44.57
N PRO E 245 3.54 -27.21 -44.39
CA PRO E 245 4.83 -27.60 -44.99
C PRO E 245 5.42 -28.86 -44.40
N VAL E 246 6.13 -29.59 -45.27
CA VAL E 246 6.85 -30.81 -44.95
C VAL E 246 8.27 -30.62 -45.41
N ILE E 247 9.20 -30.73 -44.47
CA ILE E 247 10.61 -30.60 -44.81
C ILE E 247 11.14 -32.00 -45.05
N LEU E 248 11.55 -32.29 -46.30
CA LEU E 248 12.04 -33.61 -46.68
C LEU E 248 13.28 -34.09 -45.96
N GLY E 249 13.20 -35.33 -45.47
CA GLY E 249 14.29 -36.02 -44.78
C GLY E 249 15.08 -36.90 -45.73
N PRO E 250 16.00 -37.74 -45.18
CA PRO E 250 16.84 -38.59 -46.08
C PRO E 250 16.09 -39.65 -46.86
N ASP E 251 14.89 -40.06 -46.38
CA ASP E 251 14.07 -41.12 -46.99
C ASP E 251 12.93 -40.63 -47.88
N HIS E 252 12.99 -39.35 -48.29
CA HIS E 252 12.02 -38.73 -49.20
C HIS E 252 12.06 -39.54 -50.52
N PRO E 253 10.94 -39.77 -51.24
CA PRO E 253 11.07 -40.44 -52.55
C PRO E 253 11.88 -39.57 -53.55
N VAL E 254 12.51 -40.18 -54.59
CA VAL E 254 13.33 -39.43 -55.56
C VAL E 254 12.62 -38.27 -56.19
N THR E 255 11.32 -38.44 -56.51
CA THR E 255 10.49 -37.40 -57.08
C THR E 255 9.28 -37.18 -56.20
N GLY E 256 8.77 -35.95 -56.24
CA GLY E 256 7.58 -35.55 -55.52
C GLY E 256 6.63 -34.78 -56.40
N GLY E 257 5.35 -34.78 -56.03
CA GLY E 257 4.31 -34.08 -56.78
C GLY E 257 3.82 -32.76 -56.19
N TYR E 258 4.42 -32.34 -55.06
CA TYR E 258 4.04 -31.11 -54.38
C TYR E 258 4.96 -29.94 -54.69
N PRO E 259 4.41 -28.72 -54.91
CA PRO E 259 5.30 -27.57 -55.14
C PRO E 259 6.25 -27.33 -53.94
N VAL E 260 7.53 -27.09 -54.23
CA VAL E 260 8.57 -26.79 -53.24
C VAL E 260 8.69 -25.26 -53.12
N ILE E 261 8.36 -24.70 -51.94
CA ILE E 261 8.39 -23.26 -51.65
C ILE E 261 9.81 -22.72 -51.42
N GLY E 262 10.65 -23.58 -50.84
CA GLY E 262 12.04 -23.28 -50.52
C GLY E 262 12.80 -24.51 -50.12
N VAL E 263 14.13 -24.41 -50.06
CA VAL E 263 14.98 -25.54 -49.71
C VAL E 263 15.95 -25.08 -48.62
N VAL E 264 16.02 -25.81 -47.51
CA VAL E 264 16.93 -25.50 -46.40
C VAL E 264 18.38 -25.53 -46.92
N THR E 265 19.21 -24.53 -46.53
CA THR E 265 20.61 -24.41 -46.91
C THR E 265 21.37 -25.63 -46.38
N GLU E 266 22.41 -26.07 -47.11
CA GLU E 266 23.25 -27.22 -46.80
C GLU E 266 23.73 -27.22 -45.35
N GLU E 267 24.23 -26.07 -44.89
CA GLU E 267 24.76 -25.84 -43.55
C GLU E 267 23.69 -26.12 -42.48
N ASP E 268 22.42 -25.81 -42.76
CA ASP E 268 21.32 -26.00 -41.82
C ASP E 268 20.61 -27.36 -41.94
N ILE E 269 20.97 -28.17 -42.92
CA ILE E 269 20.32 -29.47 -43.17
C ILE E 269 20.42 -30.51 -42.05
N ASP E 270 21.61 -30.76 -41.49
CA ASP E 270 21.78 -31.72 -40.38
C ASP E 270 21.02 -31.34 -39.09
N LYS E 271 20.76 -30.03 -38.89
CA LYS E 271 19.95 -29.53 -37.76
C LYS E 271 18.54 -30.15 -37.80
N LEU E 272 18.06 -30.52 -38.98
CA LEU E 272 16.73 -31.13 -39.17
C LEU E 272 16.61 -32.50 -38.49
N GLY E 273 17.72 -33.25 -38.46
CA GLY E 273 17.77 -34.58 -37.86
C GLY E 273 17.71 -34.56 -36.34
N GLN E 274 17.77 -33.37 -35.73
CA GLN E 274 17.79 -33.17 -34.29
C GLN E 274 16.57 -32.43 -33.71
N VAL E 275 15.57 -32.17 -34.54
CA VAL E 275 14.36 -31.46 -34.11
C VAL E 275 13.39 -32.49 -33.57
N ARG E 276 12.94 -32.27 -32.34
CA ARG E 276 12.04 -33.17 -31.64
C ARG E 276 10.58 -32.76 -31.88
N PRO E 277 9.61 -33.72 -31.93
CA PRO E 277 8.19 -33.31 -32.01
C PRO E 277 7.82 -32.39 -30.84
N GLY E 278 6.99 -31.39 -31.14
CA GLY E 278 6.55 -30.40 -30.16
C GLY E 278 7.39 -29.13 -30.17
N GLN E 279 8.59 -29.16 -30.77
CA GLN E 279 9.43 -27.98 -30.89
C GLN E 279 8.87 -27.05 -31.95
N THR E 280 9.32 -25.75 -31.89
CA THR E 280 9.00 -24.68 -32.83
C THR E 280 10.15 -24.51 -33.84
N VAL E 281 9.80 -24.37 -35.11
CA VAL E 281 10.73 -24.13 -36.20
C VAL E 281 10.41 -22.76 -36.78
N ARG E 282 11.43 -21.89 -36.89
CA ARG E 282 11.33 -20.59 -37.54
C ARG E 282 12.19 -20.62 -38.79
N LEU E 283 11.61 -20.22 -39.92
CA LEU E 283 12.31 -20.22 -41.22
C LEU E 283 12.65 -18.82 -41.64
N HIS E 284 13.78 -18.64 -42.34
CA HIS E 284 14.24 -17.32 -42.83
C HIS E 284 14.84 -17.44 -44.21
N TRP E 285 14.52 -16.51 -45.13
CA TRP E 285 15.08 -16.53 -46.50
C TRP E 285 16.61 -16.33 -46.44
N ALA E 286 17.39 -17.20 -47.14
CA ALA E 286 18.86 -17.13 -47.18
C ALA E 286 19.26 -15.85 -47.94
N TYR E 287 18.45 -15.46 -48.91
CA TYR E 287 18.60 -14.25 -49.70
C TYR E 287 17.20 -13.81 -50.16
N PRO E 288 16.98 -12.51 -50.52
CA PRO E 288 15.64 -12.09 -50.94
C PRO E 288 15.04 -12.90 -52.08
N ARG E 289 13.75 -13.09 -51.95
CA ARG E 289 12.88 -13.78 -52.88
C ARG E 289 12.68 -12.86 -54.07
N ARG E 290 12.45 -13.43 -55.26
CA ARG E 290 12.08 -12.65 -56.45
C ARG E 290 10.55 -12.43 -56.42
N PRO E 291 10.05 -11.17 -56.47
CA PRO E 291 8.59 -10.96 -56.40
C PRO E 291 7.82 -11.50 -57.60
N PHE E 292 6.53 -11.82 -57.39
CA PHE E 292 5.63 -12.33 -58.42
C PHE E 292 5.31 -11.24 -59.46
N GLU E 293 5.23 -11.65 -60.75
CA GLU E 293 4.93 -10.76 -61.87
C GLU E 293 3.71 -11.23 -62.66
N SER F 19 19.52 -26.35 -79.71
CA SER F 19 18.81 -25.46 -78.80
C SER F 19 19.52 -25.26 -77.44
N THR F 20 19.14 -24.17 -76.73
CA THR F 20 19.70 -23.85 -75.41
C THR F 20 18.73 -24.18 -74.27
N LEU F 21 19.20 -23.93 -73.05
CA LEU F 21 18.44 -24.16 -71.83
C LEU F 21 17.44 -23.03 -71.61
N GLY F 22 16.38 -23.35 -70.88
CA GLY F 22 15.38 -22.38 -70.46
C GLY F 22 15.72 -21.93 -69.05
N THR F 23 14.72 -22.02 -68.15
CA THR F 23 14.87 -21.64 -66.76
C THR F 23 15.75 -22.65 -66.03
N VAL F 24 16.71 -22.16 -65.24
CA VAL F 24 17.60 -22.95 -64.40
C VAL F 24 17.48 -22.36 -62.99
N HIS F 25 16.68 -23.04 -62.16
CA HIS F 25 16.47 -22.60 -60.80
C HIS F 25 17.57 -23.11 -59.92
N ASN F 26 17.91 -22.33 -58.89
CA ASN F 26 18.73 -22.79 -57.80
C ASN F 26 17.74 -23.65 -57.01
N TYR F 27 18.11 -24.88 -56.69
CA TYR F 27 17.29 -25.77 -55.89
C TYR F 27 18.07 -25.93 -54.59
N GLY F 28 17.87 -25.00 -53.68
CA GLY F 28 18.66 -24.92 -52.48
C GLY F 28 20.03 -24.39 -52.87
N ASP F 29 21.06 -24.73 -52.11
CA ASP F 29 22.39 -24.23 -52.49
C ASP F 29 23.31 -25.30 -53.08
N GLN F 30 22.81 -26.54 -53.25
CA GLN F 30 23.60 -27.60 -53.87
C GLN F 30 22.90 -28.43 -54.97
N ALA F 31 21.89 -27.83 -55.59
CA ALA F 31 21.17 -28.48 -56.68
C ALA F 31 20.63 -27.43 -57.64
N LEU F 32 20.38 -27.85 -58.90
CA LEU F 32 19.84 -26.99 -59.94
C LEU F 32 18.68 -27.71 -60.58
N LEU F 33 17.57 -27.00 -60.78
CA LEU F 33 16.38 -27.57 -61.41
C LEU F 33 16.19 -26.91 -62.76
N LEU F 34 16.32 -27.70 -63.82
CA LEU F 34 16.22 -27.28 -65.22
C LEU F 34 14.80 -27.53 -65.70
N GLU F 35 14.14 -26.51 -66.28
CA GLU F 35 12.78 -26.63 -66.84
C GLU F 35 12.78 -26.85 -68.33
N PHE F 36 11.86 -27.72 -68.79
CA PHE F 36 11.70 -28.04 -70.22
C PHE F 36 10.25 -28.08 -70.62
N ASP F 37 9.97 -27.88 -71.92
CA ASP F 37 8.61 -27.86 -72.45
C ASP F 37 8.08 -29.23 -72.84
N SER F 38 8.98 -30.25 -72.88
CA SER F 38 8.63 -31.60 -73.30
C SER F 38 9.54 -32.63 -72.68
N THR F 39 9.07 -33.89 -72.66
CA THR F 39 9.80 -35.04 -72.15
C THR F 39 10.97 -35.36 -73.07
N ALA F 40 10.80 -35.15 -74.38
CA ALA F 40 11.85 -35.39 -75.39
C ALA F 40 13.08 -34.53 -75.09
N GLU F 41 12.85 -33.26 -74.67
CA GLU F 41 13.92 -32.32 -74.29
C GLU F 41 14.55 -32.76 -72.99
N VAL F 42 13.73 -33.27 -72.04
CA VAL F 42 14.25 -33.78 -70.76
C VAL F 42 15.24 -34.90 -71.01
N LEU F 43 14.85 -35.86 -71.84
CA LEU F 43 15.67 -37.02 -72.18
C LEU F 43 16.95 -36.71 -72.95
N ALA F 44 16.88 -35.78 -73.93
CA ALA F 44 18.07 -35.37 -74.68
C ALA F 44 19.04 -34.61 -73.77
N TRP F 45 18.53 -33.71 -72.92
CA TRP F 45 19.38 -32.97 -71.98
C TRP F 45 20.00 -33.86 -70.93
N THR F 46 19.28 -34.92 -70.47
CA THR F 46 19.79 -35.90 -69.49
C THR F 46 21.05 -36.57 -70.03
N GLU F 47 21.00 -37.03 -71.29
CA GLU F 47 22.14 -37.66 -71.94
C GLU F 47 23.32 -36.71 -72.09
N THR F 48 23.04 -35.43 -72.49
CA THR F 48 24.02 -34.36 -72.63
C THR F 48 24.74 -34.20 -71.30
N LEU F 49 23.96 -34.02 -70.21
CA LEU F 49 24.46 -33.82 -68.84
C LEU F 49 25.29 -35.00 -68.34
N ARG F 50 24.81 -36.26 -68.58
CA ARG F 50 25.49 -37.50 -68.21
C ARG F 50 26.86 -37.58 -68.92
N GLU F 51 26.87 -37.25 -70.22
CA GLU F 51 28.08 -37.27 -71.06
C GLU F 51 29.06 -36.16 -70.74
N ALA F 52 28.55 -35.02 -70.23
CA ALA F 52 29.38 -33.88 -69.86
C ALA F 52 30.28 -34.17 -68.65
N GLU F 53 29.89 -35.17 -67.80
CA GLU F 53 30.63 -35.58 -66.60
C GLU F 53 31.10 -34.39 -65.75
N LEU F 54 30.14 -33.52 -65.42
CA LEU F 54 30.34 -32.29 -64.67
C LEU F 54 30.90 -32.55 -63.29
N LEU F 55 31.84 -31.69 -62.87
CA LEU F 55 32.50 -31.80 -61.58
C LEU F 55 31.51 -31.56 -60.45
N GLY F 56 31.52 -32.46 -59.47
CA GLY F 56 30.67 -32.35 -58.28
C GLY F 56 29.25 -32.88 -58.42
N VAL F 57 28.90 -33.47 -59.57
CA VAL F 57 27.54 -34.01 -59.80
C VAL F 57 27.39 -35.35 -59.05
N VAL F 58 26.38 -35.44 -58.18
CA VAL F 58 26.09 -36.64 -57.38
C VAL F 58 25.00 -37.49 -58.07
N ASP F 59 24.00 -36.82 -58.69
CA ASP F 59 22.95 -37.47 -59.44
C ASP F 59 22.27 -36.50 -60.41
N ILE F 60 21.68 -37.06 -61.47
CA ILE F 60 20.90 -36.39 -62.53
C ILE F 60 19.52 -37.04 -62.49
N VAL F 61 18.50 -36.27 -62.09
CA VAL F 61 17.14 -36.72 -61.94
C VAL F 61 16.18 -36.20 -63.02
N PRO F 62 16.07 -36.91 -64.18
CA PRO F 62 15.07 -36.51 -65.18
C PRO F 62 13.66 -36.80 -64.66
N ALA F 63 12.70 -35.99 -65.11
CA ALA F 63 11.30 -36.13 -64.78
C ALA F 63 10.43 -35.64 -65.95
N ALA F 64 9.10 -35.53 -65.78
CA ALA F 64 8.23 -35.16 -66.91
C ALA F 64 8.59 -33.88 -67.64
N ARG F 65 8.90 -32.79 -66.90
CA ARG F 65 9.20 -31.49 -67.48
C ARG F 65 10.42 -30.80 -66.87
N THR F 66 11.24 -31.56 -66.13
CA THR F 66 12.42 -31.00 -65.47
C THR F 66 13.56 -31.99 -65.41
N VAL F 67 14.75 -31.48 -65.07
CA VAL F 67 15.95 -32.26 -64.76
C VAL F 67 16.53 -31.63 -63.48
N LEU F 68 16.68 -32.44 -62.43
CA LEU F 68 17.29 -32.00 -61.17
C LEU F 68 18.73 -32.50 -61.19
N VAL F 69 19.71 -31.58 -61.12
CA VAL F 69 21.13 -31.90 -61.08
C VAL F 69 21.54 -31.73 -59.61
N LYS F 70 21.82 -32.85 -58.91
CA LYS F 70 22.23 -32.83 -57.51
C LYS F 70 23.74 -32.75 -57.43
N LEU F 71 24.24 -31.84 -56.60
CA LEU F 71 25.66 -31.55 -56.45
C LEU F 71 26.19 -31.92 -55.07
N ALA F 72 27.51 -32.19 -54.99
CA ALA F 72 28.25 -32.61 -53.80
C ALA F 72 28.37 -31.55 -52.73
N GLY F 73 28.22 -30.28 -53.09
CA GLY F 73 28.31 -29.19 -52.13
C GLY F 73 27.97 -27.85 -52.74
N PRO F 74 27.70 -26.83 -51.90
CA PRO F 74 27.37 -25.50 -52.44
C PRO F 74 28.37 -24.89 -53.42
N ARG F 75 29.68 -25.20 -53.23
CA ARG F 75 30.74 -24.66 -54.07
C ARG F 75 30.58 -24.94 -55.57
N TYR F 76 29.91 -26.05 -55.91
CA TYR F 76 29.69 -26.53 -57.27
C TYR F 76 28.55 -25.87 -58.00
N GLN F 77 27.67 -25.17 -57.27
CA GLN F 77 26.48 -24.56 -57.86
C GLN F 77 26.72 -23.56 -59.03
N ALA F 78 27.48 -22.46 -58.80
CA ALA F 78 27.78 -21.48 -59.85
C ALA F 78 28.64 -22.10 -60.99
N PRO F 79 29.74 -22.86 -60.70
CA PRO F 79 30.50 -23.50 -61.80
C PRO F 79 29.66 -24.40 -62.71
N THR F 80 28.72 -25.19 -62.16
CA THR F 80 27.78 -26.05 -62.92
C THR F 80 26.83 -25.18 -63.76
N ARG F 81 26.28 -24.08 -63.15
CA ARG F 81 25.39 -23.16 -63.88
C ARG F 81 26.09 -22.61 -65.11
N GLN F 82 27.35 -22.16 -64.96
CA GLN F 82 28.16 -21.63 -66.06
C GLN F 82 28.40 -22.66 -67.14
N ARG F 83 28.86 -23.90 -66.78
CA ARG F 83 29.07 -25.01 -67.74
C ARG F 83 27.79 -25.34 -68.49
N LEU F 84 26.64 -25.37 -67.79
CA LEU F 84 25.33 -25.64 -68.37
C LEU F 84 25.01 -24.72 -69.55
N GLY F 85 25.39 -23.45 -69.43
CA GLY F 85 25.20 -22.45 -70.46
C GLY F 85 25.99 -22.69 -71.74
N LYS F 86 27.09 -23.47 -71.65
CA LYS F 86 27.96 -23.79 -72.77
C LYS F 86 27.61 -25.13 -73.42
N LEU F 87 26.69 -25.88 -72.79
CA LEU F 87 26.25 -27.17 -73.31
C LEU F 87 25.30 -27.00 -74.51
N ARG F 88 25.48 -27.87 -75.53
CA ARG F 88 24.67 -27.96 -76.75
C ARG F 88 23.90 -29.28 -76.68
N VAL F 89 22.57 -29.20 -76.78
CA VAL F 89 21.74 -30.41 -76.69
C VAL F 89 22.05 -31.47 -77.78
N ARG F 90 22.51 -32.65 -77.32
CA ARG F 90 22.89 -33.78 -78.15
C ARG F 90 21.67 -34.40 -78.87
N PRO F 91 21.81 -34.96 -80.12
CA PRO F 91 20.64 -35.51 -80.82
C PRO F 91 19.70 -36.37 -79.96
N GLU F 92 18.41 -36.02 -79.95
CA GLU F 92 17.42 -36.76 -79.17
C GLU F 92 17.04 -38.11 -79.81
N ALA F 93 17.11 -39.18 -78.98
CA ALA F 93 16.78 -40.56 -79.35
C ALA F 93 15.26 -40.77 -79.21
N ILE F 94 14.54 -39.65 -79.05
CA ILE F 94 13.08 -39.52 -78.91
C ILE F 94 12.49 -39.20 -80.29
N THR F 95 13.35 -38.74 -81.25
CA THR F 95 13.01 -38.53 -82.67
C THR F 95 12.92 -39.98 -83.24
N HIS F 96 13.54 -40.92 -82.48
CA HIS F 96 13.56 -42.36 -82.68
C HIS F 96 12.47 -42.95 -81.76
N GLN F 97 11.21 -42.87 -82.25
CA GLN F 97 10.01 -43.39 -81.60
C GLN F 97 9.75 -44.90 -81.84
N PRO F 98 10.24 -45.60 -82.92
CA PRO F 98 10.00 -47.06 -83.02
C PRO F 98 11.13 -47.89 -82.35
N PRO F 99 10.92 -49.17 -81.90
CA PRO F 99 12.05 -49.91 -81.29
C PRO F 99 13.13 -50.34 -82.29
N GLY F 100 12.82 -50.23 -83.57
CA GLY F 100 13.69 -50.67 -84.65
C GLY F 100 13.18 -52.02 -85.15
N ASP F 101 12.96 -52.98 -84.19
CA ASP F 101 12.41 -54.32 -84.40
C ASP F 101 11.99 -55.05 -83.10
N ARG F 102 12.95 -55.65 -82.38
CA ARG F 102 12.72 -56.41 -81.15
C ARG F 102 12.59 -55.59 -79.86
N VAL F 103 11.77 -56.13 -78.94
CA VAL F 103 11.39 -55.59 -77.64
C VAL F 103 12.24 -56.25 -76.53
N ASP F 104 12.68 -55.48 -75.53
CA ASP F 104 13.53 -55.98 -74.45
C ASP F 104 12.83 -56.88 -73.45
N VAL F 105 11.55 -56.58 -73.16
CA VAL F 105 10.74 -57.32 -72.19
C VAL F 105 9.26 -57.26 -72.59
N THR F 106 8.53 -58.34 -72.26
CA THR F 106 7.10 -58.44 -72.46
C THR F 106 6.41 -58.57 -71.09
N ILE F 107 5.47 -57.66 -70.79
CA ILE F 107 4.74 -57.68 -69.53
C ILE F 107 3.31 -58.17 -69.79
N ASP F 108 2.91 -59.24 -69.10
CA ASP F 108 1.56 -59.80 -69.23
C ASP F 108 0.63 -59.09 -68.27
N VAL F 109 -0.47 -58.55 -68.82
CA VAL F 109 -1.45 -57.74 -68.10
C VAL F 109 -2.86 -58.33 -68.18
N VAL F 110 -3.55 -58.32 -67.02
CA VAL F 110 -4.97 -58.67 -66.92
C VAL F 110 -5.63 -57.27 -66.95
N TYR F 111 -6.39 -56.97 -68.01
CA TYR F 111 -7.02 -55.66 -68.15
C TYR F 111 -8.34 -55.52 -67.37
N ASP F 112 -8.22 -55.49 -66.03
CA ASP F 112 -9.33 -55.41 -65.09
C ASP F 112 -9.27 -54.15 -64.21
N GLY F 113 -8.59 -53.13 -64.72
CA GLY F 113 -8.41 -51.87 -64.01
C GLY F 113 -9.70 -51.12 -63.75
N ALA F 114 -9.73 -50.40 -62.63
CA ALA F 114 -10.83 -49.60 -62.13
C ALA F 114 -11.28 -48.48 -63.06
N ASP F 115 -10.33 -47.91 -63.82
CA ASP F 115 -10.57 -46.80 -64.74
C ASP F 115 -10.62 -47.18 -66.22
N LEU F 116 -10.61 -48.50 -66.54
CA LEU F 116 -10.67 -48.97 -67.93
C LEU F 116 -11.82 -48.33 -68.74
N HIS F 117 -13.04 -48.35 -68.19
CA HIS F 117 -14.23 -47.76 -68.81
C HIS F 117 -14.13 -46.22 -68.90
N GLU F 118 -13.49 -45.59 -67.90
CA GLU F 118 -13.30 -44.14 -67.88
C GLU F 118 -12.30 -43.70 -68.98
N VAL F 119 -11.19 -44.46 -69.14
CA VAL F 119 -10.17 -44.25 -70.18
C VAL F 119 -10.82 -44.37 -71.55
N ALA F 120 -11.68 -45.38 -71.71
CA ALA F 120 -12.44 -45.61 -72.96
C ALA F 120 -13.26 -44.36 -73.31
N SER F 121 -14.05 -43.84 -72.35
CA SER F 121 -14.88 -42.64 -72.51
C SER F 121 -14.05 -41.40 -72.87
N LEU F 122 -12.95 -41.20 -72.15
CA LEU F 122 -12.04 -40.07 -72.34
C LEU F 122 -11.27 -40.12 -73.68
N THR F 123 -10.87 -41.31 -74.14
CA THR F 123 -10.12 -41.47 -75.38
C THR F 123 -11.00 -41.61 -76.62
N GLY F 124 -12.31 -41.74 -76.42
CA GLY F 124 -13.30 -41.92 -77.48
C GLY F 124 -13.26 -43.31 -78.12
N THR F 126 -13.62 -47.87 -77.22
CA THR F 126 -14.30 -48.92 -76.44
C THR F 126 -13.23 -49.56 -75.55
N PRO F 127 -13.56 -50.27 -74.45
CA PRO F 127 -12.51 -50.93 -73.66
C PRO F 127 -11.64 -51.90 -74.49
N ALA F 128 -12.23 -52.58 -75.50
CA ALA F 128 -11.50 -53.47 -76.42
C ALA F 128 -10.40 -52.70 -77.20
N GLN F 129 -10.75 -51.50 -77.72
CA GLN F 129 -9.81 -50.64 -78.46
C GLN F 129 -8.69 -50.08 -77.55
N VAL F 130 -9.01 -49.81 -76.28
CA VAL F 130 -8.04 -49.33 -75.30
C VAL F 130 -6.95 -50.39 -75.07
N ILE F 131 -7.37 -51.65 -74.78
CA ILE F 131 -6.48 -52.81 -74.56
C ILE F 131 -5.63 -53.08 -75.81
N ALA F 132 -6.26 -53.05 -76.99
CA ALA F 132 -5.58 -53.25 -78.27
C ALA F 132 -4.53 -52.17 -78.55
N ALA F 133 -4.83 -50.89 -78.23
CA ALA F 133 -3.87 -49.80 -78.42
C ALA F 133 -2.70 -49.93 -77.42
N HIS F 134 -2.98 -50.26 -76.15
CA HIS F 134 -1.95 -50.43 -75.13
C HIS F 134 -0.98 -51.57 -75.44
N THR F 135 -1.51 -52.68 -75.98
CA THR F 135 -0.75 -53.89 -76.34
C THR F 135 -0.17 -53.84 -77.78
N GLY F 136 -0.70 -52.97 -78.63
CA GLY F 136 -0.31 -52.86 -80.04
C GLY F 136 0.96 -52.12 -80.37
N THR F 137 1.29 -51.13 -79.58
CA THR F 137 2.50 -50.33 -79.80
C THR F 137 3.42 -50.46 -78.57
N PRO F 138 4.69 -50.85 -78.80
CA PRO F 138 5.66 -50.95 -77.70
C PRO F 138 5.96 -49.60 -77.08
N TRP F 139 6.34 -49.60 -75.79
CA TRP F 139 6.66 -48.38 -75.03
C TRP F 139 8.13 -48.38 -74.68
N ARG F 140 8.70 -47.19 -74.55
CA ARG F 140 10.09 -47.00 -74.17
C ARG F 140 10.16 -46.43 -72.76
N VAL F 141 11.06 -46.99 -71.94
CA VAL F 141 11.23 -46.43 -70.61
C VAL F 141 12.05 -45.16 -70.72
N GLY F 142 11.38 -44.04 -70.47
CA GLY F 142 11.98 -42.71 -70.53
C GLY F 142 12.86 -42.48 -69.33
N PHE F 143 12.28 -42.56 -68.12
CA PHE F 143 12.98 -42.32 -66.87
C PHE F 143 12.28 -43.06 -65.74
N CYS F 144 12.97 -43.18 -64.60
CA CYS F 144 12.42 -43.73 -63.38
C CYS F 144 12.21 -42.62 -62.39
N GLY F 145 11.32 -42.88 -61.45
CA GLY F 145 11.00 -41.97 -60.37
C GLY F 145 9.90 -42.54 -59.50
N PHE F 146 9.30 -41.67 -58.67
CA PHE F 146 8.15 -41.97 -57.82
C PHE F 146 8.41 -43.00 -56.72
N ALA F 147 8.97 -44.18 -57.09
CA ALA F 147 9.23 -45.31 -56.19
C ALA F 147 10.25 -46.22 -56.84
N PRO F 148 10.98 -47.08 -56.06
CA PRO F 148 11.93 -48.00 -56.69
C PRO F 148 11.26 -48.93 -57.71
N GLY F 149 11.75 -48.93 -58.93
CA GLY F 149 11.19 -49.77 -59.98
C GLY F 149 10.04 -49.16 -60.77
N PHE F 150 9.63 -47.93 -60.41
CA PHE F 150 8.56 -47.25 -61.15
C PHE F 150 9.17 -46.58 -62.39
N ALA F 151 8.80 -47.07 -63.59
CA ALA F 151 9.30 -46.54 -64.84
C ALA F 151 8.23 -45.78 -65.59
N TYR F 152 8.56 -44.55 -66.04
CA TYR F 152 7.69 -43.71 -66.84
C TYR F 152 7.91 -44.12 -68.28
N LEU F 153 6.87 -44.73 -68.88
CA LEU F 153 6.95 -45.23 -70.25
C LEU F 153 6.44 -44.20 -71.26
N VAL F 154 7.16 -44.07 -72.38
CA VAL F 154 6.85 -43.15 -73.48
C VAL F 154 6.81 -43.88 -74.83
N ASP F 155 6.34 -43.16 -75.87
CA ASP F 155 6.31 -43.57 -77.28
C ASP F 155 5.35 -44.73 -77.61
N GLY F 156 4.34 -44.90 -76.77
CA GLY F 156 3.28 -45.88 -76.99
C GLY F 156 2.19 -45.26 -77.83
N ASP F 157 1.03 -45.90 -77.93
CA ASP F 157 -0.08 -45.37 -78.72
C ASP F 157 -0.59 -44.02 -78.16
N ALA F 158 -0.41 -42.95 -78.96
CA ALA F 158 -0.78 -41.56 -78.61
C ALA F 158 -2.28 -41.35 -78.37
N ARG F 159 -3.14 -42.27 -78.91
CA ARG F 159 -4.60 -42.25 -78.75
C ARG F 159 -4.99 -42.43 -77.28
N LEU F 160 -4.12 -43.10 -76.51
CA LEU F 160 -4.31 -43.41 -75.09
C LEU F 160 -4.15 -42.23 -74.13
N GLN F 161 -3.65 -41.08 -74.64
CA GLN F 161 -3.43 -39.88 -73.81
C GLN F 161 -4.69 -39.46 -73.06
N VAL F 162 -4.63 -39.58 -71.75
CA VAL F 162 -5.71 -39.35 -70.82
C VAL F 162 -5.20 -38.52 -69.62
N PRO F 163 -6.00 -37.59 -69.05
CA PRO F 163 -5.48 -36.82 -67.90
C PRO F 163 -5.41 -37.65 -66.63
N ARG F 164 -4.63 -37.16 -65.63
CA ARG F 164 -4.51 -37.77 -64.30
C ARG F 164 -5.88 -37.71 -63.63
N ARG F 165 -6.09 -38.50 -62.58
CA ARG F 165 -7.36 -38.47 -61.83
C ARG F 165 -7.45 -37.14 -61.07
N ALA F 166 -8.68 -36.62 -60.90
CA ALA F 166 -8.96 -35.35 -60.19
C ALA F 166 -8.24 -35.34 -58.82
N GLU F 167 -8.48 -36.40 -58.03
CA GLU F 167 -7.87 -36.61 -56.73
C GLU F 167 -7.17 -37.98 -56.69
N PRO F 168 -5.96 -38.08 -56.11
CA PRO F 168 -5.27 -39.39 -56.07
C PRO F 168 -5.97 -40.42 -55.20
N ARG F 169 -5.77 -41.70 -55.51
CA ARG F 169 -6.30 -42.82 -54.74
C ARG F 169 -5.40 -43.01 -53.53
N THR F 170 -5.97 -43.49 -52.42
CA THR F 170 -5.23 -43.75 -51.17
C THR F 170 -4.33 -44.97 -51.34
N SER F 171 -4.85 -45.99 -52.04
CA SER F 171 -4.16 -47.25 -52.29
C SER F 171 -4.46 -47.76 -53.68
N VAL F 172 -3.40 -47.97 -54.48
CA VAL F 172 -3.48 -48.59 -55.80
C VAL F 172 -2.73 -49.92 -55.63
N PRO F 173 -3.22 -51.05 -56.16
CA PRO F 173 -2.50 -52.32 -55.93
C PRO F 173 -1.13 -52.43 -56.60
N ALA F 174 -0.28 -53.30 -56.04
CA ALA F 174 1.03 -53.61 -56.59
C ALA F 174 0.81 -54.26 -57.95
N GLY F 175 1.54 -53.81 -58.96
CA GLY F 175 1.42 -54.33 -60.31
C GLY F 175 0.38 -53.63 -61.17
N ALA F 176 -0.23 -52.55 -60.65
CA ALA F 176 -1.23 -51.77 -61.36
C ALA F 176 -0.63 -51.13 -62.62
N VAL F 177 -1.27 -51.43 -63.76
CA VAL F 177 -0.88 -50.95 -65.09
C VAL F 177 -1.73 -49.70 -65.32
N ALA F 178 -1.06 -48.58 -65.56
CA ALA F 178 -1.74 -47.30 -65.60
C ALA F 178 -1.33 -46.35 -66.70
N LEU F 179 -2.13 -45.25 -66.84
CA LEU F 179 -1.94 -44.20 -67.83
C LEU F 179 -2.09 -42.83 -67.20
N ALA F 180 -1.34 -41.84 -67.69
CA ALA F 180 -1.43 -40.42 -67.29
C ALA F 180 -0.66 -39.63 -68.31
N GLY F 181 -1.34 -38.65 -68.92
CA GLY F 181 -0.77 -37.81 -69.95
C GLY F 181 -0.25 -38.67 -71.09
N GLU F 182 1.02 -38.44 -71.44
CA GLU F 182 1.72 -39.13 -72.52
C GLU F 182 2.39 -40.43 -72.02
N PHE F 183 2.22 -40.76 -70.75
CA PHE F 183 2.86 -41.92 -70.13
C PHE F 183 1.95 -43.09 -69.80
N SER F 184 2.60 -44.23 -69.67
CA SER F 184 2.06 -45.46 -69.15
C SER F 184 3.10 -45.86 -68.10
N GLY F 185 2.69 -46.67 -67.13
CA GLY F 185 3.61 -47.13 -66.10
C GLY F 185 3.01 -48.25 -65.29
N VAL F 186 3.88 -49.02 -64.63
CA VAL F 186 3.46 -50.09 -63.73
C VAL F 186 3.90 -49.74 -62.29
N TYR F 187 2.94 -49.62 -61.35
CA TYR F 187 3.18 -49.38 -59.92
C TYR F 187 3.89 -50.62 -59.33
N PRO F 188 5.15 -50.49 -58.85
CA PRO F 188 5.87 -51.68 -58.31
C PRO F 188 5.32 -52.23 -56.97
N ARG F 189 4.82 -51.37 -56.07
CA ARG F 189 4.27 -51.78 -54.78
C ARG F 189 2.94 -51.06 -54.54
N GLN F 190 2.15 -51.55 -53.54
CA GLN F 190 0.91 -50.91 -53.13
C GLN F 190 1.27 -49.53 -52.61
N SER F 191 0.62 -48.49 -53.15
CA SER F 191 0.89 -47.11 -52.74
C SER F 191 -0.23 -46.15 -53.19
N PRO F 192 -0.25 -44.88 -52.73
CA PRO F 192 -1.22 -43.93 -53.29
C PRO F 192 -0.81 -43.60 -54.73
N GLY F 193 -1.78 -43.31 -55.58
CA GLY F 193 -1.53 -43.01 -56.98
C GLY F 193 -2.67 -42.28 -57.65
N GLY F 194 -2.33 -41.30 -58.49
CA GLY F 194 -3.30 -40.48 -59.21
C GLY F 194 -3.44 -40.82 -60.67
N TRP F 195 -2.77 -41.89 -61.12
CA TRP F 195 -2.84 -42.36 -62.52
C TRP F 195 -4.11 -43.16 -62.79
N GLN F 196 -4.49 -43.23 -64.07
CA GLN F 196 -5.66 -43.95 -64.55
C GLN F 196 -5.32 -45.44 -64.66
N LEU F 197 -5.95 -46.29 -63.84
CA LEU F 197 -5.69 -47.76 -63.77
C LEU F 197 -6.46 -48.59 -64.82
N ILE F 198 -5.73 -49.27 -65.71
CA ILE F 198 -6.31 -50.07 -66.80
C ILE F 198 -6.19 -51.59 -66.62
N GLY F 199 -5.36 -52.01 -65.67
CA GLY F 199 -5.18 -53.43 -65.42
C GLY F 199 -4.13 -53.73 -64.36
N HIS F 200 -3.62 -54.99 -64.35
CA HIS F 200 -2.59 -55.37 -63.40
C HIS F 200 -1.69 -56.47 -63.93
N THR F 201 -0.43 -56.49 -63.43
CA THR F 201 0.55 -57.52 -63.76
C THR F 201 1.06 -58.22 -62.50
N ASP F 202 1.53 -59.45 -62.64
CA ASP F 202 2.12 -60.23 -61.56
C ASP F 202 3.65 -60.20 -61.70
N ALA F 203 4.15 -59.47 -62.72
CA ALA F 203 5.58 -59.31 -62.98
C ALA F 203 6.20 -58.54 -61.85
N VAL F 204 7.43 -58.96 -61.45
CA VAL F 204 8.19 -58.34 -60.35
C VAL F 204 8.96 -57.19 -60.92
N PHE F 206 10.30 -54.68 -59.18
CA PHE F 206 11.48 -54.38 -58.38
C PHE F 206 11.80 -55.49 -57.37
N ASP F 207 13.04 -55.95 -57.35
CA ASP F 207 13.52 -56.97 -56.41
C ASP F 207 14.96 -56.66 -56.12
N VAL F 208 15.20 -56.31 -54.87
CA VAL F 208 16.51 -55.93 -54.35
C VAL F 208 17.61 -57.02 -54.46
N ASN F 209 17.20 -58.30 -54.51
CA ASN F 209 18.10 -59.46 -54.58
C ASN F 209 18.39 -59.97 -55.99
N ARG F 210 17.68 -59.44 -56.97
CA ARG F 210 17.83 -59.73 -58.39
C ARG F 210 19.05 -58.96 -58.89
N ASP F 211 19.82 -59.53 -59.85
CA ASP F 211 21.04 -58.92 -60.42
C ASP F 211 20.75 -57.54 -61.02
N LYS F 212 19.57 -57.38 -61.65
CA LYS F 212 19.06 -56.09 -62.15
C LYS F 212 17.82 -55.82 -61.30
N PRO F 213 17.97 -55.05 -60.20
CA PRO F 213 16.86 -54.83 -59.26
C PRO F 213 15.56 -54.37 -59.88
N ALA F 214 15.62 -53.30 -60.71
CA ALA F 214 14.45 -52.78 -61.41
C ALA F 214 14.34 -53.54 -62.76
N LEU F 215 13.14 -54.06 -63.06
CA LEU F 215 12.89 -54.77 -64.31
C LEU F 215 13.05 -53.84 -65.51
N LEU F 216 12.60 -52.57 -65.35
CA LEU F 216 12.62 -51.55 -66.41
C LEU F 216 13.70 -50.47 -66.16
N THR F 217 14.65 -50.35 -67.10
CA THR F 217 15.80 -49.44 -67.09
C THR F 217 15.62 -48.37 -68.19
N PRO F 218 15.94 -47.07 -67.98
CA PRO F 218 15.80 -46.09 -69.09
C PRO F 218 16.45 -46.55 -70.41
N GLY F 219 15.71 -46.41 -71.52
CA GLY F 219 16.15 -46.84 -72.83
C GLY F 219 15.57 -48.17 -73.30
N TRP F 221 12.78 -51.15 -74.27
CA TRP F 221 11.51 -51.21 -74.97
C TRP F 221 10.67 -52.32 -74.35
N VAL F 222 9.41 -51.99 -74.03
CA VAL F 222 8.44 -52.87 -73.39
C VAL F 222 7.24 -53.12 -74.28
N GLN F 223 6.80 -54.38 -74.33
CA GLN F 223 5.57 -54.78 -75.01
C GLN F 223 4.60 -55.27 -73.92
N PHE F 224 3.37 -54.78 -73.96
CA PHE F 224 2.34 -55.24 -73.04
C PHE F 224 1.55 -56.29 -73.77
N ARG F 225 1.17 -57.37 -73.06
CA ARG F 225 0.44 -58.51 -73.61
C ARG F 225 -0.78 -58.79 -72.74
N ALA F 226 -1.97 -58.85 -73.36
CA ALA F 226 -3.20 -59.15 -72.63
C ALA F 226 -3.28 -60.65 -72.34
N VAL F 227 -3.59 -61.02 -71.08
CA VAL F 227 -3.75 -62.41 -70.61
C VAL F 227 -5.06 -62.61 -69.80
N GLY F 228 -5.81 -61.53 -69.61
CA GLY F 228 -7.07 -61.51 -68.89
C GLY F 228 -7.85 -60.20 -69.02
N GLY G 2 20.87 -50.42 5.96
CA GLY G 2 19.90 -49.77 5.08
C GLY G 2 20.18 -49.92 3.59
N THR G 3 19.11 -50.22 2.83
CA THR G 3 19.12 -50.38 1.38
C THR G 3 18.92 -49.03 0.70
N THR G 4 19.69 -48.78 -0.36
CA THR G 4 19.58 -47.54 -1.12
C THR G 4 19.57 -47.77 -2.63
N LEU G 5 19.11 -46.78 -3.38
CA LEU G 5 19.18 -46.76 -4.84
C LEU G 5 20.08 -45.60 -5.24
N GLU G 6 21.15 -45.88 -5.96
CA GLU G 6 22.07 -44.84 -6.40
C GLU G 6 21.71 -44.47 -7.84
N VAL G 7 21.36 -43.21 -8.07
CA VAL G 7 20.97 -42.71 -9.39
C VAL G 7 22.22 -42.61 -10.26
N LEU G 8 22.26 -43.40 -11.36
CA LEU G 8 23.39 -43.39 -12.28
C LEU G 8 23.19 -42.39 -13.45
N ARG G 9 21.94 -42.27 -13.87
CA ARG G 9 21.49 -41.53 -15.04
C ARG G 9 20.02 -41.28 -14.78
N THR G 10 19.51 -40.13 -15.20
CA THR G 10 18.09 -39.78 -14.93
C THR G 10 17.15 -39.80 -16.13
N GLY G 11 17.67 -39.43 -17.30
CA GLY G 11 16.85 -39.15 -18.47
C GLY G 11 16.39 -37.69 -18.35
N PRO G 12 15.50 -37.19 -19.24
CA PRO G 12 15.08 -35.76 -19.16
C PRO G 12 14.60 -35.22 -17.80
N LEU G 13 13.82 -35.97 -17.03
CA LEU G 13 13.32 -35.50 -15.74
C LEU G 13 12.86 -36.63 -14.84
N ALA G 14 13.59 -36.86 -13.73
CA ALA G 14 13.24 -37.92 -12.77
C ALA G 14 12.93 -37.25 -11.43
N LEU G 15 11.66 -37.40 -11.01
CA LEU G 15 11.11 -36.79 -9.81
C LEU G 15 10.58 -37.79 -8.82
N VAL G 16 10.73 -37.49 -7.53
CA VAL G 16 10.12 -38.30 -6.48
C VAL G 16 8.68 -37.78 -6.42
N GLU G 17 7.70 -38.70 -6.50
CA GLU G 17 6.27 -38.41 -6.49
C GLU G 17 5.48 -39.40 -5.68
N ASP G 18 4.43 -38.91 -5.06
CA ASP G 18 3.51 -39.74 -4.31
C ASP G 18 2.10 -39.27 -4.63
N LEU G 19 1.13 -39.34 -3.70
CA LEU G 19 -0.25 -38.89 -3.99
C LEU G 19 -0.47 -37.40 -3.73
N GLY G 20 0.61 -36.73 -3.33
CA GLY G 20 0.64 -35.30 -3.12
C GLY G 20 0.34 -34.81 -1.72
N ARG G 21 0.19 -33.47 -1.62
CA ARG G 21 -0.13 -32.75 -0.38
C ARG G 21 -1.51 -32.04 -0.49
N PRO G 22 -2.63 -32.82 -0.40
CA PRO G 22 -3.97 -32.18 -0.50
C PRO G 22 -4.32 -31.30 0.67
N GLY G 23 -5.37 -30.48 0.51
CA GLY G 23 -5.94 -29.62 1.56
C GLY G 23 -5.09 -28.46 2.06
N LEU G 24 -4.14 -27.99 1.24
CA LEU G 24 -3.23 -26.91 1.59
C LEU G 24 -3.44 -25.57 0.88
N ALA G 25 -4.60 -25.38 0.22
CA ALA G 25 -4.94 -24.11 -0.45
C ALA G 25 -4.87 -22.92 0.53
N HIS G 26 -5.20 -23.15 1.82
CA HIS G 26 -5.16 -22.11 2.84
C HIS G 26 -3.72 -21.54 3.04
N GLY G 28 -1.56 -21.57 0.11
CA GLY G 28 -1.19 -21.37 -1.28
C GLY G 28 -0.41 -22.52 -1.89
N VAL G 29 -0.51 -23.70 -1.28
CA VAL G 29 0.22 -24.88 -1.72
C VAL G 29 -0.68 -25.84 -2.52
N THR G 30 -0.29 -26.13 -3.77
CA THR G 30 -1.00 -27.05 -4.66
C THR G 30 -0.74 -28.52 -4.25
N ARG G 31 -1.67 -29.44 -4.61
CA ARG G 31 -1.57 -30.86 -4.26
C ARG G 31 -0.35 -31.55 -4.82
N SER G 32 0.04 -31.23 -6.08
CA SER G 32 1.18 -31.82 -6.78
C SER G 32 0.94 -33.37 -6.91
N GLY G 33 1.99 -34.18 -6.75
CA GLY G 33 1.85 -35.63 -6.83
C GLY G 33 2.10 -36.18 -8.22
N ALA G 34 1.91 -37.50 -8.37
CA ALA G 34 2.10 -38.18 -9.65
C ALA G 34 1.16 -37.61 -10.72
N ALA G 35 1.71 -37.32 -11.92
CA ALA G 35 0.95 -36.80 -13.06
C ALA G 35 -0.06 -37.88 -13.56
N ASP G 36 0.32 -39.15 -13.46
CA ASP G 36 -0.53 -40.27 -13.81
C ASP G 36 -0.72 -41.11 -12.53
N ARG G 37 -1.77 -40.76 -11.74
CA ARG G 37 -2.09 -41.39 -10.46
C ARG G 37 -2.33 -42.87 -10.54
N ARG G 38 -3.06 -43.36 -11.57
CA ARG G 38 -3.37 -44.78 -11.77
C ARG G 38 -2.09 -45.60 -11.90
N SER G 39 -1.14 -45.14 -12.73
CA SER G 39 0.12 -45.84 -12.94
C SER G 39 1.00 -45.88 -11.70
N HIS G 40 1.04 -44.77 -10.95
CA HIS G 40 1.79 -44.64 -9.70
C HIS G 40 1.25 -45.63 -8.64
N THR G 41 -0.09 -45.65 -8.47
CA THR G 41 -0.82 -46.53 -7.57
C THR G 41 -0.59 -48.00 -7.94
N LEU G 42 -0.56 -48.33 -9.24
CA LEU G 42 -0.34 -49.70 -9.69
C LEU G 42 1.06 -50.20 -9.29
N ALA G 43 2.07 -49.33 -9.46
CA ALA G 43 3.46 -49.58 -9.10
C ALA G 43 3.56 -49.94 -7.63
N ASN G 44 2.84 -49.22 -6.76
CA ASN G 44 2.85 -49.50 -5.32
C ASN G 44 2.12 -50.75 -4.98
N ARG G 45 0.97 -51.02 -5.66
CA ARG G 45 0.18 -52.22 -5.41
C ARG G 45 0.99 -53.47 -5.75
N LEU G 46 1.72 -53.45 -6.88
CA LEU G 46 2.53 -54.58 -7.33
C LEU G 46 3.64 -54.96 -6.35
N VAL G 47 4.19 -53.97 -5.62
CA VAL G 47 5.25 -54.25 -4.64
C VAL G 47 4.70 -54.45 -3.24
N ALA G 48 3.36 -54.36 -3.09
CA ALA G 48 2.59 -54.47 -1.84
C ALA G 48 2.89 -53.32 -0.87
N ASN G 49 3.10 -52.14 -1.43
CA ASN G 49 3.30 -50.92 -0.65
C ASN G 49 1.94 -50.26 -0.34
N PRO G 50 1.80 -49.55 0.81
CA PRO G 50 0.59 -48.72 1.03
C PRO G 50 0.53 -47.64 -0.04
N GLY G 51 -0.69 -47.15 -0.31
CA GLY G 51 -0.94 -46.13 -1.34
C GLY G 51 -0.13 -44.86 -1.28
N GLU G 52 0.27 -44.44 -0.07
CA GLU G 52 1.04 -43.23 0.25
C GLU G 52 2.53 -43.27 -0.16
N SER G 53 3.12 -44.46 -0.42
CA SER G 53 4.54 -44.56 -0.77
C SER G 53 4.95 -43.80 -2.02
N ALA G 54 6.13 -43.20 -1.97
CA ALA G 54 6.70 -42.47 -3.09
C ALA G 54 7.35 -43.41 -4.08
N THR G 55 7.22 -43.08 -5.36
CA THR G 55 7.81 -43.76 -6.50
C THR G 55 8.69 -42.72 -7.18
N ILE G 56 9.40 -43.11 -8.26
CA ILE G 56 10.15 -42.20 -9.10
C ILE G 56 9.38 -42.08 -10.41
N GLU G 57 8.94 -40.86 -10.72
CA GLU G 57 8.25 -40.51 -11.98
C GLU G 57 9.37 -40.17 -12.96
N VAL G 58 9.49 -40.96 -14.02
CA VAL G 58 10.54 -40.81 -15.05
C VAL G 58 9.87 -40.28 -16.31
N THR G 59 10.47 -39.26 -16.94
CA THR G 59 9.93 -38.63 -18.14
C THR G 59 10.80 -39.04 -19.35
N PHE G 60 10.19 -39.60 -20.42
CA PHE G 60 10.88 -40.07 -21.63
C PHE G 60 11.88 -41.25 -21.37
N GLY G 61 11.75 -41.95 -20.24
CA GLY G 61 12.61 -43.05 -19.84
C GLY G 61 14.04 -42.61 -19.55
N GLY G 62 14.98 -43.55 -19.64
CA GLY G 62 16.41 -43.28 -19.49
C GLY G 62 16.99 -43.22 -18.11
N PHE G 63 16.22 -43.59 -17.11
CA PHE G 63 16.60 -43.62 -15.70
C PHE G 63 17.30 -44.96 -15.37
N SER G 64 18.45 -44.89 -14.69
CA SER G 64 19.19 -46.05 -14.20
C SER G 64 19.55 -45.83 -12.73
N ALA G 65 19.49 -46.88 -11.95
CA ALA G 65 19.83 -46.85 -10.53
C ALA G 65 20.45 -48.19 -10.10
N ARG G 66 21.43 -48.13 -9.20
CA ARG G 66 22.11 -49.30 -8.64
C ARG G 66 21.64 -49.54 -7.21
N VAL G 67 21.34 -50.79 -6.91
CA VAL G 67 20.86 -51.26 -5.62
C VAL G 67 22.07 -51.52 -4.72
N CYS G 68 22.03 -51.03 -3.48
CA CYS G 68 23.09 -51.27 -2.51
C CYS G 68 22.53 -51.55 -1.13
N GLY G 69 23.18 -52.47 -0.41
CA GLY G 69 22.86 -52.80 0.97
C GLY G 69 21.85 -53.90 1.22
N GLY G 70 21.29 -54.46 0.16
CA GLY G 70 20.33 -55.54 0.27
C GLY G 70 19.59 -55.76 -1.02
N ASP G 71 18.66 -56.71 -1.00
CA ASP G 71 17.79 -57.04 -2.13
C ASP G 71 16.51 -56.20 -2.06
N VAL G 72 15.92 -55.88 -3.22
CA VAL G 72 14.69 -55.09 -3.32
C VAL G 72 13.68 -55.70 -4.29
N ALA G 73 12.40 -55.43 -4.10
CA ALA G 73 11.35 -55.82 -5.03
C ALA G 73 10.91 -54.51 -5.70
N ILE G 74 10.86 -54.50 -7.02
CA ILE G 74 10.52 -53.31 -7.80
C ILE G 74 9.43 -53.60 -8.81
N ALA G 75 8.83 -52.54 -9.36
CA ALA G 75 7.83 -52.60 -10.42
C ALA G 75 7.89 -51.29 -11.18
N VAL G 76 7.70 -51.36 -12.51
CA VAL G 76 7.72 -50.20 -13.40
C VAL G 76 6.38 -50.19 -14.14
N THR G 77 5.65 -49.08 -14.02
CA THR G 77 4.33 -48.92 -14.66
C THR G 77 4.35 -47.64 -15.52
N GLY G 78 3.28 -47.42 -16.28
CA GLY G 78 3.14 -46.26 -17.16
C GLY G 78 3.69 -46.56 -18.53
N ALA G 79 4.40 -45.59 -19.13
CA ALA G 79 5.00 -45.78 -20.45
C ALA G 79 5.96 -46.99 -20.42
N ASP G 80 5.84 -47.86 -21.44
CA ASP G 80 6.66 -49.06 -21.53
C ASP G 80 8.06 -48.69 -22.05
N THR G 81 9.04 -48.78 -21.16
CA THR G 81 10.45 -48.44 -21.42
C THR G 81 11.33 -49.70 -21.56
N ASP G 82 10.73 -50.91 -21.65
CA ASP G 82 11.46 -52.18 -21.69
C ASP G 82 12.47 -52.26 -20.52
N PRO G 83 12.02 -52.14 -19.26
CA PRO G 83 12.99 -52.09 -18.17
C PRO G 83 13.84 -53.36 -18.04
N ALA G 84 15.08 -53.20 -17.59
CA ALA G 84 16.05 -54.28 -17.49
C ALA G 84 16.86 -54.22 -16.19
N VAL G 85 17.39 -55.37 -15.78
CA VAL G 85 18.30 -55.54 -14.65
C VAL G 85 19.56 -56.15 -15.25
N ASN G 86 20.68 -55.39 -15.21
CA ASN G 86 21.94 -55.78 -15.84
C ASN G 86 21.71 -56.25 -17.29
N GLY G 87 20.95 -55.46 -18.04
CA GLY G 87 20.62 -55.75 -19.44
C GLY G 87 19.54 -56.77 -19.73
N ILE G 88 19.07 -57.52 -18.70
CA ILE G 88 18.04 -58.55 -18.90
C ILE G 88 16.66 -57.93 -18.67
N PRO G 89 15.78 -57.89 -19.72
CA PRO G 89 14.45 -57.27 -19.54
C PRO G 89 13.56 -58.05 -18.58
N PHE G 90 12.69 -57.31 -17.88
CA PHE G 90 11.77 -57.92 -16.94
C PHE G 90 10.29 -57.59 -17.14
N GLY G 91 9.96 -56.64 -18.00
CA GLY G 91 8.56 -56.36 -18.26
C GLY G 91 7.92 -55.30 -17.42
N THR G 92 7.16 -54.40 -18.08
CA THR G 92 6.41 -53.32 -17.43
C THR G 92 5.20 -53.98 -16.71
N ASN G 93 4.72 -53.38 -15.60
CA ASN G 93 3.57 -53.86 -14.81
C ASN G 93 3.78 -55.21 -14.14
N SER G 94 5.02 -55.53 -13.75
CA SER G 94 5.27 -56.81 -13.07
C SER G 94 6.31 -56.64 -12.00
N ILE G 95 6.17 -57.38 -10.90
CA ILE G 95 7.12 -57.34 -9.80
C ILE G 95 8.40 -58.05 -10.20
N HIS G 96 9.54 -57.47 -9.81
CA HIS G 96 10.87 -58.01 -10.07
C HIS G 96 11.77 -57.87 -8.84
N HIS G 97 12.51 -58.94 -8.51
CA HIS G 97 13.44 -58.97 -7.38
C HIS G 97 14.86 -58.67 -7.87
N VAL G 98 15.44 -57.64 -7.29
CA VAL G 98 16.77 -57.13 -7.65
C VAL G 98 17.73 -57.40 -6.52
N HIS G 99 18.93 -57.91 -6.85
CA HIS G 99 19.93 -58.19 -5.85
C HIS G 99 20.84 -57.01 -5.63
N ASP G 100 21.47 -56.98 -4.45
CA ASP G 100 22.47 -56.00 -4.02
C ASP G 100 23.56 -55.92 -5.12
N GLY G 101 23.82 -54.71 -5.61
CA GLY G 101 24.84 -54.46 -6.63
C GLY G 101 24.33 -54.39 -8.05
N GLN G 102 23.09 -54.86 -8.30
CA GLN G 102 22.53 -54.87 -9.66
C GLN G 102 22.01 -53.51 -10.11
N VAL G 103 21.94 -53.32 -11.42
CA VAL G 103 21.52 -52.06 -12.02
C VAL G 103 20.14 -52.18 -12.67
N ILE G 104 19.18 -51.36 -12.20
CA ILE G 104 17.84 -51.25 -12.77
C ILE G 104 17.99 -50.17 -13.85
N SER G 105 17.52 -50.45 -15.05
CA SER G 105 17.66 -49.53 -16.15
C SER G 105 16.37 -49.42 -16.97
N LEU G 106 15.81 -48.19 -17.08
CA LEU G 106 14.65 -48.05 -17.96
C LEU G 106 15.12 -47.50 -19.30
N GLY G 107 14.53 -48.04 -20.37
CA GLY G 107 14.85 -47.62 -21.73
C GLY G 107 14.03 -46.41 -22.14
N ALA G 108 13.71 -46.30 -23.42
CA ALA G 108 12.97 -45.13 -23.90
C ALA G 108 11.62 -45.57 -24.47
N PRO G 109 10.49 -44.97 -24.05
CA PRO G 109 9.20 -45.40 -24.61
C PRO G 109 8.91 -44.80 -26.00
N HIS G 110 8.07 -45.45 -26.79
CA HIS G 110 7.65 -44.86 -28.06
C HIS G 110 6.24 -44.29 -27.90
N SER G 111 5.50 -44.84 -26.96
CA SER G 111 4.13 -44.50 -26.65
C SER G 111 4.06 -44.12 -25.17
N GLY G 112 3.42 -43.01 -24.84
CA GLY G 112 3.36 -42.56 -23.47
C GLY G 112 4.60 -41.77 -23.12
N LEU G 113 4.60 -41.16 -21.93
CA LEU G 113 5.67 -40.24 -21.53
C LEU G 113 6.29 -40.52 -20.13
N ARG G 114 5.46 -40.91 -19.17
CA ARG G 114 5.85 -41.09 -17.79
C ARG G 114 5.74 -42.52 -17.30
N SER G 115 6.80 -42.93 -16.64
CA SER G 115 6.93 -44.27 -16.05
C SER G 115 7.13 -44.10 -14.57
N TYR G 116 6.67 -45.09 -13.81
CA TYR G 116 6.75 -45.05 -12.35
C TYR G 116 7.53 -46.20 -11.83
N LEU G 117 8.65 -45.90 -11.16
CA LEU G 117 9.45 -46.93 -10.56
C LEU G 117 9.10 -47.01 -9.07
N ALA G 118 8.52 -48.12 -8.65
CA ALA G 118 8.21 -48.36 -7.25
C ALA G 118 9.20 -49.35 -6.69
N VAL G 119 9.45 -49.25 -5.40
CA VAL G 119 10.33 -50.16 -4.67
C VAL G 119 9.60 -50.51 -3.37
N ARG G 120 9.63 -51.80 -2.96
CA ARG G 120 9.00 -52.20 -1.71
C ARG G 120 9.72 -51.49 -0.55
N GLY G 121 8.91 -50.75 0.23
CA GLY G 121 9.34 -49.91 1.34
C GLY G 121 9.20 -48.45 0.97
N GLY G 122 9.14 -48.19 -0.35
CA GLY G 122 9.04 -46.85 -0.92
C GLY G 122 10.33 -46.08 -0.92
N ILE G 123 10.37 -44.96 -1.68
CA ILE G 123 11.51 -44.04 -1.77
C ILE G 123 11.38 -43.21 -0.49
N ASP G 124 12.22 -43.53 0.50
CA ASP G 124 12.16 -42.94 1.83
C ASP G 124 12.92 -41.62 2.02
N VAL G 125 12.71 -40.66 1.10
CA VAL G 125 13.28 -39.32 1.22
C VAL G 125 12.46 -38.53 2.27
N THR G 126 13.00 -37.42 2.77
CA THR G 126 12.28 -36.64 3.78
C THR G 126 10.99 -36.00 3.23
N PRO G 127 9.80 -36.20 3.87
CA PRO G 127 8.59 -35.53 3.39
C PRO G 127 8.65 -34.01 3.62
N VAL G 128 7.99 -33.23 2.75
CA VAL G 128 7.92 -31.77 2.81
C VAL G 128 6.42 -31.45 2.77
N LEU G 129 5.90 -30.83 3.85
CA LEU G 129 4.48 -30.53 4.05
C LEU G 129 3.63 -31.82 3.90
N GLY G 130 4.12 -32.88 4.55
CA GLY G 130 3.50 -34.20 4.58
C GLY G 130 3.49 -35.00 3.29
N SER G 131 4.29 -34.60 2.29
CA SER G 131 4.38 -35.31 1.01
C SER G 131 5.81 -35.38 0.49
N ARG G 132 6.15 -36.46 -0.23
CA ARG G 132 7.47 -36.64 -0.86
C ARG G 132 7.45 -36.21 -2.34
N SER G 133 6.34 -35.58 -2.79
CA SER G 133 6.16 -35.07 -4.16
C SER G 133 6.94 -33.81 -4.42
N TYR G 134 7.56 -33.74 -5.60
CA TYR G 134 8.21 -32.50 -6.03
C TYR G 134 7.21 -31.72 -6.88
N ASP G 135 7.05 -30.46 -6.54
CA ASP G 135 6.22 -29.49 -7.21
C ASP G 135 7.20 -28.59 -7.98
N VAL G 136 7.21 -28.78 -9.28
CA VAL G 136 8.00 -28.17 -10.34
C VAL G 136 7.86 -26.64 -10.38
N SER G 138 6.57 -24.51 -7.57
CA SER G 138 6.97 -23.87 -6.31
C SER G 138 8.33 -24.37 -5.83
N ALA G 139 8.84 -25.48 -6.42
CA ALA G 139 10.08 -26.18 -6.03
C ALA G 139 9.98 -26.78 -4.60
N ILE G 140 8.75 -27.03 -4.11
CA ILE G 140 8.50 -27.64 -2.80
C ILE G 140 8.62 -29.15 -2.98
N GLY G 141 9.41 -29.78 -2.14
CA GLY G 141 9.59 -31.22 -2.18
C GLY G 141 11.03 -31.63 -2.45
N PRO G 142 11.30 -32.97 -2.45
CA PRO G 142 12.67 -33.45 -2.74
C PRO G 142 13.03 -33.03 -4.14
N SER G 143 14.23 -32.45 -4.28
CA SER G 143 14.77 -31.90 -5.53
C SER G 143 14.76 -32.89 -6.70
N PRO G 144 14.61 -32.38 -7.96
CA PRO G 144 14.72 -33.29 -9.11
C PRO G 144 16.02 -34.10 -9.00
N LEU G 145 15.92 -35.41 -9.27
CA LEU G 145 17.05 -36.34 -9.16
C LEU G 145 18.22 -36.00 -10.12
N ARG G 146 19.44 -36.25 -9.65
CA ARG G 146 20.69 -36.01 -10.36
C ARG G 146 21.56 -37.26 -10.24
N PRO G 147 22.45 -37.53 -11.23
CA PRO G 147 23.41 -38.64 -11.08
C PRO G 147 24.21 -38.44 -9.78
N GLY G 148 24.40 -39.51 -9.03
CA GLY G 148 25.12 -39.47 -7.77
C GLY G 148 24.22 -39.46 -6.55
N ASP G 149 22.93 -39.11 -6.71
CA ASP G 149 21.96 -39.12 -5.60
C ASP G 149 21.72 -40.54 -5.13
N VAL G 150 21.74 -40.71 -3.82
CA VAL G 150 21.55 -41.99 -3.14
C VAL G 150 20.23 -41.87 -2.39
N LEU G 151 19.24 -42.65 -2.83
CA LEU G 151 17.88 -42.64 -2.30
C LEU G 151 17.67 -43.77 -1.31
N PRO G 152 17.21 -43.48 -0.07
CA PRO G 152 16.94 -44.60 0.86
C PRO G 152 15.66 -45.36 0.52
N VAL G 153 15.67 -46.67 0.76
CA VAL G 153 14.51 -47.54 0.59
C VAL G 153 13.94 -47.72 2.02
N GLY G 154 12.63 -47.48 2.18
CA GLY G 154 11.98 -47.58 3.47
C GLY G 154 11.93 -48.98 4.03
N GLU G 155 11.65 -49.06 5.34
CA GLU G 155 11.55 -50.36 6.03
C GLU G 155 10.33 -51.09 5.51
N HIS G 156 10.44 -52.43 5.43
CA HIS G 156 9.35 -53.28 4.95
C HIS G 156 9.54 -54.70 5.44
N THR G 157 8.42 -55.44 5.46
CA THR G 157 8.40 -56.87 5.75
C THR G 157 8.70 -57.57 4.41
N ASP G 158 9.20 -58.81 4.43
CA ASP G 158 9.41 -59.50 3.15
C ASP G 158 8.19 -60.37 2.78
N GLU G 159 7.12 -60.30 3.63
CA GLU G 159 5.82 -60.95 3.49
C GLU G 159 5.12 -60.40 2.26
N PHE G 160 4.84 -61.28 1.29
CA PHE G 160 4.22 -60.88 0.04
C PHE G 160 2.83 -61.39 -0.24
N PRO G 161 1.78 -60.55 -0.02
CA PRO G 161 0.43 -60.96 -0.42
C PRO G 161 0.43 -60.82 -1.94
N GLU G 162 0.79 -61.93 -2.63
CA GLU G 162 0.95 -62.01 -4.07
C GLU G 162 -0.25 -61.59 -4.91
N LEU G 163 -0.03 -60.52 -5.67
CA LEU G 163 -0.98 -59.86 -6.56
C LEU G 163 -1.54 -60.73 -7.67
N ASP G 164 -2.72 -60.34 -8.14
CA ASP G 164 -3.47 -60.90 -9.26
C ASP G 164 -4.25 -59.70 -9.78
N GLN G 165 -3.48 -58.74 -10.31
CA GLN G 165 -3.95 -57.46 -10.82
C GLN G 165 -4.66 -57.47 -12.18
N ALA G 166 -5.57 -56.50 -12.35
CA ALA G 166 -6.37 -56.28 -13.55
C ALA G 166 -5.48 -55.81 -14.71
N PRO G 167 -5.71 -56.29 -15.95
CA PRO G 167 -4.89 -55.82 -17.09
C PRO G 167 -4.92 -54.31 -17.28
N VAL G 168 -3.87 -53.77 -17.90
CA VAL G 168 -3.69 -52.34 -18.11
C VAL G 168 -4.05 -51.91 -19.54
N ALA G 169 -4.89 -50.87 -19.66
CA ALA G 169 -5.26 -50.33 -20.97
C ALA G 169 -4.04 -49.65 -21.61
N ALA G 170 -3.79 -49.94 -22.91
CA ALA G 170 -2.65 -49.37 -23.65
C ALA G 170 -2.78 -47.85 -23.74
N ILE G 171 -1.64 -47.17 -23.82
CA ILE G 171 -1.58 -45.72 -23.92
C ILE G 171 -1.82 -45.34 -25.38
N ALA G 172 -2.66 -44.30 -25.62
CA ALA G 172 -2.91 -43.77 -26.97
C ALA G 172 -1.57 -43.36 -27.64
N GLU G 173 -1.31 -43.91 -28.84
CA GLU G 173 -0.08 -43.64 -29.61
C GLU G 173 -0.21 -42.37 -30.46
N ASP G 174 -1.40 -42.13 -31.00
CA ASP G 174 -1.62 -40.98 -31.88
C ASP G 174 -2.56 -39.92 -31.28
N VAL G 175 -3.82 -39.88 -31.72
CA VAL G 175 -4.83 -38.93 -31.27
C VAL G 175 -5.30 -39.35 -29.89
N VAL G 176 -5.32 -38.40 -28.96
CA VAL G 176 -5.81 -38.60 -27.60
C VAL G 176 -7.15 -37.91 -27.56
N GLU G 177 -8.19 -38.68 -27.26
CA GLU G 177 -9.56 -38.19 -27.17
C GLU G 177 -9.84 -37.94 -25.70
N LEU G 178 -10.32 -36.75 -25.35
CA LEU G 178 -10.61 -36.39 -23.96
C LEU G 178 -12.01 -35.85 -23.83
N GLN G 179 -12.69 -36.29 -22.76
CA GLN G 179 -14.04 -35.87 -22.39
C GLN G 179 -13.91 -34.63 -21.49
N VAL G 180 -14.68 -33.58 -21.82
CA VAL G 180 -14.60 -32.30 -21.15
C VAL G 180 -15.97 -31.85 -20.66
N VAL G 181 -16.06 -31.52 -19.37
CA VAL G 181 -17.28 -30.96 -18.79
C VAL G 181 -17.28 -29.47 -19.18
N PRO G 182 -18.28 -28.99 -19.95
CA PRO G 182 -18.27 -27.58 -20.36
C PRO G 182 -18.35 -26.60 -19.21
N GLY G 183 -17.65 -25.48 -19.34
CA GLY G 183 -17.68 -24.44 -18.33
C GLY G 183 -16.61 -24.52 -17.24
N PRO G 184 -16.63 -23.60 -16.28
CA PRO G 184 -17.66 -22.59 -16.01
C PRO G 184 -17.70 -21.32 -16.86
N ARG G 185 -16.62 -21.00 -17.60
CA ARG G 185 -16.50 -19.75 -18.38
C ARG G 185 -16.60 -19.91 -19.88
N ASP G 186 -17.33 -20.90 -20.37
CA ASP G 186 -17.49 -21.10 -21.83
C ASP G 186 -18.22 -19.90 -22.50
N ASP G 187 -19.01 -19.13 -21.72
CA ASP G 187 -19.75 -17.93 -22.13
C ASP G 187 -18.82 -16.77 -22.49
N TRP G 188 -17.53 -16.85 -22.13
CA TRP G 188 -16.51 -15.83 -22.40
C TRP G 188 -16.01 -15.83 -23.86
N PHE G 189 -16.31 -16.91 -24.62
CA PHE G 189 -15.77 -17.11 -25.96
C PHE G 189 -16.76 -16.93 -27.09
N VAL G 190 -16.30 -16.28 -28.18
CA VAL G 190 -17.10 -16.00 -29.38
C VAL G 190 -17.71 -17.29 -29.96
N ASP G 191 -16.92 -18.40 -29.98
CA ASP G 191 -17.31 -19.72 -30.46
C ASP G 191 -16.62 -20.82 -29.63
N PRO G 192 -17.20 -21.22 -28.47
CA PRO G 192 -16.56 -22.27 -27.65
C PRO G 192 -16.49 -23.65 -28.29
N ASP G 193 -17.33 -23.94 -29.29
CA ASP G 193 -17.28 -25.24 -29.97
C ASP G 193 -15.99 -25.49 -30.77
N ILE G 194 -15.19 -24.42 -31.03
CA ILE G 194 -13.86 -24.52 -31.66
C ILE G 194 -13.04 -25.50 -30.82
N LEU G 195 -13.18 -25.48 -29.49
CA LEU G 195 -12.45 -26.39 -28.59
C LEU G 195 -12.63 -27.88 -28.97
N VAL G 196 -13.87 -28.25 -29.37
CA VAL G 196 -14.25 -29.64 -29.68
C VAL G 196 -14.25 -29.98 -31.17
N ARG G 197 -13.83 -29.03 -32.02
CA ARG G 197 -13.78 -29.15 -33.48
C ARG G 197 -12.36 -28.81 -34.02
N THR G 198 -11.31 -29.03 -33.21
CA THR G 198 -9.93 -28.67 -33.58
C THR G 198 -8.99 -29.81 -33.25
N ASN G 199 -8.00 -30.04 -34.11
CA ASN G 199 -6.91 -30.98 -33.86
C ASN G 199 -5.82 -30.16 -33.12
N TRP G 200 -5.83 -30.22 -31.79
CA TRP G 200 -4.90 -29.48 -30.97
C TRP G 200 -3.55 -30.18 -30.92
N LEU G 201 -2.46 -29.43 -31.16
CA LEU G 201 -1.10 -29.98 -31.09
C LEU G 201 -0.49 -29.70 -29.74
N VAL G 202 0.17 -30.69 -29.13
CA VAL G 202 0.83 -30.53 -27.82
C VAL G 202 2.25 -29.98 -28.04
N THR G 203 2.57 -28.81 -27.44
CA THR G 203 3.93 -28.24 -27.54
C THR G 203 4.89 -28.80 -26.51
N ASN G 204 6.20 -28.68 -26.79
CA ASN G 204 7.34 -29.03 -25.96
C ASN G 204 7.42 -28.13 -24.70
N ARG G 205 6.56 -27.10 -24.59
CA ARG G 205 6.56 -26.25 -23.40
C ARG G 205 5.67 -26.84 -22.28
N SER G 206 4.97 -27.94 -22.57
CA SER G 206 4.14 -28.68 -21.63
C SER G 206 5.00 -29.22 -20.49
N ASP G 207 4.45 -29.23 -19.30
CA ASP G 207 5.13 -29.70 -18.10
C ASP G 207 4.03 -30.02 -17.11
N ARG G 208 4.40 -30.35 -15.87
CA ARG G 208 3.49 -30.68 -14.79
C ARG G 208 2.64 -29.49 -14.33
N VAL G 209 2.93 -28.25 -14.77
CA VAL G 209 2.08 -27.10 -14.43
C VAL G 209 0.85 -27.11 -15.37
N GLY G 210 1.09 -27.40 -16.65
CA GLY G 210 0.06 -27.48 -17.67
C GLY G 210 0.53 -27.90 -19.03
N ARG G 212 0.42 -27.44 -22.95
CA ARG G 212 0.14 -26.34 -23.87
C ARG G 212 -0.30 -26.88 -25.19
N LEU G 213 -1.49 -26.43 -25.64
CA LEU G 213 -2.05 -26.84 -26.93
C LEU G 213 -2.01 -25.68 -27.91
N VAL G 214 -1.81 -25.96 -29.19
CA VAL G 214 -1.81 -24.95 -30.24
C VAL G 214 -2.74 -25.40 -31.36
N GLY G 215 -3.42 -24.43 -31.94
CA GLY G 215 -4.36 -24.59 -33.04
C GLY G 215 -5.09 -23.29 -33.24
N PRO G 217 -6.95 -20.25 -32.59
CA PRO G 217 -7.18 -19.59 -31.29
C PRO G 217 -8.66 -19.37 -30.95
N LEU G 218 -9.00 -19.54 -29.66
CA LEU G 218 -10.34 -19.28 -29.13
C LEU G 218 -10.40 -17.77 -28.88
N GLU G 219 -11.27 -17.04 -29.58
CA GLU G 219 -11.31 -15.61 -29.28
C GLU G 219 -12.32 -15.26 -28.19
N TYR G 220 -11.94 -14.30 -27.34
CA TYR G 220 -12.79 -13.78 -26.26
C TYR G 220 -13.87 -12.85 -26.87
N ARG G 221 -15.06 -12.83 -26.24
CA ARG G 221 -16.15 -11.92 -26.60
C ARG G 221 -15.72 -10.50 -26.23
N ASN G 222 -15.12 -10.34 -25.02
CA ASN G 222 -14.60 -9.07 -24.48
C ASN G 222 -13.11 -9.28 -24.17
N PRO G 223 -12.22 -9.01 -25.15
CA PRO G 223 -10.78 -9.29 -24.96
C PRO G 223 -10.05 -8.60 -23.80
N ASP G 224 -10.56 -7.48 -23.35
CA ASP G 224 -9.94 -6.73 -22.25
C ASP G 224 -10.50 -7.14 -20.89
N ARG G 225 -11.53 -8.01 -20.86
CA ARG G 225 -12.18 -8.46 -19.63
C ARG G 225 -11.26 -9.26 -18.75
N GLN G 226 -11.19 -8.88 -17.47
CA GLN G 226 -10.33 -9.55 -16.48
C GLN G 226 -11.19 -10.38 -15.57
N LEU G 227 -10.76 -11.62 -15.41
CA LEU G 227 -11.43 -12.58 -14.55
C LEU G 227 -10.81 -12.47 -13.16
N PRO G 228 -11.64 -12.27 -12.09
CA PRO G 228 -11.07 -12.30 -10.73
C PRO G 228 -10.46 -13.69 -10.49
N SER G 229 -9.29 -13.77 -9.82
CA SER G 229 -8.62 -15.04 -9.58
C SER G 229 -9.53 -16.04 -8.93
N GLU G 230 -9.46 -17.31 -9.40
CA GLU G 230 -10.28 -18.39 -8.88
C GLU G 230 -9.53 -19.68 -8.75
N GLY G 231 -9.97 -20.48 -7.79
CA GLY G 231 -9.43 -21.80 -7.53
C GLY G 231 -9.48 -22.66 -8.77
N ALA G 232 -8.44 -23.46 -8.98
CA ALA G 232 -8.35 -24.30 -10.16
C ALA G 232 -8.10 -25.73 -9.73
N THR G 233 -8.19 -26.68 -10.67
CA THR G 233 -7.89 -28.10 -10.45
C THR G 233 -7.11 -28.60 -11.65
N ARG G 234 -6.46 -29.76 -11.49
CA ARG G 234 -5.82 -30.36 -12.66
C ARG G 234 -6.94 -30.82 -13.61
N GLY G 235 -6.64 -30.73 -14.90
CA GLY G 235 -7.61 -31.06 -15.92
C GLY G 235 -8.45 -29.86 -16.33
N ALA G 236 -8.35 -28.72 -15.62
CA ALA G 236 -9.08 -27.52 -16.02
C ALA G 236 -8.42 -26.94 -17.26
N ILE G 237 -9.25 -26.55 -18.24
CA ILE G 237 -8.78 -25.97 -19.50
C ILE G 237 -8.87 -24.46 -19.47
N GLN G 238 -7.74 -23.79 -19.18
CA GLN G 238 -7.63 -22.33 -19.16
C GLN G 238 -7.44 -21.83 -20.58
N VAL G 239 -7.97 -20.64 -20.87
CA VAL G 239 -7.76 -20.03 -22.18
C VAL G 239 -7.14 -18.66 -22.00
N PRO G 240 -5.78 -18.56 -22.04
CA PRO G 240 -5.11 -17.24 -21.92
C PRO G 240 -5.49 -16.30 -23.08
N PRO G 241 -5.13 -15.00 -23.01
CA PRO G 241 -5.54 -14.07 -24.08
C PRO G 241 -5.19 -14.44 -25.52
N ASN G 242 -4.10 -15.21 -25.73
CA ASN G 242 -3.66 -15.65 -27.07
C ASN G 242 -4.60 -16.71 -27.70
N GLY G 243 -5.51 -17.25 -26.89
CA GLY G 243 -6.51 -18.22 -27.32
C GLY G 243 -6.03 -19.65 -27.43
N PHE G 244 -4.79 -19.93 -26.92
CA PHE G 244 -4.24 -21.28 -26.96
C PHE G 244 -4.52 -21.97 -25.66
N PRO G 245 -5.34 -23.04 -25.65
CA PRO G 245 -5.69 -23.69 -24.37
C PRO G 245 -4.50 -24.32 -23.65
N VAL G 246 -4.60 -24.34 -22.31
CA VAL G 246 -3.65 -24.92 -21.38
C VAL G 246 -4.46 -25.83 -20.46
N ILE G 247 -4.12 -27.12 -20.46
CA ILE G 247 -4.78 -28.08 -19.59
C ILE G 247 -3.92 -28.21 -18.37
N LEU G 248 -4.41 -27.74 -17.23
CA LEU G 248 -3.68 -27.74 -15.96
C LEU G 248 -3.25 -29.12 -15.45
N GLY G 249 -1.99 -29.21 -15.03
CA GLY G 249 -1.40 -30.44 -14.53
C GLY G 249 -1.38 -30.52 -13.02
N PRO G 250 -0.69 -31.52 -12.41
CA PRO G 250 -0.69 -31.61 -10.93
C PRO G 250 -0.03 -30.42 -10.22
N ASP G 251 0.86 -29.70 -10.92
CA ASP G 251 1.63 -28.58 -10.36
C ASP G 251 1.07 -27.20 -10.69
N HIS G 252 -0.20 -27.14 -11.07
CA HIS G 252 -0.90 -25.88 -11.37
C HIS G 252 -0.93 -25.04 -10.08
N PRO G 253 -0.85 -23.69 -10.11
CA PRO G 253 -1.00 -22.95 -8.85
C PRO G 253 -2.44 -23.07 -8.31
N VAL G 254 -2.63 -22.87 -6.99
CA VAL G 254 -3.96 -23.01 -6.37
C VAL G 254 -5.06 -22.17 -7.00
N THR G 255 -4.74 -20.95 -7.43
CA THR G 255 -5.66 -20.06 -8.12
C THR G 255 -5.06 -19.61 -9.46
N GLY G 256 -5.94 -19.29 -10.40
CA GLY G 256 -5.59 -18.81 -11.72
C GLY G 256 -6.45 -17.63 -12.14
N GLY G 257 -5.93 -16.83 -13.07
CA GLY G 257 -6.62 -15.65 -13.59
C GLY G 257 -7.19 -15.77 -14.99
N TYR G 258 -7.11 -16.98 -15.61
CA TYR G 258 -7.65 -17.20 -16.96
C TYR G 258 -9.00 -17.89 -16.97
N PRO G 259 -9.93 -17.48 -17.86
CA PRO G 259 -11.23 -18.17 -17.93
C PRO G 259 -11.07 -19.64 -18.31
N VAL G 260 -11.79 -20.51 -17.60
CA VAL G 260 -11.77 -21.95 -17.82
C VAL G 260 -12.96 -22.29 -18.74
N ILE G 261 -12.67 -22.78 -19.95
CA ILE G 261 -13.68 -23.15 -20.97
C ILE G 261 -14.38 -24.48 -20.64
N GLY G 262 -13.62 -25.39 -20.03
CA GLY G 262 -14.08 -26.71 -19.65
C GLY G 262 -13.08 -27.41 -18.73
N VAL G 263 -13.50 -28.52 -18.12
CA VAL G 263 -12.63 -29.29 -17.23
C VAL G 263 -12.69 -30.75 -17.67
N VAL G 264 -11.53 -31.37 -17.89
CA VAL G 264 -11.42 -32.79 -18.28
C VAL G 264 -12.07 -33.65 -17.20
N THR G 265 -12.79 -34.70 -17.61
CA THR G 265 -13.47 -35.61 -16.68
C THR G 265 -12.41 -36.36 -15.83
N GLU G 266 -12.81 -36.75 -14.61
CA GLU G 266 -11.91 -37.45 -13.72
C GLU G 266 -11.31 -38.68 -14.37
N GLU G 267 -12.13 -39.48 -15.08
CA GLU G 267 -11.71 -40.69 -15.77
C GLU G 267 -10.60 -40.42 -16.80
N ASP G 268 -10.63 -39.27 -17.48
CA ASP G 268 -9.68 -38.90 -18.53
C ASP G 268 -8.46 -38.08 -18.07
N ILE G 269 -8.34 -37.80 -16.76
CA ILE G 269 -7.25 -36.97 -16.23
C ILE G 269 -5.86 -37.64 -16.24
N ASP G 270 -5.78 -38.92 -15.82
CA ASP G 270 -4.49 -39.62 -15.83
C ASP G 270 -3.89 -39.83 -17.22
N LYS G 271 -4.76 -39.80 -18.28
CA LYS G 271 -4.39 -39.90 -19.70
C LYS G 271 -3.49 -38.69 -20.07
N LEU G 272 -3.77 -37.52 -19.41
CA LEU G 272 -3.02 -36.27 -19.60
C LEU G 272 -1.54 -36.46 -19.29
N GLY G 273 -1.23 -37.32 -18.30
CA GLY G 273 0.14 -37.60 -17.89
C GLY G 273 0.95 -38.42 -18.88
N GLN G 274 0.29 -38.94 -19.93
CA GLN G 274 0.90 -39.80 -20.95
C GLN G 274 0.92 -39.20 -22.36
N VAL G 275 0.56 -37.94 -22.52
CA VAL G 275 0.51 -37.29 -23.83
C VAL G 275 1.91 -36.71 -24.10
N ARG G 276 2.49 -37.09 -25.23
CA ARG G 276 3.82 -36.68 -25.64
C ARG G 276 3.76 -35.39 -26.47
N PRO G 277 4.79 -34.50 -26.40
CA PRO G 277 4.80 -33.32 -27.31
C PRO G 277 4.75 -33.79 -28.77
N GLY G 278 3.98 -33.05 -29.57
CA GLY G 278 3.79 -33.34 -30.97
C GLY G 278 2.57 -34.19 -31.27
N GLN G 279 1.93 -34.78 -30.22
CA GLN G 279 0.71 -35.57 -30.37
C GLN G 279 -0.47 -34.62 -30.53
N THR G 280 -1.56 -35.16 -31.08
CA THR G 280 -2.80 -34.46 -31.30
C THR G 280 -3.79 -34.81 -30.20
N VAL G 281 -4.47 -33.78 -29.69
CA VAL G 281 -5.50 -33.91 -28.68
C VAL G 281 -6.82 -33.46 -29.31
N ARG G 282 -7.86 -34.28 -29.17
CA ARG G 282 -9.20 -33.94 -29.66
C ARG G 282 -10.10 -33.97 -28.45
N LEU G 283 -10.85 -32.89 -28.22
CA LEU G 283 -11.70 -32.72 -27.05
C LEU G 283 -13.15 -32.92 -27.41
N HIS G 284 -13.94 -33.43 -26.47
CA HIS G 284 -15.37 -33.66 -26.68
C HIS G 284 -16.14 -33.27 -25.43
N TRP G 285 -17.30 -32.60 -25.60
CA TRP G 285 -18.16 -32.26 -24.46
C TRP G 285 -18.70 -33.53 -23.80
N ALA G 286 -18.57 -33.66 -22.46
CA ALA G 286 -19.05 -34.82 -21.70
C ALA G 286 -20.58 -34.89 -21.79
N TYR G 287 -21.22 -33.71 -21.85
CA TYR G 287 -22.65 -33.53 -22.03
C TYR G 287 -22.87 -32.19 -22.78
N PRO G 288 -24.01 -31.99 -23.48
CA PRO G 288 -24.19 -30.72 -24.21
C PRO G 288 -24.14 -29.45 -23.37
N ARG G 289 -24.02 -28.28 -24.06
CA ARG G 289 -24.04 -26.98 -23.37
C ARG G 289 -24.73 -25.85 -24.16
N SER H 19 -27.17 -14.83 2.36
CA SER H 19 -28.56 -15.14 2.03
C SER H 19 -28.70 -16.62 1.59
N THR H 20 -29.10 -16.85 0.34
CA THR H 20 -29.21 -18.15 -0.31
C THR H 20 -28.10 -18.16 -1.37
N LEU H 21 -27.54 -19.34 -1.72
CA LEU H 21 -26.48 -19.43 -2.74
C LEU H 21 -26.95 -18.87 -4.09
N GLY H 22 -25.99 -18.40 -4.88
CA GLY H 22 -26.22 -17.92 -6.23
C GLY H 22 -25.98 -19.07 -7.20
N THR H 23 -25.17 -18.80 -8.23
CA THR H 23 -24.81 -19.79 -9.24
C THR H 23 -23.86 -20.83 -8.63
N VAL H 24 -24.11 -22.11 -8.94
CA VAL H 24 -23.28 -23.24 -8.53
C VAL H 24 -22.94 -24.02 -9.81
N HIS H 25 -21.73 -23.79 -10.35
CA HIS H 25 -21.28 -24.46 -11.56
C HIS H 25 -20.69 -25.80 -11.24
N ASN H 26 -20.86 -26.73 -12.17
CA ASN H 26 -20.14 -28.00 -12.12
C ASN H 26 -18.73 -27.58 -12.60
N TYR H 27 -17.70 -27.97 -11.85
CA TYR H 27 -16.31 -27.69 -12.22
C TYR H 27 -15.74 -29.08 -12.48
N GLY H 28 -15.93 -29.54 -13.71
CA GLY H 28 -15.58 -30.90 -14.05
C GLY H 28 -16.62 -31.82 -13.44
N ASP H 29 -16.26 -33.07 -13.16
CA ASP H 29 -17.23 -33.99 -12.57
C ASP H 29 -17.04 -34.27 -11.08
N GLN H 30 -16.07 -33.62 -10.44
CA GLN H 30 -15.84 -33.84 -9.01
C GLN H 30 -15.51 -32.57 -8.24
N ALA H 31 -16.05 -31.44 -8.70
CA ALA H 31 -15.88 -30.16 -8.00
C ALA H 31 -17.03 -29.26 -8.35
N LEU H 32 -17.24 -28.23 -7.52
CA LEU H 32 -18.29 -27.25 -7.71
C LEU H 32 -17.73 -25.87 -7.49
N LEU H 33 -18.08 -24.93 -8.37
CA LEU H 33 -17.64 -23.55 -8.25
C LEU H 33 -18.84 -22.67 -7.90
N LEU H 34 -18.80 -22.09 -6.71
CA LEU H 34 -19.85 -21.22 -6.15
C LEU H 34 -19.50 -19.77 -6.43
N GLU H 35 -20.46 -18.99 -6.98
CA GLU H 35 -20.25 -17.58 -7.31
C GLU H 35 -20.81 -16.64 -6.27
N PHE H 36 -20.07 -15.56 -5.98
CA PHE H 36 -20.46 -14.52 -5.03
C PHE H 36 -20.18 -13.13 -5.58
N ASP H 37 -20.90 -12.11 -5.07
CA ASP H 37 -20.77 -10.73 -5.52
C ASP H 37 -19.67 -9.94 -4.80
N SER H 38 -19.11 -10.52 -3.72
CA SER H 38 -18.10 -9.85 -2.91
C SER H 38 -17.22 -10.85 -2.20
N THR H 39 -16.01 -10.38 -1.79
CA THR H 39 -15.04 -11.19 -1.05
C THR H 39 -15.58 -11.49 0.36
N ALA H 40 -16.32 -10.54 0.95
CA ALA H 40 -16.94 -10.69 2.27
C ALA H 40 -17.90 -11.90 2.30
N GLU H 41 -18.66 -12.12 1.21
CA GLU H 41 -19.58 -13.26 1.06
C GLU H 41 -18.79 -14.54 0.87
N VAL H 42 -17.66 -14.45 0.16
CA VAL H 42 -16.78 -15.60 -0.11
C VAL H 42 -16.32 -16.14 1.25
N LEU H 43 -15.81 -15.25 2.09
CA LEU H 43 -15.30 -15.57 3.43
C LEU H 43 -16.35 -16.12 4.36
N ALA H 44 -17.57 -15.54 4.30
CA ALA H 44 -18.73 -15.94 5.08
C ALA H 44 -19.16 -17.37 4.73
N TRP H 45 -19.30 -17.68 3.42
CA TRP H 45 -19.69 -19.00 2.97
C TRP H 45 -18.61 -20.06 3.19
N THR H 46 -17.30 -19.66 3.11
CA THR H 46 -16.16 -20.55 3.36
C THR H 46 -16.29 -21.16 4.77
N GLU H 47 -16.59 -20.32 5.77
CA GLU H 47 -16.78 -20.72 7.15
C GLU H 47 -17.95 -21.68 7.28
N THR H 48 -19.10 -21.35 6.65
CA THR H 48 -20.35 -22.13 6.61
C THR H 48 -20.08 -23.53 6.01
N LEU H 49 -19.31 -23.59 4.90
CA LEU H 49 -18.93 -24.84 4.24
C LEU H 49 -17.98 -25.68 5.09
N ARG H 50 -16.97 -25.05 5.70
CA ARG H 50 -16.02 -25.69 6.59
C ARG H 50 -16.77 -26.33 7.77
N GLU H 51 -17.67 -25.54 8.43
CA GLU H 51 -18.49 -25.96 9.58
C GLU H 51 -19.49 -27.06 9.23
N ALA H 52 -19.94 -27.11 7.96
CA ALA H 52 -20.89 -28.14 7.52
C ALA H 52 -20.26 -29.53 7.45
N GLU H 53 -18.89 -29.61 7.31
CA GLU H 53 -18.09 -30.84 7.24
C GLU H 53 -18.71 -31.87 6.28
N LEU H 54 -18.99 -31.42 5.06
CA LEU H 54 -19.63 -32.19 4.01
C LEU H 54 -18.85 -33.42 3.60
N LEU H 55 -19.59 -34.52 3.36
CA LEU H 55 -19.04 -35.79 2.95
C LEU H 55 -18.40 -35.70 1.58
N GLY H 56 -17.17 -36.20 1.50
CA GLY H 56 -16.39 -36.25 0.28
C GLY H 56 -15.61 -34.99 -0.09
N VAL H 57 -15.66 -33.94 0.76
CA VAL H 57 -14.94 -32.69 0.49
C VAL H 57 -13.46 -32.87 0.79
N VAL H 58 -12.60 -32.61 -0.21
CA VAL H 58 -11.14 -32.74 -0.13
C VAL H 58 -10.50 -31.40 0.21
N ASP H 59 -11.05 -30.30 -0.35
CA ASP H 59 -10.60 -28.94 -0.09
C ASP H 59 -11.69 -27.93 -0.44
N ILE H 60 -11.63 -26.75 0.21
CA ILE H 60 -12.48 -25.60 0.04
C ILE H 60 -11.53 -24.46 -0.32
N VAL H 61 -11.65 -23.98 -1.55
CA VAL H 61 -10.79 -22.95 -2.11
C VAL H 61 -11.49 -21.59 -2.29
N PRO H 62 -11.44 -20.72 -1.27
CA PRO H 62 -11.98 -19.37 -1.47
C PRO H 62 -11.09 -18.56 -2.42
N ALA H 63 -11.68 -17.62 -3.17
CA ALA H 63 -10.97 -16.75 -4.11
C ALA H 63 -11.68 -15.40 -4.20
N ALA H 64 -11.32 -14.52 -5.15
CA ALA H 64 -11.92 -13.17 -5.19
C ALA H 64 -13.44 -13.10 -5.17
N ARG H 65 -14.10 -13.90 -6.03
CA ARG H 65 -15.55 -13.88 -6.17
C ARG H 65 -16.17 -15.28 -6.22
N THR H 66 -15.43 -16.29 -5.80
CA THR H 66 -15.89 -17.67 -5.87
C THR H 66 -15.38 -18.51 -4.71
N VAL H 67 -15.95 -19.70 -4.56
CA VAL H 67 -15.50 -20.75 -3.67
C VAL H 67 -15.51 -22.04 -4.50
N LEU H 68 -14.36 -22.70 -4.58
CA LEU H 68 -14.21 -23.98 -5.28
C LEU H 68 -14.26 -25.07 -4.21
N VAL H 69 -15.24 -25.99 -4.31
CA VAL H 69 -15.39 -27.11 -3.39
C VAL H 69 -14.88 -28.33 -4.14
N LYS H 70 -13.70 -28.84 -3.74
CA LYS H 70 -13.07 -30.01 -4.39
C LYS H 70 -13.56 -31.27 -3.69
N LEU H 71 -14.00 -32.26 -4.48
CA LEU H 71 -14.56 -33.51 -3.97
C LEU H 71 -13.68 -34.73 -4.28
N ALA H 72 -13.81 -35.77 -3.46
CA ALA H 72 -13.08 -37.04 -3.51
C ALA H 72 -13.36 -37.92 -4.72
N GLY H 73 -14.49 -37.68 -5.38
CA GLY H 73 -14.87 -38.43 -6.57
C GLY H 73 -16.15 -37.92 -7.22
N PRO H 74 -16.40 -38.32 -8.49
CA PRO H 74 -17.64 -37.87 -9.16
C PRO H 74 -18.94 -38.19 -8.44
N ARG H 75 -18.98 -39.30 -7.66
CA ARG H 75 -20.16 -39.73 -6.92
C ARG H 75 -20.71 -38.67 -5.95
N TYR H 76 -19.83 -37.81 -5.41
CA TYR H 76 -20.15 -36.76 -4.45
C TYR H 76 -20.73 -35.48 -5.06
N GLN H 77 -20.63 -35.31 -6.39
CA GLN H 77 -21.09 -34.10 -7.06
C GLN H 77 -22.57 -33.72 -6.85
N ALA H 78 -23.53 -34.58 -7.29
CA ALA H 78 -24.96 -34.33 -7.11
C ALA H 78 -25.38 -34.25 -5.60
N PRO H 79 -24.93 -35.21 -4.72
CA PRO H 79 -25.28 -35.08 -3.28
C PRO H 79 -24.78 -33.79 -2.64
N THR H 80 -23.58 -33.28 -3.02
CA THR H 80 -23.05 -32.03 -2.47
C THR H 80 -23.85 -30.84 -2.98
N ARG H 81 -24.27 -30.85 -4.26
CA ARG H 81 -25.07 -29.78 -4.85
C ARG H 81 -26.41 -29.66 -4.10
N GLN H 82 -27.01 -30.82 -3.70
CA GLN H 82 -28.26 -30.89 -2.92
C GLN H 82 -28.05 -30.34 -1.49
N ARG H 83 -27.00 -30.81 -0.78
CA ARG H 83 -26.63 -30.38 0.58
C ARG H 83 -26.41 -28.86 0.63
N LEU H 84 -25.71 -28.32 -0.40
CA LEU H 84 -25.41 -26.91 -0.59
C LEU H 84 -26.66 -26.04 -0.61
N GLY H 85 -27.74 -26.55 -1.21
CA GLY H 85 -29.04 -25.89 -1.30
C GLY H 85 -29.72 -25.68 0.05
N LYS H 86 -29.35 -26.49 1.06
CA LYS H 86 -29.91 -26.43 2.41
C LYS H 86 -29.08 -25.54 3.36
N LEU H 87 -27.89 -25.13 2.91
CA LEU H 87 -26.99 -24.27 3.69
C LEU H 87 -27.41 -22.80 3.67
N ARG H 88 -27.20 -22.09 4.78
CA ARG H 88 -27.55 -20.67 4.87
C ARG H 88 -26.51 -19.92 5.70
N VAL H 89 -26.31 -18.63 5.36
CA VAL H 89 -25.36 -17.76 6.04
C VAL H 89 -26.10 -16.58 6.69
N ARG H 90 -25.61 -16.10 7.85
CA ARG H 90 -26.27 -14.97 8.55
C ARG H 90 -25.79 -13.63 7.95
N PRO H 91 -26.58 -12.52 8.05
CA PRO H 91 -26.11 -11.24 7.48
C PRO H 91 -24.85 -10.70 8.17
N GLU H 92 -24.74 -10.93 9.50
CA GLU H 92 -23.61 -10.49 10.34
C GLU H 92 -22.32 -11.29 10.10
N ALA H 93 -22.44 -12.49 9.50
CA ALA H 93 -21.30 -13.36 9.13
C ALA H 93 -20.43 -12.68 8.06
N ILE H 94 -21.00 -11.66 7.37
CA ILE H 94 -20.37 -10.81 6.38
C ILE H 94 -19.93 -9.54 7.16
N THR H 95 -18.60 -9.37 7.36
CA THR H 95 -18.01 -8.26 8.11
C THR H 95 -16.98 -7.46 7.30
N HIS H 96 -16.52 -6.30 7.81
CA HIS H 96 -15.55 -5.43 7.12
C HIS H 96 -14.53 -4.73 8.04
N GLN H 97 -14.58 -5.02 9.35
CA GLN H 97 -13.68 -4.45 10.36
C GLN H 97 -13.23 -5.53 11.36
N PRO H 98 -12.07 -5.39 12.07
CA PRO H 98 -11.71 -6.42 13.06
C PRO H 98 -12.55 -6.32 14.33
N PRO H 99 -13.14 -7.45 14.80
CA PRO H 99 -13.96 -7.40 16.02
C PRO H 99 -13.05 -7.15 17.24
N GLY H 100 -13.41 -6.13 18.01
CA GLY H 100 -12.62 -5.71 19.18
C GLY H 100 -11.30 -5.04 18.81
N ASP H 101 -11.10 -4.79 17.49
CA ASP H 101 -9.93 -4.16 16.85
C ASP H 101 -8.59 -4.92 16.94
N ARG H 102 -8.63 -6.17 17.45
CA ARG H 102 -7.47 -7.05 17.62
C ARG H 102 -6.78 -7.40 16.28
N VAL H 103 -5.42 -7.46 16.31
CA VAL H 103 -4.54 -7.77 15.17
C VAL H 103 -3.66 -9.02 15.46
N ASP H 104 -3.72 -9.99 14.54
CA ASP H 104 -3.00 -11.26 14.66
C ASP H 104 -1.49 -11.15 14.46
N VAL H 105 -1.06 -10.30 13.51
CA VAL H 105 0.36 -10.09 13.18
C VAL H 105 0.61 -8.64 12.73
N THR H 106 1.81 -8.13 13.01
CA THR H 106 2.25 -6.80 12.59
C THR H 106 3.45 -7.00 11.66
N ILE H 107 3.36 -6.45 10.44
CA ILE H 107 4.42 -6.56 9.45
C ILE H 107 5.11 -5.19 9.32
N ASP H 108 6.43 -5.18 9.53
CA ASP H 108 7.23 -3.95 9.42
C ASP H 108 7.69 -3.77 7.99
N VAL H 109 7.36 -2.60 7.41
CA VAL H 109 7.61 -2.27 6.00
C VAL H 109 8.46 -1.01 5.85
N VAL H 110 9.44 -1.09 4.91
CA VAL H 110 10.25 0.05 4.49
C VAL H 110 9.51 0.51 3.23
N TYR H 111 8.93 1.71 3.26
CA TYR H 111 8.16 2.23 2.13
C TYR H 111 9.01 2.88 1.03
N ASP H 112 9.79 2.05 0.33
CA ASP H 112 10.73 2.44 -0.73
C ASP H 112 10.37 1.81 -2.08
N GLY H 113 9.12 1.38 -2.23
CA GLY H 113 8.61 0.76 -3.45
C GLY H 113 8.74 1.61 -4.70
N ALA H 114 8.94 0.93 -5.83
CA ALA H 114 9.12 1.50 -7.17
C ALA H 114 7.92 2.31 -7.67
N ASP H 115 6.71 1.91 -7.25
CA ASP H 115 5.45 2.53 -7.67
C ASP H 115 4.82 3.45 -6.60
N LEU H 116 5.52 3.72 -5.47
CA LEU H 116 4.99 4.57 -4.40
C LEU H 116 4.47 5.92 -4.93
N HIS H 117 5.30 6.63 -5.71
CA HIS H 117 4.94 7.91 -6.31
C HIS H 117 3.81 7.79 -7.35
N GLU H 118 3.75 6.65 -8.07
CA GLU H 118 2.70 6.38 -9.06
C GLU H 118 1.36 6.16 -8.36
N VAL H 119 1.35 5.37 -7.25
CA VAL H 119 0.18 5.08 -6.41
C VAL H 119 -0.36 6.42 -5.85
N ALA H 120 0.55 7.29 -5.39
CA ALA H 120 0.20 8.61 -4.88
C ALA H 120 -0.59 9.39 -5.96
N SER H 121 -0.04 9.49 -7.19
CA SER H 121 -0.65 10.17 -8.34
C SER H 121 -2.02 9.57 -8.71
N LEU H 122 -2.11 8.25 -8.77
CA LEU H 122 -3.33 7.53 -9.10
C LEU H 122 -4.44 7.64 -8.03
N THR H 123 -4.05 7.62 -6.74
CA THR H 123 -5.02 7.71 -5.63
C THR H 123 -5.40 9.14 -5.25
N GLY H 124 -4.68 10.12 -5.81
CA GLY H 124 -4.88 11.54 -5.53
C GLY H 124 -4.34 11.95 -4.18
N THR H 126 -0.62 12.08 -1.43
CA THR H 126 0.82 12.32 -1.40
C THR H 126 1.46 11.00 -0.93
N PRO H 127 2.78 10.75 -1.14
CA PRO H 127 3.36 9.49 -0.63
C PRO H 127 3.21 9.32 0.87
N ALA H 128 3.22 10.43 1.64
CA ALA H 128 3.03 10.44 3.10
C ALA H 128 1.65 9.88 3.51
N GLN H 129 0.59 10.34 2.81
CA GLN H 129 -0.79 9.89 2.98
C GLN H 129 -0.93 8.40 2.59
N VAL H 130 -0.28 7.96 1.48
CA VAL H 130 -0.32 6.57 1.02
C VAL H 130 0.19 5.62 2.13
N ILE H 131 1.38 5.93 2.72
CA ILE H 131 2.01 5.16 3.80
C ILE H 131 1.10 5.16 5.03
N ALA H 132 0.56 6.33 5.40
CA ALA H 132 -0.36 6.48 6.52
C ALA H 132 -1.65 5.67 6.30
N ALA H 133 -2.19 5.63 5.07
CA ALA H 133 -3.41 4.86 4.78
C ALA H 133 -3.13 3.35 4.85
N HIS H 134 -2.00 2.92 4.31
CA HIS H 134 -1.62 1.51 4.32
C HIS H 134 -1.38 0.97 5.74
N THR H 135 -0.77 1.81 6.61
CA THR H 135 -0.46 1.47 8.00
C THR H 135 -1.61 1.79 8.98
N GLY H 136 -2.53 2.66 8.58
CA GLY H 136 -3.63 3.12 9.42
C GLY H 136 -4.82 2.21 9.60
N THR H 137 -5.11 1.38 8.59
CA THR H 137 -6.24 0.46 8.63
C THR H 137 -5.72 -0.97 8.52
N PRO H 138 -6.08 -1.84 9.49
CA PRO H 138 -5.67 -3.25 9.40
C PRO H 138 -6.33 -3.96 8.22
N TRP H 139 -5.66 -4.99 7.70
CA TRP H 139 -6.13 -5.78 6.56
C TRP H 139 -6.46 -7.17 7.03
N ARG H 140 -7.42 -7.80 6.37
CA ARG H 140 -7.79 -9.18 6.63
C ARG H 140 -7.28 -10.04 5.47
N VAL H 141 -6.71 -11.21 5.81
CA VAL H 141 -6.30 -12.12 4.76
C VAL H 141 -7.54 -12.85 4.27
N GLY H 142 -7.90 -12.53 3.04
CA GLY H 142 -9.06 -13.10 2.39
C GLY H 142 -8.82 -14.53 1.97
N PHE H 143 -7.82 -14.72 1.12
CA PHE H 143 -7.45 -16.04 0.61
C PHE H 143 -6.00 -16.07 0.17
N CYS H 144 -5.46 -17.28 -0.04
CA CYS H 144 -4.13 -17.48 -0.54
C CYS H 144 -4.23 -17.97 -1.97
N GLY H 145 -3.24 -17.62 -2.75
CA GLY H 145 -3.15 -17.99 -4.16
C GLY H 145 -1.86 -17.48 -4.72
N PHE H 146 -1.64 -17.64 -6.03
CA PHE H 146 -0.47 -17.15 -6.77
C PHE H 146 0.83 -17.93 -6.55
N ALA H 147 1.23 -18.10 -5.27
CA ALA H 147 2.46 -18.75 -4.83
C ALA H 147 2.30 -19.15 -3.37
N PRO H 148 3.05 -20.16 -2.86
CA PRO H 148 2.92 -20.49 -1.42
C PRO H 148 3.28 -19.30 -0.52
N GLY H 149 2.36 -18.96 0.37
CA GLY H 149 2.56 -17.86 1.30
C GLY H 149 2.08 -16.52 0.80
N PHE H 150 1.60 -16.47 -0.47
CA PHE H 150 1.05 -15.23 -1.01
C PHE H 150 -0.40 -15.08 -0.54
N ALA H 151 -0.66 -14.08 0.31
CA ALA H 151 -1.99 -13.83 0.84
C ALA H 151 -2.59 -12.58 0.23
N TYR H 152 -3.84 -12.70 -0.27
CA TYR H 152 -4.61 -11.61 -0.84
C TYR H 152 -5.29 -10.93 0.35
N LEU H 153 -4.87 -9.69 0.64
CA LEU H 153 -5.39 -8.94 1.78
C LEU H 153 -6.52 -8.01 1.36
N VAL H 154 -7.56 -7.96 2.18
CA VAL H 154 -8.73 -7.11 1.93
C VAL H 154 -9.13 -6.36 3.18
N ASP H 155 -10.13 -5.47 3.07
CA ASP H 155 -10.71 -4.62 4.15
C ASP H 155 -9.78 -3.54 4.73
N GLY H 156 -8.77 -3.17 3.95
CA GLY H 156 -7.84 -2.10 4.26
C GLY H 156 -8.40 -0.78 3.77
N ASP H 157 -7.58 0.28 3.80
CA ASP H 157 -8.03 1.60 3.35
C ASP H 157 -8.43 1.61 1.88
N ALA H 158 -9.73 1.87 1.63
CA ALA H 158 -10.37 1.91 0.30
C ALA H 158 -9.79 2.97 -0.63
N ARG H 159 -9.17 4.03 -0.07
CA ARG H 159 -8.53 5.14 -0.81
C ARG H 159 -7.36 4.64 -1.63
N LEU H 160 -6.74 3.54 -1.19
CA LEU H 160 -5.57 2.93 -1.81
C LEU H 160 -5.86 2.15 -3.10
N GLN H 161 -7.16 1.92 -3.43
CA GLN H 161 -7.58 1.20 -4.64
C GLN H 161 -6.96 1.78 -5.89
N VAL H 162 -6.06 1.01 -6.48
CA VAL H 162 -5.25 1.38 -7.62
C VAL H 162 -5.28 0.22 -8.65
N PRO H 163 -5.28 0.51 -9.99
CA PRO H 163 -5.30 -0.61 -10.94
C PRO H 163 -3.95 -1.30 -11.01
N ARG H 164 -3.94 -2.54 -11.57
CA ARG H 164 -2.74 -3.34 -11.82
C ARG H 164 -1.87 -2.60 -12.83
N ARG H 165 -0.58 -2.95 -12.89
CA ARG H 165 0.33 -2.34 -13.87
C ARG H 165 -0.07 -2.80 -15.29
N ALA H 166 0.14 -1.92 -16.30
CA ALA H 166 -0.19 -2.19 -17.72
C ALA H 166 0.41 -3.52 -18.16
N GLU H 167 1.73 -3.70 -17.91
CA GLU H 167 2.44 -4.94 -18.19
C GLU H 167 3.13 -5.44 -16.91
N PRO H 168 3.08 -6.76 -16.62
CA PRO H 168 3.75 -7.28 -15.40
C PRO H 168 5.27 -7.15 -15.46
N ARG H 169 5.89 -7.01 -14.28
CA ARG H 169 7.34 -6.94 -14.13
C ARG H 169 7.88 -8.35 -14.25
N THR H 170 9.10 -8.49 -14.76
CA THR H 170 9.75 -9.79 -14.94
C THR H 170 10.18 -10.36 -13.58
N SER H 171 10.65 -9.47 -12.70
CA SER H 171 11.11 -9.80 -11.38
C SER H 171 10.73 -8.72 -10.37
N VAL H 172 9.99 -9.12 -9.32
CA VAL H 172 9.66 -8.26 -8.19
C VAL H 172 10.41 -8.89 -6.99
N PRO H 173 11.05 -8.11 -6.10
CA PRO H 173 11.82 -8.75 -5.01
C PRO H 173 10.98 -9.49 -3.98
N ALA H 174 11.62 -10.44 -3.27
CA ALA H 174 11.00 -11.19 -2.18
C ALA H 174 10.70 -10.18 -1.06
N GLY H 175 9.50 -10.22 -0.51
CA GLY H 175 9.07 -9.31 0.55
C GLY H 175 8.45 -8.01 0.07
N ALA H 176 8.23 -7.89 -1.25
CA ALA H 176 7.61 -6.71 -1.86
C ALA H 176 6.17 -6.53 -1.37
N VAL H 177 5.89 -5.35 -0.83
CA VAL H 177 4.59 -4.97 -0.30
C VAL H 177 3.89 -4.22 -1.42
N ALA H 178 2.73 -4.72 -1.83
CA ALA H 178 2.07 -4.23 -3.02
C ALA H 178 0.57 -4.03 -2.93
N LEU H 179 0.00 -3.37 -3.97
CA LEU H 179 -1.43 -3.06 -4.12
C LEU H 179 -1.91 -3.38 -5.54
N ALA H 180 -3.17 -3.79 -5.65
CA ALA H 180 -3.90 -4.04 -6.91
C ALA H 180 -5.36 -4.17 -6.59
N GLY H 181 -6.16 -3.32 -7.24
CA GLY H 181 -7.60 -3.30 -7.04
C GLY H 181 -7.92 -3.05 -5.59
N GLU H 182 -8.77 -3.91 -5.00
CA GLU H 182 -9.19 -3.82 -3.60
C GLU H 182 -8.20 -4.52 -2.64
N PHE H 183 -7.11 -5.08 -3.20
CA PHE H 183 -6.13 -5.87 -2.46
C PHE H 183 -4.77 -5.24 -2.23
N SER H 184 -4.14 -5.72 -1.15
CA SER H 184 -2.75 -5.51 -0.79
C SER H 184 -2.20 -6.94 -0.63
N GLY H 185 -0.91 -7.08 -0.72
CA GLY H 185 -0.29 -8.38 -0.58
C GLY H 185 1.20 -8.27 -0.47
N VAL H 186 1.82 -9.29 0.10
CA VAL H 186 3.27 -9.36 0.23
C VAL H 186 3.77 -10.56 -0.59
N TYR H 187 4.62 -10.30 -1.60
CA TYR H 187 5.24 -11.32 -2.45
C TYR H 187 6.20 -12.16 -1.59
N PRO H 188 5.93 -13.48 -1.43
CA PRO H 188 6.82 -14.31 -0.59
C PRO H 188 8.22 -14.59 -1.13
N ARG H 189 8.37 -14.73 -2.46
CA ARG H 189 9.66 -15.00 -3.12
C ARG H 189 9.81 -14.07 -4.33
N GLN H 190 11.04 -13.96 -4.87
CA GLN H 190 11.31 -13.22 -6.09
C GLN H 190 10.53 -13.90 -7.20
N SER H 191 9.71 -13.14 -7.93
CA SER H 191 8.88 -13.68 -9.01
C SER H 191 8.33 -12.58 -9.92
N PRO H 192 7.75 -12.92 -11.10
CA PRO H 192 7.10 -11.86 -11.90
C PRO H 192 5.84 -11.40 -11.18
N GLY H 193 5.49 -10.13 -11.33
CA GLY H 193 4.31 -9.56 -10.68
C GLY H 193 3.81 -8.31 -11.34
N GLY H 194 2.49 -8.20 -11.46
CA GLY H 194 1.82 -7.05 -12.06
C GLY H 194 1.22 -6.06 -11.08
N TRP H 195 1.45 -6.27 -9.77
CA TRP H 195 0.93 -5.40 -8.72
C TRP H 195 1.78 -4.15 -8.54
N GLN H 196 1.18 -3.12 -7.96
CA GLN H 196 1.80 -1.83 -7.69
C GLN H 196 2.63 -1.93 -6.41
N LEU H 197 3.97 -1.77 -6.50
CA LEU H 197 4.92 -1.94 -5.38
C LEU H 197 5.13 -0.67 -4.55
N ILE H 198 4.76 -0.73 -3.24
CA ILE H 198 4.86 0.43 -2.33
C ILE H 198 5.96 0.37 -1.27
N GLY H 199 6.46 -0.83 -1.00
CA GLY H 199 7.51 -1.03 -0.01
C GLY H 199 7.98 -2.46 0.05
N HIS H 200 8.81 -2.78 1.04
CA HIS H 200 9.31 -4.13 1.24
C HIS H 200 9.41 -4.50 2.71
N THR H 201 9.29 -5.80 3.00
CA THR H 201 9.43 -6.35 4.34
C THR H 201 10.52 -7.42 4.37
N ASP H 202 11.11 -7.62 5.56
CA ASP H 202 12.15 -8.62 5.79
C ASP H 202 11.52 -9.83 6.49
N ALA H 203 10.20 -9.73 6.80
CA ALA H 203 9.41 -10.79 7.45
C ALA H 203 9.35 -11.99 6.52
N VAL H 204 9.43 -13.21 7.10
CA VAL H 204 9.39 -14.46 6.34
C VAL H 204 7.94 -14.86 6.14
N PHE H 206 6.78 -17.17 3.95
CA PHE H 206 6.64 -18.61 3.80
C PHE H 206 7.93 -19.33 4.15
N ASP H 207 7.82 -20.35 5.01
CA ASP H 207 8.95 -21.19 5.41
C ASP H 207 8.42 -22.58 5.65
N VAL H 208 8.86 -23.49 4.80
CA VAL H 208 8.45 -24.87 4.82
C VAL H 208 8.75 -25.65 6.11
N ASN H 209 9.76 -25.20 6.86
CA ASN H 209 10.21 -25.85 8.09
C ASN H 209 9.61 -25.29 9.37
N ARG H 210 8.89 -24.17 9.26
CA ARG H 210 8.19 -23.47 10.33
C ARG H 210 6.91 -24.26 10.62
N ASP H 211 6.46 -24.30 11.91
CA ASP H 211 5.24 -25.01 12.36
C ASP H 211 4.01 -24.55 11.60
N LYS H 212 3.91 -23.22 11.32
CA LYS H 212 2.87 -22.62 10.47
C LYS H 212 3.63 -22.10 9.24
N PRO H 213 3.70 -22.90 8.15
CA PRO H 213 4.51 -22.52 6.98
C PRO H 213 4.26 -21.13 6.43
N ALA H 214 2.99 -20.79 6.18
CA ALA H 214 2.60 -19.49 5.69
C ALA H 214 2.33 -18.58 6.90
N LEU H 215 2.93 -17.38 6.91
CA LEU H 215 2.75 -16.42 8.01
C LEU H 215 1.31 -15.94 8.07
N LEU H 216 0.67 -15.76 6.91
CA LEU H 216 -0.70 -15.28 6.77
C LEU H 216 -1.68 -16.39 6.34
N THR H 217 -2.67 -16.65 7.19
CA THR H 217 -3.71 -17.68 7.04
C THR H 217 -5.07 -16.98 6.80
N PRO H 218 -5.96 -17.46 5.89
CA PRO H 218 -7.27 -16.79 5.71
C PRO H 218 -8.01 -16.56 7.03
N GLY H 219 -8.54 -15.34 7.18
CA GLY H 219 -9.26 -14.90 8.37
C GLY H 219 -8.42 -14.09 9.32
N TRP H 221 -5.95 -11.06 10.79
CA TRP H 221 -5.91 -9.60 10.70
C TRP H 221 -4.44 -9.17 10.79
N VAL H 222 -4.03 -8.32 9.83
CA VAL H 222 -2.67 -7.83 9.68
C VAL H 222 -2.61 -6.33 9.83
N GLN H 223 -1.60 -5.84 10.54
CA GLN H 223 -1.31 -4.43 10.67
C GLN H 223 0.07 -4.19 10.03
N PHE H 224 0.16 -3.19 9.16
CA PHE H 224 1.42 -2.81 8.56
C PHE H 224 1.96 -1.66 9.39
N ARG H 225 3.30 -1.66 9.59
CA ARG H 225 4.00 -0.65 10.39
C ARG H 225 5.20 -0.13 9.60
N ALA H 226 5.28 1.20 9.46
CA ALA H 226 6.36 1.86 8.72
C ALA H 226 7.64 1.86 9.55
N VAL H 227 8.76 1.57 8.90
CA VAL H 227 10.06 1.47 9.56
C VAL H 227 11.19 2.13 8.74
#